data_7UVK
#
_entry.id   7UVK
#
_cell.length_a   1.00
_cell.length_b   1.00
_cell.length_c   1.00
_cell.angle_alpha   90.00
_cell.angle_beta   90.00
_cell.angle_gamma   90.00
#
_symmetry.space_group_name_H-M   'P 1'
#
_entity_poly.entity_id   1
_entity_poly.type   'polypeptide(L)'
_entity_poly.pdbx_seq_one_letter_code
;MRKYLEEKYNKFSLRKLTVGVCSMTIGSFFLVSTVQPEDYVVKAADNAIVHYKYVGEDNLTDKEKELIKKEVPSVVSSKE
ETYYLVFKPTKTTQLNKLPNTGLNYGVGSMLLGGMLGLVVVVVAKGKNKSRKILSILLVTSLGATTLELPARAMEDLQLS
VYNMDYNLKVGDKLPEISSIPGYSFVGFIKNEAETKKENEEVKEQITSQQHNKKQPELKENTDENVIENKQENKTTLKIS
DKKEDKKVIENINKKDEKKVQGVNTVNPQDEVLAGKLTKPELLYSDKIIETPLKYNQIIESNDQLPEGTTRIKQQGKEGK
KTEVIRMFTVEGKEVSRELISTKTEEPVSEIIEKGTKKAVSNVITKGQKLVKPAVEVKPEYTGVQAGAIVEPVKAEVPKE
YTGVQAGAIVEPAKVETPKEYTGVQAGAIVEPAKAEVSKEYTGVQAGTIVEPAKAEVPKEYTGVQAGAIVEPEKVEPQYG
GVTSGALVKPEKIEAPKEYTGVQAGAVVEPAKAEAPKEYRGVQAGAIVEPEKIESPKEYTGVQAGAVVEPAKAEVPKEYR
GVQAGAIVEPEKIESPKEYTGEQSGAIVEPEKVETTKEYTGIQAGALVEPEKVEAPKEYTGVQAGAIVEPEKVEPPKEYT
GVQAGAIVEPEKVEAPKEYTGKIEPLKTENPKPTVENNNTAEINNVPKNASALLRMNFVKGNQVLSGTGSATFIAPNVLL
TVAHNFINNSADNSTGEFIGDKSKNTYEWQTPDGQKGSFTSEDIHFYNKKDYPKGFIYDLAVITLPQSTRRQHANLVENY
SKVNVNDKLNVYGYPRGEYAHLKDTTVEIEQKYANNTYGVQYQGGKAGMSGGGIFNSKGEVIGLHQNGAENRSGGLILSP
TQLDWIRSIIKGKEITPNYDALERHKDEKKDDIKEEKQVDKKLELRNISNVELYTLENNKYRHVSSLSSVPTNPEAYFMK
VKSENFKDVMLPVKSIESARKDNQDVYKIVGQANDLIQHENNITLENYTYYLPKTVNSENGVYTSFKNLVDAMNINPYGT
FRLGATMDAREVELSDGQESYINKEFSGKLIGENKGKYYAIYNLKKPLFKALSHATIQDLSIKEANVSSKEDAATIAKEA
KNDTTIANVHSSGVIAGERSIGGLISQVTDSTISNSSFTGRITNTYDTTATYQIGGLVGKLSGVGALIEKSISSIDMATN
ANTGDQVVGGVAGVVDKKATIRNSYVEGNLNNVKPFGKVGGVVGNLWDRETSEVSNSGNLTNVLSDVNVTNGNAIAGYDF
NGIKATNTYSNKNNKVVKVVQVDDEVLSKDSEEQRGTVLENNIVLEKKIELVPKKNTKIEDFNFSSRYETDYKNLKDADV
SRLRVYKNIEKLLPFYNRETIVKYGNLVDANNTLYTKDLVSVVPMKDKEVISDINKNKTSINKLLLHYSDNTSQTLDIKY
LQDFSKVAEYEIANTKLIYTPNTLLHSYNNIVKAVLNDLKSVQYDSDAVRKVLDISSNIKLTELYLDEQFTKTKANIEDS
LSKLLSADAVIAENSNSIIDNYVIEKIKNNKEALLLGLTYLERWYNFKYDNTSAKDLVLYHLDFFGKSNSSALDNVIELG
KSGFNNLLAKNNVITYNVLLSKNYGTEGLFKALEGYRKVFLPNVSNNDWFKTQSKAYIVEEKSTIPEVSSKQSKQGTEHS
IGVYDRLTSPSWKYQSMVLPLLTLPEEKMIFMIANISTIGFGAYDRYRSSEYPKGDKLNRFVEENAQAAAKRFRDHYDYW
YKILDKENKEKLFRSVLVYDAFRFGNDTNKETQEANFETNNPVIKNFFGPAGNNVVHNKHGAYATGDAFYYMAYRMLDKS
GAVTYTHEMTHNSDREIYLGGYGRRSGLGPEFYAKGLLQAPDHSYDPTITINSVLKYDDSENSTRLQIADPTQRFTNVED
LHNYMHNMFDLIYTLEILEGRAVAKLDYNEKNDLLRKIENIYKKDPDGNSVYATNAVRRLTSDEIKNLTSFDKLIENDVI
TRRGYIDQGEYERNGYHTINLFSPIYSALSSKIGTPGDLMGRRMAFELLAAKGYKEGMVPYISNQYEKEAKDRGSKIRSY
GKEIGLVTDDLVLEKVFNKKYGSWVEFKKDMYKERVEQFSKLNRVSFFDPNGPWGRQKNVTVNNISVLEKMIETAVREDA
EDFTAQVYPDTNSRVLKLKKAIFKAYLDQTKDFRTSIFGGK
;
_entity_poly.pdbx_strand_id   A
#
# COMPACT_ATOMS: atom_id res chain seq x y z
N ASP A 907 -59.79 -6.09 -64.19
CA ASP A 907 -60.32 -6.16 -62.84
C ASP A 907 -59.51 -5.28 -61.89
N GLU A 908 -58.23 -5.59 -61.75
CA GLU A 908 -57.37 -4.84 -60.86
C GLU A 908 -57.12 -3.44 -61.39
N LYS A 909 -57.26 -2.45 -60.53
CA LYS A 909 -56.94 -1.06 -60.84
C LYS A 909 -55.62 -0.69 -60.17
N LYS A 910 -54.66 -0.25 -60.96
CA LYS A 910 -53.32 0.03 -60.45
C LYS A 910 -53.33 1.29 -59.60
N ASP A 911 -52.90 1.17 -58.34
CA ASP A 911 -52.76 2.29 -57.44
C ASP A 911 -51.30 2.40 -57.02
N ASP A 912 -50.71 3.57 -57.26
CA ASP A 912 -49.30 3.77 -56.98
C ASP A 912 -49.05 3.81 -55.47
N ILE A 913 -47.78 3.69 -55.10
CA ILE A 913 -47.35 3.77 -53.71
C ILE A 913 -46.15 4.71 -53.65
N LYS A 914 -46.24 5.74 -52.80
CA LYS A 914 -45.12 6.67 -52.62
C LYS A 914 -44.11 6.08 -51.63
N GLU A 915 -42.84 6.10 -52.03
CA GLU A 915 -41.77 5.53 -51.22
C GLU A 915 -40.83 6.63 -50.74
N GLU A 916 -40.07 6.32 -49.71
CA GLU A 916 -39.07 7.25 -49.19
C GLU A 916 -37.88 7.31 -50.14
N LYS A 917 -37.14 8.41 -50.05
CA LYS A 917 -35.98 8.63 -50.91
C LYS A 917 -34.72 8.18 -50.21
N GLN A 918 -33.78 7.62 -50.99
CA GLN A 918 -32.53 7.11 -50.47
C GLN A 918 -31.51 8.23 -50.39
N VAL A 919 -30.59 8.11 -49.43
CA VAL A 919 -29.69 9.20 -49.07
C VAL A 919 -28.26 8.85 -49.47
N ASP A 920 -27.49 9.89 -49.78
CA ASP A 920 -26.08 9.73 -50.12
C ASP A 920 -25.22 9.74 -48.86
N LYS A 921 -24.28 8.81 -48.80
CA LYS A 921 -23.40 8.66 -47.64
C LYS A 921 -22.05 9.31 -47.94
N LYS A 922 -21.58 10.14 -47.03
CA LYS A 922 -20.29 10.80 -47.15
C LYS A 922 -19.63 10.87 -45.79
N LEU A 923 -18.30 10.93 -45.78
CA LEU A 923 -17.57 11.11 -44.54
C LEU A 923 -17.83 12.49 -43.97
N GLU A 924 -17.95 12.58 -42.65
CA GLU A 924 -18.22 13.86 -42.00
C GLU A 924 -17.57 13.87 -40.63
N LEU A 925 -17.25 15.08 -40.16
CA LEU A 925 -16.74 15.32 -38.81
C LEU A 925 -17.85 16.04 -38.03
N ARG A 926 -18.68 15.27 -37.32
CA ARG A 926 -19.80 15.85 -36.60
C ARG A 926 -19.31 16.63 -35.38
N ASN A 927 -18.68 15.94 -34.44
CA ASN A 927 -18.26 16.55 -33.18
C ASN A 927 -16.84 17.08 -33.32
N ILE A 928 -16.69 18.39 -33.19
CA ILE A 928 -15.40 19.06 -33.28
C ILE A 928 -15.23 19.95 -32.06
N SER A 929 -14.06 19.89 -31.43
CA SER A 929 -13.75 20.73 -30.28
C SER A 929 -12.92 21.95 -30.68
N ASN A 930 -11.75 21.72 -31.27
CA ASN A 930 -10.93 22.80 -31.80
C ASN A 930 -9.95 22.20 -32.80
N VAL A 931 -9.67 22.94 -33.86
CA VAL A 931 -8.73 22.50 -34.88
C VAL A 931 -7.39 23.14 -34.62
N GLU A 932 -6.33 22.49 -35.11
CA GLU A 932 -4.98 23.02 -35.03
C GLU A 932 -4.30 22.86 -36.38
N LEU A 933 -3.56 23.89 -36.78
CA LEU A 933 -2.83 23.90 -38.04
C LEU A 933 -1.34 23.79 -37.75
N TYR A 934 -0.66 22.92 -38.50
CA TYR A 934 0.77 22.73 -38.35
C TYR A 934 1.49 23.14 -39.63
N THR A 935 2.81 22.97 -39.65
CA THR A 935 3.60 23.44 -40.79
C THR A 935 4.92 22.70 -40.82
N LEU A 936 5.62 22.86 -41.94
CA LEU A 936 6.96 22.34 -42.16
C LEU A 936 7.86 23.48 -42.64
N GLU A 937 7.83 24.60 -41.93
CA GLU A 937 8.52 25.80 -42.40
C GLU A 937 10.03 25.70 -42.23
N ASN A 938 10.49 25.19 -41.08
CA ASN A 938 11.91 25.09 -40.80
C ASN A 938 12.39 23.64 -40.72
N ASN A 939 11.88 22.77 -41.59
CA ASN A 939 12.25 21.36 -41.66
C ASN A 939 11.79 20.62 -40.40
N LYS A 940 11.16 21.32 -39.47
CA LYS A 940 10.57 20.73 -38.28
C LYS A 940 9.13 21.19 -38.15
N TYR A 941 8.29 20.32 -37.61
CA TYR A 941 6.86 20.60 -37.52
C TYR A 941 6.57 21.42 -36.26
N ARG A 942 6.05 22.62 -36.45
CA ARG A 942 5.70 23.51 -35.35
C ARG A 942 4.25 23.94 -35.47
N HIS A 943 3.61 24.13 -34.32
CA HIS A 943 2.25 24.63 -34.29
C HIS A 943 2.20 26.07 -34.79
N VAL A 944 1.16 26.41 -35.53
CA VAL A 944 0.89 27.79 -35.93
C VAL A 944 -0.46 28.17 -35.36
N SER A 945 -0.50 29.29 -34.63
CA SER A 945 -1.70 29.78 -33.96
C SER A 945 -1.87 31.24 -34.33
N SER A 946 -2.62 31.49 -35.41
CA SER A 946 -2.86 32.82 -35.95
C SER A 946 -1.59 33.50 -36.45
N LEU A 947 -0.46 32.78 -36.42
CA LEU A 947 0.78 33.35 -36.93
C LEU A 947 0.72 33.54 -38.44
N SER A 948 -0.26 32.93 -39.10
CA SER A 948 -0.47 33.19 -40.51
C SER A 948 -0.96 34.62 -40.68
N SER A 949 -0.07 35.50 -41.15
CA SER A 949 -0.42 36.90 -41.26
C SER A 949 -0.70 37.29 -42.70
N VAL A 950 -0.22 36.52 -43.66
CA VAL A 950 -0.46 36.76 -45.08
C VAL A 950 -0.93 35.45 -45.71
N PRO A 951 -1.70 35.50 -46.81
CA PRO A 951 -2.04 34.24 -47.51
C PRO A 951 -0.79 33.52 -47.96
N THR A 952 -0.57 32.32 -47.41
CA THR A 952 0.68 31.61 -47.62
C THR A 952 0.78 31.15 -49.07
N ASN A 953 2.00 31.24 -49.62
CA ASN A 953 2.22 30.94 -51.02
C ASN A 953 2.00 29.45 -51.32
N PRO A 954 2.80 28.55 -50.73
CA PRO A 954 2.56 27.14 -50.88
C PRO A 954 1.81 26.49 -49.73
N GLU A 955 1.31 25.29 -49.97
CA GLU A 955 0.52 24.57 -48.97
C GLU A 955 1.27 23.32 -48.52
N ALA A 956 2.11 23.51 -47.51
CA ALA A 956 2.74 22.40 -46.81
C ALA A 956 2.14 22.21 -45.42
N TYR A 957 1.05 22.91 -45.11
CA TYR A 957 0.38 22.78 -43.84
C TYR A 957 -0.47 21.52 -43.80
N PHE A 958 -0.88 21.15 -42.60
CA PHE A 958 -1.89 20.12 -42.42
C PHE A 958 -2.68 20.41 -41.15
N MET A 959 -3.93 19.97 -41.14
CA MET A 959 -4.87 20.28 -40.08
C MET A 959 -5.01 19.07 -39.15
N LYS A 960 -5.16 19.32 -37.86
CA LYS A 960 -5.40 18.27 -36.87
C LYS A 960 -6.68 18.63 -36.14
N VAL A 961 -7.81 18.15 -36.66
CA VAL A 961 -9.13 18.48 -36.12
C VAL A 961 -9.35 17.63 -34.87
N LYS A 962 -9.11 18.22 -33.69
CA LYS A 962 -9.40 17.53 -32.45
C LYS A 962 -10.90 17.37 -32.27
N SER A 963 -11.28 16.53 -31.30
CA SER A 963 -12.68 16.30 -30.99
C SER A 963 -12.78 15.80 -29.57
N GLU A 964 -14.00 15.90 -29.01
CA GLU A 964 -14.29 15.33 -27.71
C GLU A 964 -15.09 14.05 -27.80
N ASN A 965 -15.58 13.69 -28.99
CA ASN A 965 -16.27 12.42 -29.18
C ASN A 965 -15.26 11.31 -29.43
N PHE A 966 -14.41 11.47 -30.45
CA PHE A 966 -13.40 10.49 -30.79
C PHE A 966 -12.08 11.21 -31.07
N LYS A 967 -11.08 10.43 -31.50
CA LYS A 967 -9.73 10.94 -31.66
C LYS A 967 -9.65 11.96 -32.78
N ASP A 968 -8.51 12.64 -32.86
CA ASP A 968 -8.32 13.68 -33.86
C ASP A 968 -8.12 13.08 -35.25
N VAL A 969 -8.35 13.90 -36.26
CA VAL A 969 -8.32 13.49 -37.66
C VAL A 969 -7.37 14.42 -38.40
N MET A 970 -6.12 14.01 -38.54
CA MET A 970 -5.14 14.82 -39.28
C MET A 970 -5.42 14.71 -40.77
N LEU A 971 -5.68 15.85 -41.42
CA LEU A 971 -5.93 15.90 -42.85
C LEU A 971 -5.20 17.08 -43.45
N PRO A 972 -4.73 16.96 -44.68
CA PRO A 972 -3.93 18.05 -45.27
C PRO A 972 -4.78 19.24 -45.67
N VAL A 973 -4.10 20.30 -46.09
CA VAL A 973 -4.73 21.55 -46.48
C VAL A 973 -4.70 21.65 -48.00
N LYS A 974 -5.85 21.94 -48.61
CA LYS A 974 -5.91 22.05 -50.05
C LYS A 974 -5.52 23.46 -50.51
N SER A 975 -5.99 24.49 -49.81
CA SER A 975 -5.71 25.87 -50.20
C SER A 975 -5.94 26.78 -49.00
N ILE A 976 -5.49 28.02 -49.14
CA ILE A 976 -5.69 29.06 -48.13
C ILE A 976 -6.06 30.35 -48.85
N GLU A 977 -7.06 31.05 -48.33
CA GLU A 977 -7.46 32.35 -48.84
C GLU A 977 -7.99 33.18 -47.68
N SER A 978 -7.90 34.50 -47.83
CA SER A 978 -8.36 35.43 -46.81
C SER A 978 -9.78 35.88 -47.14
N ALA A 979 -10.67 35.79 -46.14
CA ALA A 979 -12.06 36.15 -46.33
C ALA A 979 -12.60 36.72 -45.03
N ARG A 980 -13.89 37.02 -45.03
CA ARG A 980 -14.57 37.59 -43.86
C ARG A 980 -15.89 36.87 -43.65
N LYS A 981 -16.04 36.23 -42.49
CA LYS A 981 -17.34 35.64 -42.15
C LYS A 981 -18.33 36.69 -41.69
N ASP A 982 -17.85 37.69 -40.94
CA ASP A 982 -18.69 38.79 -40.47
C ASP A 982 -17.97 40.13 -40.59
N ASN A 983 -17.32 40.39 -41.73
CA ASN A 983 -16.51 41.57 -42.02
C ASN A 983 -15.21 41.60 -41.23
N GLN A 984 -14.90 40.54 -40.49
CA GLN A 984 -13.64 40.42 -39.77
C GLN A 984 -12.67 39.56 -40.59
N ASP A 985 -11.43 40.02 -40.71
CA ASP A 985 -10.46 39.35 -41.56
C ASP A 985 -10.09 37.98 -40.97
N VAL A 986 -10.48 36.92 -41.67
CA VAL A 986 -10.17 35.55 -41.28
C VAL A 986 -9.63 34.81 -42.51
N TYR A 987 -9.11 33.62 -42.27
CA TYR A 987 -8.47 32.83 -43.31
C TYR A 987 -9.28 31.57 -43.54
N LYS A 988 -9.62 31.31 -44.80
CA LYS A 988 -10.49 30.19 -45.16
C LYS A 988 -9.63 28.95 -45.36
N ILE A 989 -9.10 28.44 -44.25
CA ILE A 989 -8.32 27.21 -44.26
C ILE A 989 -9.26 26.07 -44.63
N VAL A 990 -9.00 25.43 -45.78
CA VAL A 990 -9.82 24.35 -46.28
C VAL A 990 -9.03 23.05 -46.21
N GLY A 991 -9.55 22.09 -45.46
CA GLY A 991 -8.95 20.77 -45.43
C GLY A 991 -9.19 20.01 -46.71
N GLN A 992 -8.93 18.71 -46.66
CA GLN A 992 -9.12 17.85 -47.83
C GLN A 992 -9.24 16.40 -47.39
N ALA A 993 -10.14 15.68 -48.06
CA ALA A 993 -10.30 14.25 -47.87
C ALA A 993 -10.96 13.69 -49.13
N ASN A 994 -10.98 12.36 -49.21
CA ASN A 994 -11.44 11.72 -50.45
C ASN A 994 -12.88 12.09 -50.76
N ASP A 995 -13.79 11.89 -49.81
CA ASP A 995 -15.20 12.20 -50.01
C ASP A 995 -15.79 12.83 -48.75
N LEU A 996 -15.07 13.76 -48.15
CA LEU A 996 -15.55 14.43 -46.95
C LEU A 996 -16.67 15.41 -47.31
N ILE A 997 -17.40 15.85 -46.28
CA ILE A 997 -18.51 16.78 -46.46
C ILE A 997 -18.65 17.59 -45.20
N GLN A 998 -19.11 18.83 -45.34
CA GLN A 998 -19.31 19.73 -44.22
C GLN A 998 -20.69 20.38 -44.33
N HIS A 999 -21.37 20.49 -43.19
CA HIS A 999 -22.72 21.04 -43.13
C HIS A 999 -22.70 22.39 -42.46
N GLU A 1000 -23.38 23.37 -43.06
CA GLU A 1000 -23.50 24.71 -42.50
C GLU A 1000 -24.85 25.27 -42.89
N ASN A 1001 -25.78 25.33 -41.92
CA ASN A 1001 -27.14 25.81 -42.15
C ASN A 1001 -27.85 24.99 -43.21
N ASN A 1002 -27.78 23.66 -43.05
CA ASN A 1002 -28.39 22.70 -43.99
C ASN A 1002 -27.87 22.89 -45.41
N ILE A 1003 -26.58 23.23 -45.52
CA ILE A 1003 -25.91 23.36 -46.81
C ILE A 1003 -24.66 22.49 -46.77
N THR A 1004 -24.50 21.66 -47.80
CA THR A 1004 -23.38 20.71 -47.85
C THR A 1004 -22.21 21.34 -48.60
N LEU A 1005 -21.10 21.52 -47.90
CA LEU A 1005 -19.87 22.00 -48.51
C LEU A 1005 -18.99 20.81 -48.87
N GLU A 1006 -18.19 20.97 -49.93
CA GLU A 1006 -17.47 19.84 -50.50
C GLU A 1006 -16.33 19.40 -49.58
N ASN A 1007 -15.66 20.33 -48.92
CA ASN A 1007 -14.53 20.00 -48.06
C ASN A 1007 -14.63 20.78 -46.75
N TYR A 1008 -13.96 20.26 -45.73
CA TYR A 1008 -13.98 20.91 -44.42
C TYR A 1008 -13.18 22.20 -44.43
N THR A 1009 -13.84 23.31 -44.13
CA THR A 1009 -13.20 24.62 -44.04
C THR A 1009 -13.51 25.22 -42.68
N TYR A 1010 -12.47 25.67 -41.97
CA TYR A 1010 -12.69 26.50 -40.79
C TYR A 1010 -12.11 27.88 -41.06
N TYR A 1011 -12.46 28.84 -40.22
CA TYR A 1011 -12.01 30.22 -40.38
C TYR A 1011 -11.04 30.54 -39.26
N LEU A 1012 -9.80 30.85 -39.62
CA LEU A 1012 -8.77 31.15 -38.64
C LEU A 1012 -8.59 32.65 -38.56
N PRO A 1013 -8.98 33.29 -37.46
CA PRO A 1013 -8.83 34.75 -37.36
C PRO A 1013 -7.38 35.14 -37.11
N LYS A 1014 -7.07 36.37 -37.49
CA LYS A 1014 -5.74 36.93 -37.25
C LYS A 1014 -5.58 37.32 -35.78
N THR A 1015 -4.48 38.00 -35.48
CA THR A 1015 -4.14 38.31 -34.10
C THR A 1015 -5.22 39.16 -33.44
N VAL A 1016 -5.47 38.87 -32.16
CA VAL A 1016 -6.49 39.57 -31.38
C VAL A 1016 -5.89 40.86 -30.84
N ASN A 1017 -6.75 41.77 -30.38
CA ASN A 1017 -6.32 43.07 -29.87
C ASN A 1017 -5.89 43.04 -28.40
N SER A 1018 -5.93 41.87 -27.76
CA SER A 1018 -5.55 41.76 -26.35
C SER A 1018 -4.15 42.32 -26.10
N GLU A 1019 -4.09 43.38 -25.32
CA GLU A 1019 -2.85 44.11 -25.07
C GLU A 1019 -2.47 43.96 -23.61
N ASN A 1020 -1.30 44.49 -23.25
CA ASN A 1020 -0.75 44.52 -21.90
C ASN A 1020 -0.40 43.14 -21.37
N GLY A 1021 -0.25 42.14 -22.24
CA GLY A 1021 0.13 40.81 -21.81
C GLY A 1021 -0.15 39.74 -22.84
N VAL A 1022 0.70 38.72 -22.88
CA VAL A 1022 0.56 37.62 -23.83
C VAL A 1022 -0.32 36.55 -23.22
N TYR A 1023 -1.52 36.39 -23.76
CA TYR A 1023 -2.53 35.51 -23.18
C TYR A 1023 -2.77 34.25 -23.98
N THR A 1024 -2.25 34.17 -25.20
CA THR A 1024 -2.67 33.15 -26.16
C THR A 1024 -2.38 31.72 -25.72
N SER A 1025 -1.10 31.36 -25.57
CA SER A 1025 -0.73 29.97 -25.39
C SER A 1025 0.64 29.91 -24.72
N PHE A 1026 1.01 28.71 -24.29
CA PHE A 1026 2.22 28.54 -23.48
C PHE A 1026 3.47 28.93 -24.24
N LYS A 1027 3.57 28.53 -25.52
CA LYS A 1027 4.76 28.87 -26.29
C LYS A 1027 4.90 30.38 -26.42
N ASN A 1028 3.80 31.08 -26.71
CA ASN A 1028 3.83 32.54 -26.80
C ASN A 1028 4.20 33.16 -25.46
N LEU A 1029 3.62 32.65 -24.37
CA LEU A 1029 3.89 33.20 -23.05
C LEU A 1029 5.35 33.06 -22.66
N VAL A 1030 5.91 31.86 -22.84
CA VAL A 1030 7.30 31.64 -22.45
C VAL A 1030 8.24 32.39 -23.37
N ASP A 1031 7.91 32.51 -24.66
CA ASP A 1031 8.76 33.30 -25.55
C ASP A 1031 8.76 34.77 -25.15
N ALA A 1032 7.59 35.31 -24.80
CA ALA A 1032 7.52 36.71 -24.38
C ALA A 1032 8.30 36.94 -23.10
N MET A 1033 8.13 36.04 -22.11
CA MET A 1033 8.90 36.22 -20.88
C MET A 1033 10.39 35.99 -21.06
N ASN A 1034 10.81 35.19 -22.04
CA ASN A 1034 12.22 35.07 -22.34
C ASN A 1034 12.78 36.32 -23.01
N ILE A 1035 12.00 36.94 -23.89
CA ILE A 1035 12.47 38.16 -24.54
C ILE A 1035 12.51 39.31 -23.53
N ASN A 1036 11.44 39.47 -22.74
CA ASN A 1036 11.30 40.59 -21.81
C ASN A 1036 11.01 40.06 -20.41
N PRO A 1037 12.03 39.86 -19.58
CA PRO A 1037 11.78 39.33 -18.22
C PRO A 1037 10.90 40.24 -17.38
N TYR A 1038 11.03 41.56 -17.54
CA TYR A 1038 10.18 42.49 -16.81
C TYR A 1038 8.79 42.55 -17.47
N GLY A 1039 7.93 43.37 -16.90
CA GLY A 1039 6.61 43.61 -17.44
C GLY A 1039 5.54 42.81 -16.72
N THR A 1040 4.32 42.91 -17.26
CA THR A 1040 3.15 42.24 -16.71
C THR A 1040 2.60 41.27 -17.75
N PHE A 1041 2.37 40.03 -17.35
CA PHE A 1041 1.89 38.98 -18.25
C PHE A 1041 0.74 38.24 -17.59
N ARG A 1042 -0.50 38.63 -17.87
CA ARG A 1042 -1.65 37.89 -17.41
C ARG A 1042 -1.89 36.67 -18.29
N LEU A 1043 -2.93 35.92 -17.95
CA LEU A 1043 -3.35 34.77 -18.75
C LEU A 1043 -4.76 34.99 -19.28
N GLY A 1044 -5.03 34.47 -20.46
CA GLY A 1044 -6.31 34.65 -21.09
C GLY A 1044 -7.15 33.40 -21.22
N ALA A 1045 -6.57 32.24 -20.97
CA ALA A 1045 -7.32 30.99 -21.08
C ALA A 1045 -6.55 29.90 -20.35
N THR A 1046 -7.28 28.89 -19.87
CA THR A 1046 -6.65 27.71 -19.31
C THR A 1046 -5.75 27.09 -20.38
N MET A 1047 -4.49 26.90 -20.04
CA MET A 1047 -3.43 26.77 -21.02
C MET A 1047 -2.46 25.67 -20.61
N ASP A 1048 -2.22 24.74 -21.53
CA ASP A 1048 -1.47 23.53 -21.23
C ASP A 1048 0.00 23.75 -21.59
N ALA A 1049 0.89 23.05 -20.88
CA ALA A 1049 2.32 23.27 -20.98
C ALA A 1049 3.05 22.20 -21.80
N ARG A 1050 2.33 21.34 -22.52
CA ARG A 1050 2.99 20.40 -23.40
C ARG A 1050 3.18 20.96 -24.80
N GLU A 1051 2.75 22.21 -25.05
CA GLU A 1051 2.99 22.85 -26.32
C GLU A 1051 4.48 23.13 -26.53
N VAL A 1052 5.16 23.54 -25.46
CA VAL A 1052 6.59 23.80 -25.53
C VAL A 1052 7.34 22.47 -25.58
N GLU A 1053 8.36 22.39 -26.45
CA GLU A 1053 9.15 21.18 -26.62
C GLU A 1053 9.89 20.75 -25.36
N LEU A 1054 9.87 21.58 -24.31
CA LEU A 1054 10.25 21.30 -22.93
C LEU A 1054 11.75 21.25 -22.70
N SER A 1055 12.59 21.15 -23.75
CA SER A 1055 14.02 20.99 -23.49
C SER A 1055 14.90 20.96 -24.73
N ASP A 1056 16.13 21.44 -24.56
CA ASP A 1056 17.26 20.86 -25.27
C ASP A 1056 18.21 20.22 -24.28
N GLY A 1057 18.58 20.96 -23.25
CA GLY A 1057 19.19 20.43 -22.04
C GLY A 1057 18.75 21.22 -20.83
N GLN A 1058 17.76 22.10 -21.02
CA GLN A 1058 17.40 23.06 -20.00
C GLN A 1058 16.63 22.40 -18.86
N GLU A 1059 16.58 23.08 -17.72
CA GLU A 1059 15.92 22.58 -16.52
C GLU A 1059 14.67 23.38 -16.16
N SER A 1060 14.24 24.31 -17.00
CA SER A 1060 13.07 25.13 -16.68
C SER A 1060 12.50 25.74 -17.95
N TYR A 1061 11.23 26.14 -17.87
CA TYR A 1061 10.56 26.70 -19.04
C TYR A 1061 11.09 28.08 -19.36
N ILE A 1062 11.29 28.91 -18.34
CA ILE A 1062 11.87 30.24 -18.49
C ILE A 1062 13.21 30.24 -17.77
N ASN A 1063 14.28 30.54 -18.52
CA ASN A 1063 15.62 30.37 -17.99
C ASN A 1063 16.35 31.70 -17.87
N LYS A 1064 15.67 32.73 -17.36
CA LYS A 1064 16.28 34.02 -17.10
C LYS A 1064 16.11 34.37 -15.63
N GLU A 1065 17.09 35.09 -15.09
CA GLU A 1065 17.09 35.39 -13.66
C GLU A 1065 15.83 36.17 -13.26
N PHE A 1066 15.65 37.36 -13.82
CA PHE A 1066 14.39 38.07 -13.65
C PHE A 1066 13.30 37.30 -14.40
N SER A 1067 12.12 37.24 -13.79
CA SER A 1067 11.12 36.31 -14.33
C SER A 1067 9.69 36.70 -14.01
N GLY A 1068 8.94 37.12 -15.04
CA GLY A 1068 7.52 37.40 -14.91
C GLY A 1068 7.16 38.23 -13.70
N LYS A 1069 7.60 39.50 -13.68
CA LYS A 1069 7.52 40.29 -12.46
C LYS A 1069 6.09 40.49 -11.99
N LEU A 1070 5.13 40.58 -12.92
CA LEU A 1070 3.72 40.67 -12.58
C LEU A 1070 2.95 39.65 -13.43
N ILE A 1071 2.95 38.40 -13.01
CA ILE A 1071 2.15 37.38 -13.67
C ILE A 1071 0.82 37.16 -12.95
N GLY A 1072 -0.19 37.94 -13.33
CA GLY A 1072 -1.53 37.64 -12.87
C GLY A 1072 -2.16 36.51 -13.67
N GLU A 1073 -3.17 35.88 -13.08
CA GLU A 1073 -3.96 34.90 -13.79
C GLU A 1073 -5.45 35.08 -13.55
N ASN A 1074 -5.94 36.31 -13.64
CA ASN A 1074 -7.37 36.59 -13.61
C ASN A 1074 -7.65 37.81 -14.49
N LYS A 1075 -7.99 37.56 -15.75
CA LYS A 1075 -8.46 38.66 -16.59
C LYS A 1075 -9.88 39.06 -16.20
N GLY A 1076 -10.83 38.13 -16.28
CA GLY A 1076 -12.12 38.28 -15.66
C GLY A 1076 -12.44 37.09 -14.78
N LYS A 1077 -11.73 35.98 -15.02
CA LYS A 1077 -11.90 34.75 -14.27
C LYS A 1077 -10.56 34.05 -14.18
N TYR A 1078 -10.39 33.25 -13.13
CA TYR A 1078 -9.11 32.62 -12.84
C TYR A 1078 -8.81 31.51 -13.84
N TYR A 1079 -7.55 31.43 -14.27
CA TYR A 1079 -7.09 30.45 -15.24
C TYR A 1079 -5.99 29.58 -14.63
N ALA A 1080 -5.63 28.53 -15.37
CA ALA A 1080 -4.76 27.48 -14.85
C ALA A 1080 -3.73 27.09 -15.90
N ILE A 1081 -2.61 26.52 -15.42
CA ILE A 1081 -1.57 25.98 -16.29
C ILE A 1081 -1.51 24.49 -16.07
N TYR A 1082 -1.65 23.71 -17.14
CA TYR A 1082 -1.76 22.26 -17.06
C TYR A 1082 -0.47 21.59 -17.51
N ASN A 1083 -0.25 20.38 -17.00
CA ASN A 1083 0.80 19.47 -17.48
C ASN A 1083 2.19 20.10 -17.46
N LEU A 1084 2.53 20.82 -16.40
CA LEU A 1084 3.91 21.26 -16.22
C LEU A 1084 4.82 20.05 -16.06
N LYS A 1085 6.07 20.21 -16.49
CA LYS A 1085 7.05 19.14 -16.40
C LYS A 1085 8.37 19.57 -15.78
N LYS A 1086 8.61 20.86 -15.66
CA LYS A 1086 9.84 21.41 -15.07
C LYS A 1086 9.51 22.66 -14.29
N PRO A 1087 10.40 23.10 -13.40
CA PRO A 1087 10.20 24.38 -12.71
C PRO A 1087 9.88 25.52 -13.66
N LEU A 1088 9.00 26.43 -13.22
CA LEU A 1088 8.44 27.39 -14.15
C LEU A 1088 9.41 28.52 -14.48
N PHE A 1089 10.26 28.91 -13.53
CA PHE A 1089 11.01 30.16 -13.69
C PHE A 1089 12.52 30.05 -13.48
N LYS A 1090 12.99 29.09 -12.68
CA LYS A 1090 14.41 28.81 -12.46
C LYS A 1090 15.10 29.89 -11.64
N ALA A 1091 14.45 31.03 -11.49
CA ALA A 1091 14.94 32.13 -10.67
C ALA A 1091 13.83 33.17 -10.58
N LEU A 1092 13.59 33.68 -9.39
CA LEU A 1092 12.52 34.63 -9.18
C LEU A 1092 13.06 35.77 -8.33
N SER A 1093 12.94 37.00 -8.81
CA SER A 1093 13.56 38.14 -8.13
C SER A 1093 12.62 39.33 -8.28
N HIS A 1094 12.01 39.74 -7.17
CA HIS A 1094 11.16 40.92 -7.06
C HIS A 1094 9.83 40.76 -7.80
N ALA A 1095 9.47 39.56 -8.21
CA ALA A 1095 8.23 39.35 -8.94
C ALA A 1095 7.04 39.33 -7.98
N THR A 1096 5.85 39.26 -8.56
CA THR A 1096 4.60 39.35 -7.81
C THR A 1096 3.62 38.30 -8.36
N ILE A 1097 4.10 37.07 -8.53
CA ILE A 1097 3.22 35.97 -8.96
C ILE A 1097 1.98 35.96 -8.10
N GLN A 1098 0.81 35.82 -8.73
CA GLN A 1098 -0.44 36.04 -8.03
C GLN A 1098 -1.59 35.40 -8.79
N ASP A 1099 -2.34 34.55 -8.09
CA ASP A 1099 -3.56 33.91 -8.55
C ASP A 1099 -3.31 32.78 -9.56
N LEU A 1100 -2.06 32.35 -9.72
CA LEU A 1100 -1.77 31.23 -10.60
C LEU A 1100 -2.34 29.93 -10.02
N SER A 1101 -2.55 28.94 -10.89
CA SER A 1101 -3.06 27.64 -10.43
C SER A 1101 -2.54 26.55 -11.36
N ILE A 1102 -1.47 25.89 -10.95
CA ILE A 1102 -1.00 24.69 -11.65
C ILE A 1102 -1.84 23.50 -11.21
N LYS A 1103 -2.35 22.74 -12.17
CA LYS A 1103 -3.29 21.67 -11.87
C LYS A 1103 -2.67 20.28 -11.85
N GLU A 1104 -1.93 19.90 -12.89
CA GLU A 1104 -1.30 18.57 -12.93
C GLU A 1104 0.17 18.76 -13.29
N ALA A 1105 1.01 18.98 -12.28
CA ALA A 1105 2.44 19.12 -12.49
C ALA A 1105 3.14 17.80 -12.24
N ASN A 1106 4.04 17.44 -13.15
CA ASN A 1106 4.93 16.29 -12.98
C ASN A 1106 6.35 16.78 -13.24
N VAL A 1107 6.98 17.32 -12.21
CA VAL A 1107 8.32 17.88 -12.32
C VAL A 1107 9.32 16.90 -11.73
N SER A 1108 10.45 16.76 -12.40
CA SER A 1108 11.52 15.88 -11.94
C SER A 1108 12.85 16.48 -12.34
N SER A 1109 13.69 16.80 -11.36
CA SER A 1109 14.97 17.42 -11.65
C SER A 1109 16.00 16.92 -10.66
N LYS A 1110 17.17 16.53 -11.17
CA LYS A 1110 18.28 16.16 -10.30
C LYS A 1110 18.76 17.33 -9.46
N GLU A 1111 18.51 18.56 -9.92
CA GLU A 1111 18.79 19.76 -9.13
C GLU A 1111 17.61 20.00 -8.19
N ASP A 1112 17.55 21.18 -7.59
CA ASP A 1112 16.41 21.53 -6.76
C ASP A 1112 15.15 21.69 -7.60
N ALA A 1113 14.11 20.98 -7.21
CA ALA A 1113 12.89 20.85 -8.01
C ALA A 1113 11.71 21.47 -7.30
N ALA A 1114 10.97 22.32 -8.00
CA ALA A 1114 9.77 22.94 -7.46
C ALA A 1114 8.93 23.45 -8.62
N THR A 1115 7.64 23.63 -8.37
CA THR A 1115 6.71 23.92 -9.46
C THR A 1115 6.91 25.33 -10.02
N ILE A 1116 6.72 26.36 -9.19
CA ILE A 1116 6.59 27.70 -9.75
C ILE A 1116 7.94 28.40 -9.84
N ALA A 1117 8.96 27.92 -9.14
CA ALA A 1117 10.26 28.57 -9.19
C ALA A 1117 11.30 27.67 -8.55
N LYS A 1118 12.56 27.97 -8.84
CA LYS A 1118 13.65 27.30 -8.13
C LYS A 1118 14.15 28.14 -6.96
N GLU A 1119 14.14 29.47 -7.12
CA GLU A 1119 14.61 30.37 -6.08
C GLU A 1119 13.67 31.56 -5.98
N ALA A 1120 13.83 32.35 -4.94
CA ALA A 1120 13.10 33.60 -4.75
C ALA A 1120 14.04 34.57 -4.04
N LYS A 1121 14.73 35.41 -4.82
CA LYS A 1121 15.84 36.19 -4.27
C LYS A 1121 15.33 37.41 -3.49
N ASN A 1122 14.65 38.32 -4.17
CA ASN A 1122 14.18 39.55 -3.56
C ASN A 1122 12.73 39.36 -3.07
N ASP A 1123 12.04 40.46 -2.76
CA ASP A 1123 10.71 40.41 -2.19
C ASP A 1123 9.73 39.94 -3.26
N THR A 1124 9.63 38.62 -3.40
CA THR A 1124 8.74 38.00 -4.37
C THR A 1124 7.45 37.61 -3.67
N THR A 1125 6.39 38.38 -3.91
CA THR A 1125 5.13 38.21 -3.18
C THR A 1125 4.25 37.19 -3.88
N ILE A 1126 4.57 35.92 -3.68
CA ILE A 1126 3.67 34.85 -4.10
C ILE A 1126 2.34 35.02 -3.38
N ALA A 1127 1.25 34.81 -4.10
CA ALA A 1127 -0.08 35.00 -3.51
C ALA A 1127 -1.10 34.18 -4.27
N ASN A 1128 -1.93 33.44 -3.53
CA ASN A 1128 -3.03 32.65 -4.08
C ASN A 1128 -2.58 31.64 -5.12
N VAL A 1129 -1.29 31.28 -5.12
CA VAL A 1129 -0.77 30.32 -6.08
C VAL A 1129 -1.03 28.92 -5.54
N HIS A 1130 -1.93 28.19 -6.19
CA HIS A 1130 -2.23 26.82 -5.83
C HIS A 1130 -1.57 25.86 -6.82
N SER A 1131 -0.74 24.96 -6.31
CA SER A 1131 -0.08 23.96 -7.12
C SER A 1131 -0.67 22.58 -6.83
N SER A 1132 -0.24 21.60 -7.61
CA SER A 1132 -0.71 20.22 -7.47
C SER A 1132 0.17 19.32 -8.32
N GLY A 1133 -0.04 18.04 -8.18
CA GLY A 1133 0.68 17.03 -8.95
C GLY A 1133 1.86 16.48 -8.17
N VAL A 1134 2.52 15.51 -8.80
CA VAL A 1134 3.62 14.78 -8.19
C VAL A 1134 4.93 15.50 -8.48
N ILE A 1135 5.84 15.46 -7.50
CA ILE A 1135 7.17 16.06 -7.63
C ILE A 1135 8.19 15.03 -7.18
N ALA A 1136 9.25 14.87 -7.97
CA ALA A 1136 10.35 13.99 -7.64
C ALA A 1136 11.65 14.75 -7.80
N GLY A 1137 12.50 14.70 -6.78
CA GLY A 1137 13.78 15.39 -6.82
C GLY A 1137 14.90 14.48 -6.36
N GLU A 1138 16.10 15.01 -6.41
CA GLU A 1138 17.27 14.27 -5.97
C GLU A 1138 18.14 15.05 -4.99
N ARG A 1139 18.16 16.37 -5.09
CA ARG A 1139 19.02 17.20 -4.24
C ARG A 1139 18.27 18.30 -3.50
N SER A 1140 16.99 18.49 -3.78
CA SER A 1140 16.08 19.34 -3.01
C SER A 1140 14.71 19.23 -3.65
N ILE A 1141 13.68 19.58 -2.88
CA ILE A 1141 12.31 19.56 -3.37
C ILE A 1141 11.56 20.69 -2.70
N GLY A 1142 10.64 21.30 -3.43
CA GLY A 1142 9.75 22.29 -2.89
C GLY A 1142 8.39 22.23 -3.54
N GLY A 1143 7.32 22.37 -2.75
CA GLY A 1143 5.99 22.36 -3.34
C GLY A 1143 5.80 23.49 -4.34
N LEU A 1144 6.21 24.70 -3.99
CA LEU A 1144 6.17 25.84 -4.88
C LEU A 1144 7.56 26.35 -5.25
N ILE A 1145 8.37 26.71 -4.25
CA ILE A 1145 9.69 27.26 -4.49
C ILE A 1145 10.70 26.51 -3.63
N SER A 1146 11.82 26.14 -4.23
CA SER A 1146 12.79 25.33 -3.51
C SER A 1146 13.53 26.12 -2.45
N GLN A 1147 13.94 27.35 -2.76
CA GLN A 1147 14.72 28.17 -1.83
C GLN A 1147 14.25 29.61 -1.93
N VAL A 1148 13.58 30.09 -0.88
CA VAL A 1148 13.12 31.48 -0.82
C VAL A 1148 14.01 32.25 0.14
N THR A 1149 14.27 33.51 -0.18
CA THR A 1149 14.93 34.44 0.71
C THR A 1149 14.18 35.76 0.64
N ASP A 1150 13.79 36.30 1.79
CA ASP A 1150 13.15 37.61 1.85
C ASP A 1150 11.86 37.64 1.03
N SER A 1151 11.13 36.53 1.01
CA SER A 1151 9.94 36.40 0.18
C SER A 1151 8.76 35.95 1.03
N THR A 1152 7.57 36.44 0.69
CA THR A 1152 6.36 36.20 1.47
C THR A 1152 5.43 35.33 0.66
N ILE A 1153 5.49 34.01 0.88
CA ILE A 1153 4.62 33.07 0.18
C ILE A 1153 3.33 33.00 1.00
N SER A 1154 2.41 33.90 0.70
CA SER A 1154 1.18 34.04 1.46
C SER A 1154 0.00 33.47 0.70
N ASN A 1155 -0.88 32.77 1.42
CA ASN A 1155 -2.17 32.30 0.92
C ASN A 1155 -2.05 31.29 -0.22
N SER A 1156 -0.90 30.64 -0.34
CA SER A 1156 -0.69 29.65 -1.38
C SER A 1156 -1.11 28.27 -0.88
N SER A 1157 -0.80 27.23 -1.64
CA SER A 1157 -1.19 25.87 -1.29
C SER A 1157 -0.42 24.89 -2.16
N PHE A 1158 -0.47 23.62 -1.77
CA PHE A 1158 0.12 22.54 -2.57
C PHE A 1158 -0.58 21.24 -2.20
N THR A 1159 -1.04 20.51 -3.22
CA THR A 1159 -1.81 19.28 -3.02
C THR A 1159 -1.28 18.23 -4.00
N GLY A 1160 -0.31 17.43 -3.55
CA GLY A 1160 0.25 16.41 -4.41
C GLY A 1160 1.22 15.53 -3.64
N ARG A 1161 1.98 14.77 -4.40
CA ARG A 1161 2.97 13.86 -3.83
C ARG A 1161 4.38 14.41 -4.03
N ILE A 1162 5.27 14.03 -3.11
CA ILE A 1162 6.67 14.42 -3.15
C ILE A 1162 7.48 13.19 -2.76
N THR A 1163 8.58 12.93 -3.47
CA THR A 1163 9.34 11.71 -3.27
C THR A 1163 10.82 11.95 -3.57
N ASN A 1164 11.66 11.78 -2.55
CA ASN A 1164 13.11 11.71 -2.72
C ASN A 1164 13.60 10.48 -1.95
N THR A 1165 13.59 9.33 -2.61
CA THR A 1165 13.98 8.07 -1.96
C THR A 1165 15.39 7.64 -2.29
N TYR A 1166 16.17 8.46 -2.98
CA TYR A 1166 17.54 8.08 -3.31
C TYR A 1166 18.41 8.10 -2.07
N ASP A 1167 19.45 7.26 -2.07
CA ASP A 1167 20.33 7.09 -0.93
C ASP A 1167 21.53 8.04 -0.97
N THR A 1168 21.39 9.19 -1.63
CA THR A 1168 22.52 10.09 -1.79
C THR A 1168 23.01 10.61 -0.45
N THR A 1169 24.34 10.73 -0.32
CA THR A 1169 24.98 11.28 0.86
C THR A 1169 25.31 12.75 0.62
N ALA A 1170 24.26 13.56 0.50
CA ALA A 1170 24.42 14.98 0.23
C ALA A 1170 23.31 15.73 0.94
N THR A 1171 23.50 17.04 1.08
CA THR A 1171 22.58 17.87 1.84
C THR A 1171 21.41 18.28 0.95
N TYR A 1172 20.19 17.97 1.39
CA TYR A 1172 18.98 18.42 0.73
C TYR A 1172 17.97 18.89 1.74
N GLN A 1173 17.17 19.88 1.36
CA GLN A 1173 16.15 20.47 2.22
C GLN A 1173 14.81 20.36 1.49
N ILE A 1174 14.15 19.22 1.61
CA ILE A 1174 12.90 18.97 0.92
C ILE A 1174 11.73 19.38 1.81
N GLY A 1175 10.73 19.99 1.21
CA GLY A 1175 9.55 20.42 1.95
C GLY A 1175 8.35 20.50 1.03
N GLY A 1176 7.17 20.29 1.60
CA GLY A 1176 5.97 20.23 0.80
C GLY A 1176 5.46 21.55 0.29
N LEU A 1177 5.93 22.66 0.86
CA LEU A 1177 5.56 23.98 0.37
C LEU A 1177 6.76 24.79 -0.08
N VAL A 1178 7.77 24.93 0.77
CA VAL A 1178 9.01 25.64 0.44
C VAL A 1178 10.16 24.85 1.02
N GLY A 1179 11.21 24.66 0.23
CA GLY A 1179 12.34 23.86 0.70
C GLY A 1179 13.20 24.55 1.73
N LYS A 1180 13.20 25.88 1.74
CA LYS A 1180 14.05 26.62 2.67
C LYS A 1180 13.60 28.08 2.75
N LEU A 1181 13.36 28.57 3.95
CA LEU A 1181 13.15 30.00 4.19
C LEU A 1181 14.39 30.55 4.88
N SER A 1182 14.95 31.63 4.33
CA SER A 1182 16.23 32.11 4.84
C SER A 1182 16.27 33.63 4.94
N GLY A 1183 15.14 34.28 5.22
CA GLY A 1183 15.10 35.72 5.30
C GLY A 1183 14.46 36.19 6.58
N VAL A 1184 14.90 37.35 7.05
CA VAL A 1184 14.29 37.98 8.21
C VAL A 1184 12.85 38.38 7.90
N GLY A 1185 12.56 38.68 6.64
CA GLY A 1185 11.23 39.05 6.21
C GLY A 1185 10.46 37.98 5.49
N ALA A 1186 10.95 36.75 5.45
CA ALA A 1186 10.21 35.67 4.81
C ALA A 1186 9.04 35.24 5.69
N LEU A 1187 7.93 34.92 5.04
CA LEU A 1187 6.74 34.43 5.74
C LEU A 1187 6.09 33.33 4.92
N ILE A 1188 5.20 32.59 5.57
CA ILE A 1188 4.29 31.66 4.92
C ILE A 1188 2.96 31.81 5.62
N GLU A 1189 2.00 32.45 4.98
CA GLU A 1189 0.75 32.84 5.60
C GLU A 1189 -0.43 32.10 4.96
N LYS A 1190 -1.37 31.68 5.80
CA LYS A 1190 -2.64 31.08 5.38
C LYS A 1190 -2.43 30.03 4.28
N SER A 1191 -1.45 29.16 4.49
CA SER A 1191 -1.03 28.22 3.46
C SER A 1191 -1.37 26.79 3.86
N ILE A 1192 -1.80 26.01 2.88
CA ILE A 1192 -2.17 24.61 3.08
C ILE A 1192 -1.12 23.75 2.37
N SER A 1193 -0.97 22.51 2.83
CA SER A 1193 -0.07 21.56 2.18
C SER A 1193 -0.62 20.16 2.38
N SER A 1194 -1.32 19.64 1.37
CA SER A 1194 -1.84 18.27 1.40
C SER A 1194 -0.82 17.38 0.69
N ILE A 1195 0.23 17.00 1.42
CA ILE A 1195 1.37 16.30 0.87
C ILE A 1195 1.23 14.81 1.15
N ASP A 1196 1.76 13.98 0.24
CA ASP A 1196 1.93 12.54 0.48
C ASP A 1196 3.40 12.26 0.19
N MET A 1197 4.24 12.47 1.20
CA MET A 1197 5.68 12.42 0.98
C MET A 1197 6.24 11.08 1.43
N ALA A 1198 7.09 10.50 0.59
CA ALA A 1198 7.81 9.26 0.89
C ALA A 1198 9.28 9.51 0.64
N THR A 1199 10.05 9.68 1.71
CA THR A 1199 11.40 10.21 1.61
C THR A 1199 12.37 9.25 2.28
N ASN A 1200 13.65 9.59 2.19
CA ASN A 1200 14.73 8.83 2.83
C ASN A 1200 15.83 9.79 3.23
N ALA A 1201 15.91 10.11 4.52
CA ALA A 1201 16.88 11.09 4.99
C ALA A 1201 18.27 10.49 5.15
N ASN A 1202 18.39 9.46 6.00
CA ASN A 1202 19.55 8.58 6.14
C ASN A 1202 20.71 9.27 6.86
N THR A 1203 20.68 10.59 7.04
CA THR A 1203 21.77 11.28 7.69
C THR A 1203 21.24 12.59 8.28
N GLY A 1204 21.88 13.03 9.37
CA GLY A 1204 21.44 14.19 10.13
C GLY A 1204 21.53 15.52 9.41
N ASP A 1205 21.83 15.52 8.12
CA ASP A 1205 21.84 16.75 7.35
C ASP A 1205 20.62 16.89 6.45
N GLN A 1206 20.19 15.79 5.83
CA GLN A 1206 18.95 15.81 5.06
C GLN A 1206 17.77 16.09 5.98
N VAL A 1207 16.97 17.09 5.66
CA VAL A 1207 15.90 17.56 6.53
C VAL A 1207 14.59 17.50 5.73
N VAL A 1208 13.88 16.38 5.84
CA VAL A 1208 12.49 16.34 5.41
C VAL A 1208 11.69 17.29 6.27
N GLY A 1209 10.70 17.96 5.68
CA GLY A 1209 10.15 19.09 6.37
C GLY A 1209 8.66 19.36 6.33
N GLY A 1210 7.85 18.46 5.78
CA GLY A 1210 6.42 18.72 5.80
C GLY A 1210 6.05 19.99 5.05
N VAL A 1211 5.70 21.05 5.80
CA VAL A 1211 5.38 22.32 5.16
C VAL A 1211 6.63 22.98 4.61
N ALA A 1212 7.65 23.19 5.46
CA ALA A 1212 8.85 23.86 5.03
C ALA A 1212 10.07 23.11 5.56
N GLY A 1213 11.18 23.24 4.84
CA GLY A 1213 12.42 22.60 5.24
C GLY A 1213 13.14 23.43 6.27
N VAL A 1214 14.45 23.65 6.07
CA VAL A 1214 15.18 24.50 6.99
C VAL A 1214 14.56 25.89 7.02
N VAL A 1215 14.34 26.40 8.23
CA VAL A 1215 13.86 27.75 8.44
C VAL A 1215 14.91 28.49 9.25
N ASP A 1216 15.46 29.57 8.69
CA ASP A 1216 16.63 30.22 9.26
C ASP A 1216 16.38 31.72 9.36
N LYS A 1217 17.29 32.39 10.06
CA LYS A 1217 17.37 33.86 10.15
C LYS A 1217 16.00 34.50 10.33
N LYS A 1218 15.29 34.05 11.37
CA LYS A 1218 14.03 34.66 11.79
C LYS A 1218 12.98 34.65 10.69
N ALA A 1219 12.76 33.48 10.09
CA ALA A 1219 11.71 33.32 9.11
C ALA A 1219 10.47 32.71 9.77
N THR A 1220 9.32 33.25 9.43
CA THR A 1220 8.08 32.94 10.13
C THR A 1220 7.28 31.89 9.37
N ILE A 1221 6.42 31.17 10.12
CA ILE A 1221 5.44 30.27 9.55
C ILE A 1221 4.13 30.58 10.25
N ARG A 1222 3.30 31.41 9.64
CA ARG A 1222 2.08 31.92 10.27
C ARG A 1222 0.86 31.23 9.70
N ASN A 1223 -0.03 30.79 10.60
CA ASN A 1223 -1.35 30.28 10.22
C ASN A 1223 -1.28 29.20 9.15
N SER A 1224 -0.19 28.44 9.13
CA SER A 1224 -0.04 27.41 8.12
C SER A 1224 -0.84 26.17 8.51
N TYR A 1225 -0.72 25.13 7.70
CA TYR A 1225 -1.53 23.93 7.84
C TYR A 1225 -1.03 22.82 6.93
N VAL A 1226 -0.95 21.59 7.43
CA VAL A 1226 -0.52 20.45 6.63
C VAL A 1226 -1.41 19.26 6.97
N GLU A 1227 -1.89 18.56 5.94
CA GLU A 1227 -2.92 17.54 6.10
C GLU A 1227 -2.57 16.27 5.33
N GLY A 1228 -1.33 15.81 5.42
CA GLY A 1228 -0.95 14.67 4.63
C GLY A 1228 -0.42 13.46 5.37
N ASN A 1229 0.35 12.63 4.67
CA ASN A 1229 0.94 11.41 5.22
C ASN A 1229 2.43 11.42 4.89
N LEU A 1230 3.24 12.05 5.73
CA LEU A 1230 4.68 12.03 5.56
C LEU A 1230 5.21 10.66 5.99
N ASN A 1231 6.23 10.17 5.29
CA ASN A 1231 6.71 8.81 5.53
C ASN A 1231 8.20 8.76 5.22
N ASN A 1232 9.02 8.85 6.27
CA ASN A 1232 10.44 8.56 6.12
C ASN A 1232 10.69 7.06 6.23
N VAL A 1233 11.89 6.65 5.81
CA VAL A 1233 12.24 5.24 5.87
C VAL A 1233 13.04 4.91 7.13
N LYS A 1234 14.09 5.68 7.40
CA LYS A 1234 14.91 5.49 8.58
C LYS A 1234 14.83 6.70 9.49
N PRO A 1235 14.83 6.51 10.81
CA PRO A 1235 14.66 7.63 11.74
C PRO A 1235 15.89 8.50 11.93
N PHE A 1236 16.91 8.35 11.09
CA PHE A 1236 18.18 9.02 11.36
C PHE A 1236 18.10 10.52 11.13
N GLY A 1237 17.52 10.94 10.01
CA GLY A 1237 17.51 12.35 9.66
C GLY A 1237 16.48 13.15 10.43
N LYS A 1238 16.65 14.47 10.42
CA LYS A 1238 15.74 15.38 11.12
C LYS A 1238 14.47 15.54 10.30
N VAL A 1239 13.46 14.75 10.61
CA VAL A 1239 12.18 14.78 9.92
C VAL A 1239 11.15 15.42 10.83
N GLY A 1240 10.36 16.34 10.28
CA GLY A 1240 9.34 17.01 11.05
C GLY A 1240 8.04 17.08 10.27
N GLY A 1241 6.95 17.13 11.02
CA GLY A 1241 5.64 17.23 10.41
C GLY A 1241 5.41 18.56 9.72
N VAL A 1242 5.91 19.65 10.32
CA VAL A 1242 5.67 21.01 9.83
C VAL A 1242 6.96 21.67 9.38
N VAL A 1243 8.01 21.60 10.19
CA VAL A 1243 9.31 22.15 9.86
C VAL A 1243 10.36 21.09 10.13
N GLY A 1244 11.28 20.92 9.19
CA GLY A 1244 12.33 19.94 9.37
C GLY A 1244 13.44 20.39 10.29
N ASN A 1245 13.72 21.69 10.30
CA ASN A 1245 14.85 22.23 11.06
C ASN A 1245 14.59 23.72 11.28
N LEU A 1246 14.46 24.11 12.55
CA LEU A 1246 14.33 25.51 12.91
C LEU A 1246 15.65 26.16 13.30
N TRP A 1247 16.75 25.41 13.23
CA TRP A 1247 18.01 25.82 13.83
C TRP A 1247 19.01 26.20 12.75
N ASP A 1248 19.81 27.23 13.03
CA ASP A 1248 20.72 27.75 12.02
C ASP A 1248 21.83 26.75 11.71
N ARG A 1249 22.39 26.88 10.51
CA ARG A 1249 23.48 26.03 10.07
C ARG A 1249 24.85 26.62 10.38
N GLU A 1250 24.95 27.93 10.53
CA GLU A 1250 26.17 28.56 11.01
C GLU A 1250 26.31 28.33 12.51
N THR A 1251 27.31 28.98 13.10
CA THR A 1251 27.37 29.04 14.56
C THR A 1251 26.11 29.70 15.08
N SER A 1252 25.24 28.90 15.68
CA SER A 1252 23.84 29.26 15.85
C SER A 1252 23.57 29.73 17.26
N GLU A 1253 23.31 31.03 17.42
CA GLU A 1253 22.66 31.51 18.62
C GLU A 1253 21.16 31.25 18.52
N VAL A 1254 20.52 31.09 19.68
CA VAL A 1254 19.09 30.79 19.71
C VAL A 1254 18.25 31.97 19.24
N SER A 1255 18.80 33.18 19.27
CA SER A 1255 18.03 34.38 18.90
C SER A 1255 17.77 34.48 17.40
N ASN A 1256 18.40 33.65 16.58
CA ASN A 1256 18.19 33.65 15.14
C ASN A 1256 17.56 32.35 14.65
N SER A 1257 16.80 31.68 15.50
CA SER A 1257 16.13 30.45 15.12
C SER A 1257 14.87 30.76 14.31
N GLY A 1258 14.26 29.71 13.77
CA GLY A 1258 13.01 29.87 13.05
C GLY A 1258 11.86 30.15 14.00
N ASN A 1259 10.78 30.68 13.45
CA ASN A 1259 9.62 31.10 14.23
C ASN A 1259 8.36 30.47 13.66
N LEU A 1260 7.54 29.90 14.54
CA LEU A 1260 6.25 29.34 14.16
C LEU A 1260 5.13 30.10 14.87
N THR A 1261 3.91 29.98 14.34
CA THR A 1261 2.75 30.61 14.95
C THR A 1261 1.48 30.02 14.34
N ASN A 1262 0.56 29.58 15.20
CA ASN A 1262 -0.76 29.11 14.79
C ASN A 1262 -0.67 28.03 13.71
N VAL A 1263 0.23 27.08 13.90
CA VAL A 1263 0.48 26.05 12.90
C VAL A 1263 -0.16 24.75 13.36
N LEU A 1264 -0.97 24.15 12.49
CA LEU A 1264 -1.57 22.84 12.73
C LEU A 1264 -0.77 21.78 11.97
N SER A 1265 -1.03 20.50 12.29
CA SER A 1265 -0.41 19.42 11.52
C SER A 1265 -1.28 18.19 11.67
N ASP A 1266 -1.93 17.78 10.58
CA ASP A 1266 -2.71 16.56 10.53
C ASP A 1266 -1.94 15.46 9.82
N VAL A 1267 -0.64 15.35 10.05
CA VAL A 1267 0.18 14.39 9.34
C VAL A 1267 0.22 13.05 10.07
N ASN A 1268 0.24 11.97 9.31
CA ASN A 1268 0.55 10.65 9.84
C ASN A 1268 2.03 10.36 9.70
N VAL A 1269 2.85 11.27 10.22
CA VAL A 1269 4.30 11.21 10.03
C VAL A 1269 4.86 9.94 10.66
N THR A 1270 5.80 9.31 9.96
CA THR A 1270 6.45 8.09 10.41
C THR A 1270 7.96 8.32 10.43
N ASN A 1271 8.61 7.81 11.47
CA ASN A 1271 10.05 7.97 11.66
C ASN A 1271 10.46 9.43 11.74
N GLY A 1272 9.61 10.26 12.34
CA GLY A 1272 9.91 11.67 12.48
C GLY A 1272 9.06 12.30 13.56
N ASN A 1273 9.42 13.52 13.91
CA ASN A 1273 8.70 14.27 14.94
C ASN A 1273 7.36 14.73 14.38
N ALA A 1274 6.61 15.50 15.17
CA ALA A 1274 5.26 15.89 14.80
C ALA A 1274 5.14 17.33 14.34
N ILE A 1275 5.96 18.24 14.84
CA ILE A 1275 5.92 19.63 14.40
C ILE A 1275 7.27 20.05 13.85
N ALA A 1276 8.30 20.01 14.70
CA ALA A 1276 9.65 20.40 14.30
C ALA A 1276 10.56 19.19 14.42
N GLY A 1277 11.37 18.96 13.38
CA GLY A 1277 12.26 17.82 13.39
C GLY A 1277 13.36 17.93 14.43
N TYR A 1278 13.89 19.14 14.62
CA TYR A 1278 14.98 19.39 15.55
C TYR A 1278 14.42 20.11 16.76
N ASP A 1279 14.42 19.43 17.91
CA ASP A 1279 13.94 19.99 19.16
C ASP A 1279 15.11 20.36 20.04
N PHE A 1280 15.14 21.60 20.49
CA PHE A 1280 16.23 22.12 21.32
C PHE A 1280 15.64 22.96 22.45
N ASN A 1281 16.52 23.35 23.38
CA ASN A 1281 16.07 23.97 24.63
C ASN A 1281 15.34 25.28 24.38
N GLY A 1282 15.88 26.13 23.50
CA GLY A 1282 15.28 27.43 23.25
C GLY A 1282 14.31 27.43 22.09
N ILE A 1283 13.45 26.41 22.00
CA ILE A 1283 12.52 26.29 20.89
C ILE A 1283 11.60 27.50 20.85
N LYS A 1284 11.18 27.89 19.64
CA LYS A 1284 10.46 29.13 19.42
C LYS A 1284 9.19 28.88 18.62
N ALA A 1285 8.42 27.86 19.02
CA ALA A 1285 7.18 27.55 18.32
C ALA A 1285 6.06 28.48 18.76
N THR A 1286 5.91 28.68 20.07
CA THR A 1286 5.05 29.64 20.74
C THR A 1286 3.57 29.43 20.44
N ASN A 1287 3.27 28.51 19.53
CA ASN A 1287 1.92 28.01 19.29
C ASN A 1287 1.99 26.86 18.29
N THR A 1288 1.21 25.80 18.50
CA THR A 1288 1.14 24.69 17.56
C THR A 1288 0.04 23.74 18.03
N TYR A 1289 -0.62 23.13 17.06
CA TYR A 1289 -1.72 22.19 17.32
C TYR A 1289 -1.39 20.87 16.64
N SER A 1290 -2.32 19.92 16.73
CA SER A 1290 -2.10 18.59 16.19
C SER A 1290 -3.41 17.83 16.15
N ASN A 1291 -3.30 16.53 15.88
CA ASN A 1291 -4.40 15.59 15.88
C ASN A 1291 -3.94 14.33 16.61
N LYS A 1292 -4.89 13.43 16.86
CA LYS A 1292 -4.56 12.10 17.38
C LYS A 1292 -4.26 11.20 16.19
N ASN A 1293 -3.00 11.17 15.76
CA ASN A 1293 -2.57 10.47 14.57
C ASN A 1293 -1.33 9.66 14.87
N ASN A 1294 -0.86 8.94 13.86
CA ASN A 1294 0.31 8.08 14.01
C ASN A 1294 1.58 8.91 13.87
N LYS A 1295 2.35 8.99 14.94
CA LYS A 1295 3.68 9.62 14.94
C LYS A 1295 4.74 8.55 15.16
N VAL A 1296 4.56 7.40 14.52
CA VAL A 1296 5.41 6.25 14.76
C VAL A 1296 6.87 6.57 14.46
N VAL A 1297 7.75 6.17 15.38
CA VAL A 1297 9.19 6.21 15.16
C VAL A 1297 9.72 4.81 15.45
N LYS A 1298 10.27 4.16 14.43
CA LYS A 1298 10.67 2.76 14.54
C LYS A 1298 11.89 2.63 15.42
N VAL A 1299 11.69 2.20 16.65
CA VAL A 1299 12.77 1.94 17.60
C VAL A 1299 13.04 0.45 17.61
N VAL A 1300 14.30 0.07 17.77
CA VAL A 1300 14.75 -1.30 17.54
C VAL A 1300 15.01 -1.98 18.88
N GLN A 1301 14.12 -2.91 19.23
CA GLN A 1301 14.40 -3.93 20.24
C GLN A 1301 14.95 -5.15 19.52
N VAL A 1302 15.00 -6.30 20.20
CA VAL A 1302 15.32 -7.54 19.49
C VAL A 1302 14.35 -7.76 18.34
N ASP A 1303 13.10 -7.30 18.51
CA ASP A 1303 12.13 -7.20 17.43
C ASP A 1303 11.70 -5.74 17.29
N ASP A 1304 11.56 -5.28 16.05
CA ASP A 1304 11.17 -3.90 15.81
C ASP A 1304 9.75 -3.65 16.33
N GLU A 1305 9.47 -2.39 16.65
CA GLU A 1305 8.15 -2.02 17.14
C GLU A 1305 7.95 -0.52 16.97
N VAL A 1306 6.68 -0.11 17.02
CA VAL A 1306 6.32 1.29 16.88
C VAL A 1306 6.56 2.03 18.19
N LEU A 1307 6.55 3.35 18.12
CA LEU A 1307 6.75 4.19 19.28
C LEU A 1307 6.18 5.57 18.97
N SER A 1308 6.16 6.44 19.98
CA SER A 1308 5.79 7.82 19.78
C SER A 1308 7.03 8.71 19.84
N LYS A 1309 6.82 10.02 19.62
CA LYS A 1309 7.93 10.96 19.57
C LYS A 1309 7.89 12.01 20.67
N ASP A 1310 6.71 12.50 21.03
CA ASP A 1310 6.54 13.42 22.17
C ASP A 1310 7.28 14.74 21.94
N SER A 1311 7.07 15.34 20.78
CA SER A 1311 7.51 16.70 20.46
C SER A 1311 6.35 17.50 19.92
N GLU A 1312 5.20 17.40 20.57
CA GLU A 1312 3.93 17.82 20.00
C GLU A 1312 3.07 18.48 21.06
N GLU A 1313 2.21 19.40 20.62
CA GLU A 1313 1.10 19.90 21.42
C GLU A 1313 -0.18 19.25 20.90
N GLN A 1314 -0.89 18.56 21.80
CA GLN A 1314 -1.95 17.65 21.41
C GLN A 1314 -3.28 18.39 21.32
N ARG A 1315 -4.18 17.88 20.48
CA ARG A 1315 -5.53 18.41 20.32
C ARG A 1315 -6.43 17.30 19.80
N GLY A 1316 -7.72 17.41 20.09
CA GLY A 1316 -8.66 16.36 19.76
C GLY A 1316 -9.06 16.36 18.30
N THR A 1317 -10.36 16.16 18.03
CA THR A 1317 -10.87 16.14 16.67
C THR A 1317 -11.82 17.31 16.41
N VAL A 1318 -11.45 18.50 16.88
CA VAL A 1318 -12.18 19.73 16.59
C VAL A 1318 -11.48 20.39 15.40
N LEU A 1319 -10.64 19.61 14.72
CA LEU A 1319 -9.92 20.14 13.57
C LEU A 1319 -10.87 20.57 12.47
N GLU A 1320 -11.98 19.86 12.30
CA GLU A 1320 -12.94 20.24 11.26
C GLU A 1320 -13.45 21.67 11.45
N ASN A 1321 -13.23 22.25 12.63
CA ASN A 1321 -13.52 23.67 12.87
C ASN A 1321 -12.25 24.50 12.89
N ASN A 1322 -11.18 23.98 13.50
CA ASN A 1322 -9.93 24.73 13.61
C ASN A 1322 -9.24 24.94 12.27
N ILE A 1323 -9.56 24.12 11.27
CA ILE A 1323 -8.92 24.18 9.97
C ILE A 1323 -9.47 25.33 9.13
N VAL A 1324 -10.68 25.79 9.45
CA VAL A 1324 -11.44 26.66 8.56
C VAL A 1324 -11.36 28.08 9.14
N LEU A 1325 -10.27 28.37 9.85
CA LEU A 1325 -10.02 29.75 10.24
C LEU A 1325 -9.83 30.64 9.03
N GLU A 1326 -9.07 30.18 8.04
CA GLU A 1326 -9.03 30.81 6.72
C GLU A 1326 -10.19 30.25 5.91
N LYS A 1327 -11.26 31.05 5.80
CA LYS A 1327 -12.54 30.52 5.35
C LYS A 1327 -12.59 30.30 3.85
N LYS A 1328 -11.58 30.72 3.11
CA LYS A 1328 -11.58 30.51 1.67
C LYS A 1328 -11.46 29.02 1.36
N ILE A 1329 -12.40 28.50 0.57
CA ILE A 1329 -12.43 27.07 0.29
C ILE A 1329 -12.41 26.82 -1.22
N GLU A 1330 -12.93 27.75 -2.01
CA GLU A 1330 -13.24 27.45 -3.40
C GLU A 1330 -12.92 28.61 -4.32
N LEU A 1331 -12.42 28.27 -5.51
CA LEU A 1331 -12.35 29.14 -6.67
C LEU A 1331 -12.97 28.42 -7.87
N VAL A 1332 -12.88 29.02 -9.04
CA VAL A 1332 -13.46 28.43 -10.24
C VAL A 1332 -12.46 28.47 -11.39
N PRO A 1333 -11.42 27.64 -11.36
CA PRO A 1333 -10.50 27.58 -12.50
C PRO A 1333 -11.19 27.00 -13.72
N LYS A 1334 -11.15 27.76 -14.82
CA LYS A 1334 -11.80 27.31 -16.04
C LYS A 1334 -11.00 26.17 -16.69
N LYS A 1335 -11.71 25.37 -17.47
CA LYS A 1335 -11.11 24.30 -18.24
C LYS A 1335 -10.69 24.80 -19.62
N ASN A 1336 -9.99 23.94 -20.35
CA ASN A 1336 -9.51 24.31 -21.68
C ASN A 1336 -10.68 24.72 -22.57
N THR A 1337 -10.52 25.85 -23.26
CA THR A 1337 -11.59 26.39 -24.07
C THR A 1337 -11.69 25.66 -25.40
N LYS A 1338 -12.87 25.77 -26.02
CA LYS A 1338 -13.13 25.20 -27.33
C LYS A 1338 -13.66 26.30 -28.25
N ILE A 1339 -13.63 26.03 -29.56
CA ILE A 1339 -14.02 27.06 -30.51
C ILE A 1339 -15.48 26.93 -30.92
N GLU A 1340 -15.90 25.74 -31.33
CA GLU A 1340 -17.25 25.55 -31.88
C GLU A 1340 -17.57 24.06 -31.87
N ASP A 1341 -18.70 23.72 -32.51
CA ASP A 1341 -19.16 22.34 -32.66
C ASP A 1341 -20.07 22.29 -33.90
N PHE A 1342 -19.55 21.75 -35.00
CA PHE A 1342 -20.34 21.60 -36.21
C PHE A 1342 -21.16 20.31 -36.18
N ASN A 1343 -21.93 20.14 -35.11
CA ASN A 1343 -22.87 19.04 -35.01
C ASN A 1343 -24.14 19.37 -35.78
N PHE A 1344 -24.69 18.36 -36.44
CA PHE A 1344 -25.85 18.58 -37.28
C PHE A 1344 -27.14 18.65 -36.46
N SER A 1345 -27.25 17.85 -35.41
CA SER A 1345 -28.47 17.78 -34.63
C SER A 1345 -28.53 18.96 -33.68
N SER A 1346 -29.23 20.02 -34.10
CA SER A 1346 -29.39 21.22 -33.29
C SER A 1346 -30.59 21.04 -32.37
N ARG A 1347 -30.41 21.40 -31.09
CA ARG A 1347 -31.43 21.13 -30.10
C ARG A 1347 -32.71 21.91 -30.35
N TYR A 1348 -32.61 23.16 -30.81
CA TYR A 1348 -33.80 23.93 -31.12
C TYR A 1348 -34.56 23.28 -32.27
N GLU A 1349 -35.89 23.37 -32.21
CA GLU A 1349 -36.77 22.63 -33.13
C GLU A 1349 -37.42 23.61 -34.10
N THR A 1350 -36.80 23.80 -35.27
CA THR A 1350 -37.50 24.45 -36.37
C THR A 1350 -38.70 23.61 -36.81
N ASP A 1351 -38.51 22.31 -36.88
CA ASP A 1351 -39.57 21.32 -37.06
C ASP A 1351 -39.54 20.39 -35.86
N TYR A 1352 -40.68 19.76 -35.55
CA TYR A 1352 -40.70 18.84 -34.42
C TYR A 1352 -39.68 17.72 -34.59
N LYS A 1353 -39.33 17.40 -35.84
CA LYS A 1353 -38.15 16.60 -36.11
C LYS A 1353 -36.95 17.52 -36.29
N ASN A 1354 -35.85 17.20 -35.61
CA ASN A 1354 -34.63 18.01 -35.75
C ASN A 1354 -34.15 18.01 -37.20
N LEU A 1355 -33.97 16.83 -37.76
CA LEU A 1355 -33.55 16.65 -39.14
C LEU A 1355 -34.75 16.42 -40.04
N LYS A 1356 -34.50 16.04 -41.30
CA LYS A 1356 -35.57 15.62 -42.19
C LYS A 1356 -36.32 14.43 -41.61
N ASP A 1357 -35.60 13.35 -41.31
CA ASP A 1357 -36.17 12.16 -40.69
C ASP A 1357 -35.44 11.94 -39.37
N ALA A 1358 -35.92 12.58 -38.31
CA ALA A 1358 -35.34 12.46 -36.98
C ALA A 1358 -36.46 12.23 -35.99
N ASP A 1359 -36.40 11.12 -35.26
CA ASP A 1359 -37.44 10.77 -34.30
C ASP A 1359 -37.02 11.22 -32.91
N VAL A 1360 -37.89 11.97 -32.24
CA VAL A 1360 -37.59 12.52 -30.92
C VAL A 1360 -37.46 11.43 -29.86
N SER A 1361 -38.04 10.25 -30.11
CA SER A 1361 -37.99 9.19 -29.11
C SER A 1361 -36.65 8.46 -29.13
N ARG A 1362 -35.86 8.62 -30.19
CA ARG A 1362 -34.66 7.82 -30.40
C ARG A 1362 -33.37 8.64 -30.35
N LEU A 1363 -33.31 9.65 -29.48
CA LEU A 1363 -32.04 10.36 -29.30
C LEU A 1363 -30.97 9.45 -28.73
N ARG A 1364 -31.33 8.59 -27.78
CA ARG A 1364 -30.37 7.62 -27.27
C ARG A 1364 -29.95 6.63 -28.34
N VAL A 1365 -30.86 6.26 -29.24
CA VAL A 1365 -30.50 5.37 -30.34
C VAL A 1365 -29.52 6.07 -31.28
N TYR A 1366 -29.74 7.35 -31.56
CA TYR A 1366 -28.80 8.09 -32.40
C TYR A 1366 -27.43 8.19 -31.73
N LYS A 1367 -27.40 8.46 -30.43
CA LYS A 1367 -26.13 8.58 -29.72
C LYS A 1367 -25.45 7.25 -29.49
N ASN A 1368 -26.17 6.12 -29.63
CA ASN A 1368 -25.52 4.82 -29.66
C ASN A 1368 -25.02 4.50 -31.06
N ILE A 1369 -25.76 4.92 -32.09
CA ILE A 1369 -25.33 4.72 -33.47
C ILE A 1369 -24.05 5.51 -33.76
N GLU A 1370 -23.91 6.69 -33.15
CA GLU A 1370 -22.71 7.48 -33.36
C GLU A 1370 -21.45 6.80 -32.85
N LYS A 1371 -21.58 5.75 -32.02
CA LYS A 1371 -20.42 4.95 -31.65
C LYS A 1371 -20.18 3.82 -32.65
N LEU A 1372 -21.25 3.23 -33.17
CA LEU A 1372 -21.12 2.17 -34.17
C LEU A 1372 -20.60 2.71 -35.50
N LEU A 1373 -21.04 3.91 -35.90
CA LEU A 1373 -20.71 4.49 -37.19
C LEU A 1373 -20.07 5.86 -37.01
N PRO A 1374 -18.78 5.92 -36.70
CA PRO A 1374 -18.07 7.18 -36.81
C PRO A 1374 -17.71 7.47 -38.26
N PHE A 1375 -17.37 8.73 -38.52
CA PHE A 1375 -16.93 9.21 -39.82
C PHE A 1375 -18.04 9.17 -40.87
N TYR A 1376 -19.31 9.09 -40.48
CA TYR A 1376 -20.40 9.02 -41.44
C TYR A 1376 -21.33 10.22 -41.32
N ASN A 1377 -21.94 10.57 -42.44
CA ASN A 1377 -22.84 11.71 -42.51
C ASN A 1377 -24.00 11.54 -41.54
N ARG A 1378 -24.55 12.66 -41.09
CA ARG A 1378 -25.62 12.61 -40.09
C ARG A 1378 -26.89 11.99 -40.64
N GLU A 1379 -27.15 12.13 -41.95
CA GLU A 1379 -28.34 11.53 -42.53
C GLU A 1379 -28.29 10.01 -42.48
N THR A 1380 -27.13 9.42 -42.76
CA THR A 1380 -27.01 7.97 -42.62
C THR A 1380 -27.09 7.56 -41.16
N ILE A 1381 -26.62 8.42 -40.25
CA ILE A 1381 -26.74 8.13 -38.83
C ILE A 1381 -28.20 8.02 -38.42
N VAL A 1382 -29.02 8.98 -38.86
CA VAL A 1382 -30.44 8.93 -38.50
C VAL A 1382 -31.14 7.79 -39.23
N LYS A 1383 -30.70 7.44 -40.44
CA LYS A 1383 -31.28 6.30 -41.13
C LYS A 1383 -31.04 5.01 -40.33
N TYR A 1384 -29.78 4.74 -39.98
CA TYR A 1384 -29.49 3.53 -39.23
C TYR A 1384 -30.01 3.59 -37.80
N GLY A 1385 -30.30 4.79 -37.29
CA GLY A 1385 -31.05 4.88 -36.04
C GLY A 1385 -32.49 4.43 -36.21
N ASN A 1386 -33.11 4.82 -37.33
CA ASN A 1386 -34.49 4.43 -37.59
C ASN A 1386 -34.61 2.96 -37.93
N LEU A 1387 -33.54 2.33 -38.43
CA LEU A 1387 -33.59 0.91 -38.73
C LEU A 1387 -33.26 0.02 -37.53
N VAL A 1388 -32.96 0.60 -36.36
CA VAL A 1388 -32.71 -0.22 -35.18
C VAL A 1388 -34.00 -0.87 -34.72
N ASP A 1389 -33.96 -2.18 -34.49
CA ASP A 1389 -35.13 -2.91 -34.05
C ASP A 1389 -35.61 -2.41 -32.69
N ALA A 1390 -36.94 -2.38 -32.52
CA ALA A 1390 -37.51 -1.89 -31.27
C ALA A 1390 -37.10 -2.76 -30.09
N ASN A 1391 -37.08 -4.07 -30.28
CA ASN A 1391 -36.70 -4.98 -29.19
C ASN A 1391 -35.20 -5.11 -29.03
N ASN A 1392 -34.42 -4.58 -29.96
CA ASN A 1392 -32.97 -4.66 -29.87
C ASN A 1392 -32.46 -3.89 -28.65
N THR A 1393 -31.39 -4.39 -28.05
CA THR A 1393 -30.84 -3.82 -26.83
C THR A 1393 -29.97 -2.60 -27.08
N LEU A 1394 -30.03 -1.99 -28.27
CA LEU A 1394 -29.35 -0.74 -28.53
C LEU A 1394 -30.12 0.47 -28.02
N TYR A 1395 -31.17 0.25 -27.24
CA TYR A 1395 -31.93 1.35 -26.65
C TYR A 1395 -31.37 1.79 -25.30
N THR A 1396 -30.30 1.16 -24.82
CA THR A 1396 -29.59 1.61 -23.64
C THR A 1396 -28.31 2.32 -24.04
N LYS A 1397 -27.77 3.09 -23.09
CA LYS A 1397 -26.58 3.90 -23.37
C LYS A 1397 -25.40 2.98 -23.70
N ASP A 1398 -24.58 3.44 -24.65
CA ASP A 1398 -23.51 2.63 -25.21
C ASP A 1398 -22.17 3.33 -25.05
N LEU A 1399 -21.21 2.66 -24.45
CA LEU A 1399 -19.82 3.09 -24.50
C LEU A 1399 -19.22 2.55 -25.79
N VAL A 1400 -17.93 2.83 -26.02
CA VAL A 1400 -17.35 2.49 -27.31
C VAL A 1400 -17.20 0.97 -27.45
N SER A 1401 -17.29 0.49 -28.69
CA SER A 1401 -17.23 -0.92 -29.01
C SER A 1401 -15.84 -1.30 -29.51
N VAL A 1402 -15.50 -2.58 -29.37
CA VAL A 1402 -14.19 -3.10 -29.78
C VAL A 1402 -14.41 -4.34 -30.63
N VAL A 1403 -13.40 -4.68 -31.42
CA VAL A 1403 -13.49 -5.79 -32.38
C VAL A 1403 -12.58 -6.94 -31.95
N PRO A 1404 -13.13 -8.01 -31.36
CA PRO A 1404 -12.24 -9.00 -30.73
C PRO A 1404 -11.66 -10.03 -31.69
N MET A 1405 -12.37 -10.41 -32.76
CA MET A 1405 -11.94 -11.50 -33.63
C MET A 1405 -11.74 -12.80 -32.84
N LYS A 1406 -12.85 -13.31 -32.29
CA LYS A 1406 -12.84 -14.51 -31.46
C LYS A 1406 -11.90 -14.34 -30.25
N ASP A 1407 -12.19 -13.30 -29.48
CA ASP A 1407 -11.44 -13.00 -28.25
C ASP A 1407 -9.96 -12.81 -28.53
N LYS A 1408 -9.63 -11.83 -29.37
CA LYS A 1408 -8.24 -11.46 -29.62
C LYS A 1408 -7.98 -9.97 -29.60
N GLU A 1409 -9.01 -9.12 -29.66
CA GLU A 1409 -8.87 -7.67 -29.53
C GLU A 1409 -7.91 -7.11 -30.57
N VAL A 1410 -8.29 -7.23 -31.84
CA VAL A 1410 -7.43 -6.75 -32.91
C VAL A 1410 -7.46 -5.23 -32.98
N ILE A 1411 -6.30 -4.64 -33.29
CA ILE A 1411 -6.21 -3.20 -33.51
C ILE A 1411 -5.81 -2.84 -34.93
N SER A 1412 -4.98 -3.66 -35.59
CA SER A 1412 -4.51 -3.35 -36.94
C SER A 1412 -5.60 -3.74 -37.91
N ASP A 1413 -6.51 -2.80 -38.18
CA ASP A 1413 -7.64 -3.09 -39.06
C ASP A 1413 -7.22 -3.21 -40.52
N ILE A 1414 -6.18 -2.51 -40.95
CA ILE A 1414 -5.71 -2.67 -42.32
C ILE A 1414 -5.13 -4.06 -42.53
N ASN A 1415 -4.46 -4.61 -41.52
CA ASN A 1415 -3.89 -5.95 -41.60
C ASN A 1415 -4.95 -7.04 -41.58
N LYS A 1416 -6.06 -6.82 -40.87
CA LYS A 1416 -7.04 -7.86 -40.61
C LYS A 1416 -8.45 -7.52 -41.07
N ASN A 1417 -8.61 -6.60 -42.03
CA ASN A 1417 -9.96 -6.34 -42.54
C ASN A 1417 -10.41 -7.43 -43.50
N LYS A 1418 -9.52 -7.92 -44.37
CA LYS A 1418 -9.90 -8.97 -45.31
C LYS A 1418 -10.41 -10.20 -44.57
N THR A 1419 -9.63 -10.71 -43.62
CA THR A 1419 -10.15 -11.71 -42.71
C THR A 1419 -11.30 -11.13 -41.92
N SER A 1420 -12.44 -11.81 -41.96
CA SER A 1420 -13.62 -11.31 -41.27
C SER A 1420 -13.35 -11.16 -39.79
N ILE A 1421 -13.67 -9.98 -39.25
CA ILE A 1421 -13.68 -9.82 -37.81
C ILE A 1421 -14.89 -10.56 -37.27
N ASN A 1422 -14.66 -11.72 -36.65
CA ASN A 1422 -15.74 -12.67 -36.42
C ASN A 1422 -16.72 -12.19 -35.37
N LYS A 1423 -16.30 -11.30 -34.47
CA LYS A 1423 -17.16 -10.83 -33.39
C LYS A 1423 -17.04 -9.32 -33.25
N LEU A 1424 -17.86 -8.77 -32.36
CA LEU A 1424 -17.85 -7.34 -32.05
C LEU A 1424 -18.40 -7.15 -30.65
N LEU A 1425 -17.55 -6.72 -29.72
CA LEU A 1425 -17.93 -6.61 -28.32
C LEU A 1425 -18.50 -5.23 -28.06
N LEU A 1426 -19.76 -5.19 -27.61
CA LEU A 1426 -20.42 -3.93 -27.24
C LEU A 1426 -20.33 -3.78 -25.73
N HIS A 1427 -19.75 -2.67 -25.27
CA HIS A 1427 -19.63 -2.37 -23.86
C HIS A 1427 -20.64 -1.29 -23.50
N TYR A 1428 -21.55 -1.59 -22.59
CA TYR A 1428 -22.63 -0.69 -22.23
C TYR A 1428 -22.31 0.06 -20.94
N SER A 1429 -23.11 1.07 -20.65
CA SER A 1429 -22.91 1.85 -19.43
C SER A 1429 -23.27 1.05 -18.19
N ASP A 1430 -24.19 0.09 -18.33
CA ASP A 1430 -24.58 -0.79 -17.24
C ASP A 1430 -23.48 -1.77 -16.84
N ASN A 1431 -22.34 -1.73 -17.54
CA ASN A 1431 -21.19 -2.64 -17.42
C ASN A 1431 -21.50 -3.99 -18.07
N THR A 1432 -22.74 -4.22 -18.51
CA THR A 1432 -23.05 -5.45 -19.23
C THR A 1432 -22.47 -5.39 -20.63
N SER A 1433 -21.98 -6.53 -21.11
CA SER A 1433 -21.42 -6.64 -22.45
C SER A 1433 -22.35 -7.45 -23.35
N GLN A 1434 -22.06 -7.39 -24.65
CA GLN A 1434 -22.84 -8.14 -25.63
C GLN A 1434 -22.02 -8.26 -26.90
N THR A 1435 -21.67 -9.48 -27.28
CA THR A 1435 -20.89 -9.73 -28.49
C THR A 1435 -21.84 -9.97 -29.67
N LEU A 1436 -21.56 -9.32 -30.78
CA LEU A 1436 -22.32 -9.49 -32.01
C LEU A 1436 -21.44 -10.11 -33.08
N ASP A 1437 -22.08 -10.71 -34.08
CA ASP A 1437 -21.36 -11.28 -35.21
C ASP A 1437 -21.40 -10.30 -36.38
N ILE A 1438 -20.24 -10.05 -36.99
CA ILE A 1438 -20.12 -9.12 -38.08
C ILE A 1438 -19.29 -9.76 -39.19
N LYS A 1439 -19.68 -9.52 -40.44
CA LYS A 1439 -18.97 -10.01 -41.61
C LYS A 1439 -18.58 -8.83 -42.48
N TYR A 1440 -17.34 -8.83 -42.97
CA TYR A 1440 -16.84 -7.72 -43.78
C TYR A 1440 -17.66 -7.62 -45.06
N LEU A 1441 -18.51 -6.59 -45.14
CA LEU A 1441 -19.53 -6.53 -46.19
C LEU A 1441 -18.99 -5.98 -47.50
N GLN A 1442 -18.54 -4.73 -47.50
CA GLN A 1442 -18.39 -3.97 -48.73
C GLN A 1442 -17.00 -3.37 -48.81
N ASP A 1443 -16.37 -3.45 -49.98
CA ASP A 1443 -14.98 -3.03 -50.17
C ASP A 1443 -14.89 -1.51 -50.28
N PHE A 1444 -15.33 -0.84 -49.21
CA PHE A 1444 -15.24 0.62 -49.13
C PHE A 1444 -13.91 0.90 -48.43
N SER A 1445 -12.85 1.00 -49.23
CA SER A 1445 -11.50 0.96 -48.68
C SER A 1445 -11.20 2.14 -47.75
N LYS A 1446 -11.88 3.27 -47.96
CA LYS A 1446 -11.65 4.42 -47.08
C LYS A 1446 -12.03 4.09 -45.64
N VAL A 1447 -13.25 3.58 -45.44
CA VAL A 1447 -13.73 3.17 -44.11
C VAL A 1447 -14.28 1.75 -44.23
N ALA A 1448 -13.66 0.81 -43.53
CA ALA A 1448 -14.08 -0.58 -43.62
C ALA A 1448 -15.50 -0.73 -43.07
N GLU A 1449 -16.34 -1.47 -43.78
CA GLU A 1449 -17.75 -1.64 -43.43
C GLU A 1449 -18.03 -3.11 -43.12
N TYR A 1450 -18.60 -3.36 -41.94
CA TYR A 1450 -18.95 -4.70 -41.50
C TYR A 1450 -20.44 -4.76 -41.23
N GLU A 1451 -21.15 -5.62 -41.95
CA GLU A 1451 -22.56 -5.82 -41.67
C GLU A 1451 -22.73 -6.69 -40.43
N ILE A 1452 -23.61 -6.25 -39.53
CA ILE A 1452 -23.94 -7.07 -38.38
C ILE A 1452 -24.77 -8.26 -38.84
N ALA A 1453 -24.68 -9.37 -38.10
CA ALA A 1453 -25.19 -10.67 -38.57
C ALA A 1453 -26.62 -10.57 -39.07
N ASN A 1454 -27.55 -10.16 -38.20
CA ASN A 1454 -28.95 -10.10 -38.60
C ASN A 1454 -29.69 -8.88 -38.04
N THR A 1455 -28.97 -7.81 -37.69
CA THR A 1455 -29.61 -6.61 -37.17
C THR A 1455 -29.99 -5.63 -38.27
N LYS A 1456 -29.44 -5.80 -39.46
CA LYS A 1456 -29.60 -4.94 -40.64
C LYS A 1456 -28.80 -3.64 -40.50
N LEU A 1457 -28.12 -3.41 -39.39
CA LEU A 1457 -27.26 -2.26 -39.24
C LEU A 1457 -25.90 -2.55 -39.87
N ILE A 1458 -24.97 -1.61 -39.74
CA ILE A 1458 -23.59 -1.80 -40.16
C ILE A 1458 -22.68 -1.32 -39.05
N TYR A 1459 -21.38 -1.49 -39.25
CA TYR A 1459 -20.37 -1.08 -38.28
C TYR A 1459 -19.07 -0.77 -39.01
N THR A 1460 -18.46 0.36 -38.68
CA THR A 1460 -17.22 0.80 -39.30
C THR A 1460 -16.19 1.07 -38.22
N PRO A 1461 -15.07 0.34 -38.19
CA PRO A 1461 -14.05 0.60 -37.18
C PRO A 1461 -13.45 2.00 -37.34
N ASN A 1462 -13.07 2.59 -36.21
CA ASN A 1462 -12.63 3.99 -36.16
C ASN A 1462 -11.19 4.14 -36.64
N THR A 1463 -10.97 3.77 -37.91
CA THR A 1463 -9.70 3.99 -38.57
C THR A 1463 -9.93 3.95 -40.08
N LEU A 1464 -9.07 4.66 -40.82
CA LEU A 1464 -9.26 4.85 -42.25
C LEU A 1464 -8.43 3.88 -43.10
N LEU A 1465 -7.96 2.78 -42.52
CA LEU A 1465 -7.20 1.76 -43.25
C LEU A 1465 -5.97 2.36 -43.93
N HIS A 1466 -5.31 3.30 -43.27
CA HIS A 1466 -4.15 3.96 -43.84
C HIS A 1466 -2.97 3.00 -43.91
N SER A 1467 -2.04 3.28 -44.82
CA SER A 1467 -0.85 2.45 -44.99
C SER A 1467 0.28 3.00 -44.15
N TYR A 1468 0.71 2.22 -43.16
CA TYR A 1468 1.77 2.63 -42.24
C TYR A 1468 3.12 2.01 -42.59
N ASN A 1469 3.24 1.39 -43.76
CA ASN A 1469 4.50 0.76 -44.14
C ASN A 1469 5.62 1.80 -44.24
N ASN A 1470 5.32 2.97 -44.81
CA ASN A 1470 6.33 4.01 -44.94
C ASN A 1470 6.86 4.43 -43.57
N ILE A 1471 5.96 4.73 -42.64
CA ILE A 1471 6.38 5.16 -41.31
C ILE A 1471 7.17 4.06 -40.61
N VAL A 1472 6.68 2.82 -40.69
CA VAL A 1472 7.33 1.72 -39.98
C VAL A 1472 8.74 1.51 -40.51
N LYS A 1473 8.90 1.45 -41.85
CA LYS A 1473 10.22 1.23 -42.40
C LYS A 1473 11.13 2.43 -42.20
N ALA A 1474 10.55 3.62 -42.05
CA ALA A 1474 11.38 4.82 -41.87
C ALA A 1474 11.92 4.91 -40.45
N VAL A 1475 11.14 4.50 -39.45
CA VAL A 1475 11.56 4.70 -38.06
C VAL A 1475 12.03 3.41 -37.39
N LEU A 1476 11.92 2.25 -38.06
CA LEU A 1476 12.38 1.01 -37.45
C LEU A 1476 13.89 1.03 -37.20
N ASN A 1477 14.66 1.57 -38.14
CA ASN A 1477 16.11 1.59 -37.99
C ASN A 1477 16.53 2.40 -36.77
N ASP A 1478 15.90 3.56 -36.56
CA ASP A 1478 16.25 4.40 -35.43
C ASP A 1478 15.59 3.95 -34.13
N LEU A 1479 14.57 3.10 -34.20
CA LEU A 1479 13.99 2.56 -32.97
C LEU A 1479 14.75 1.33 -32.50
N LYS A 1480 15.37 0.58 -33.41
CA LYS A 1480 16.07 -0.63 -33.01
C LYS A 1480 17.50 -0.37 -32.55
N SER A 1481 18.02 0.83 -32.79
CA SER A 1481 19.34 1.21 -32.29
C SER A 1481 19.22 1.97 -30.97
N VAL A 1482 18.57 1.34 -30.01
CA VAL A 1482 18.39 1.87 -28.67
C VAL A 1482 18.81 0.80 -27.68
N GLN A 1483 19.60 1.19 -26.68
CA GLN A 1483 20.10 0.25 -25.70
C GLN A 1483 19.72 0.70 -24.30
N TYR A 1484 19.52 -0.28 -23.41
CA TYR A 1484 19.06 0.02 -22.06
C TYR A 1484 20.10 0.78 -21.25
N ASP A 1485 21.37 0.44 -21.43
CA ASP A 1485 22.45 1.07 -20.69
C ASP A 1485 23.05 2.27 -21.40
N SER A 1486 22.46 2.71 -22.51
CA SER A 1486 22.99 3.83 -23.26
C SER A 1486 22.74 5.14 -22.51
N ASP A 1487 23.39 6.20 -22.99
CA ASP A 1487 23.22 7.53 -22.40
C ASP A 1487 21.89 8.17 -22.78
N ALA A 1488 21.31 7.79 -23.92
CA ALA A 1488 20.02 8.35 -24.33
C ALA A 1488 18.93 7.99 -23.34
N VAL A 1489 18.94 6.75 -22.84
CA VAL A 1489 17.98 6.35 -21.82
C VAL A 1489 18.19 7.14 -20.54
N ARG A 1490 19.45 7.42 -20.19
CA ARG A 1490 19.73 8.25 -19.02
C ARG A 1490 19.40 9.71 -19.24
N LYS A 1491 19.19 10.14 -20.49
CA LYS A 1491 18.75 11.50 -20.75
C LYS A 1491 17.23 11.62 -20.76
N VAL A 1492 16.52 10.63 -21.31
CA VAL A 1492 15.07 10.69 -21.31
C VAL A 1492 14.54 10.52 -19.88
N LEU A 1493 15.18 9.66 -19.10
CA LEU A 1493 14.91 9.58 -17.67
C LEU A 1493 15.71 10.67 -16.96
N ASP A 1494 15.02 11.52 -16.21
CA ASP A 1494 15.69 12.62 -15.52
C ASP A 1494 16.49 12.03 -14.35
N ILE A 1495 17.66 11.49 -14.68
CA ILE A 1495 18.46 10.71 -13.75
C ILE A 1495 19.90 11.21 -13.81
N SER A 1496 20.60 11.05 -12.69
CA SER A 1496 22.02 11.40 -12.61
C SER A 1496 22.84 10.25 -13.19
N SER A 1497 24.17 10.31 -12.98
CA SER A 1497 25.05 9.25 -13.43
C SER A 1497 25.33 8.22 -12.33
N ASN A 1498 25.12 8.58 -11.07
CA ASN A 1498 25.39 7.64 -9.98
C ASN A 1498 24.26 6.62 -9.85
N ILE A 1499 23.01 7.04 -10.08
CA ILE A 1499 21.87 6.17 -9.86
C ILE A 1499 21.86 5.05 -10.90
N LYS A 1500 21.43 3.87 -10.47
CA LYS A 1500 21.39 2.68 -11.31
C LYS A 1500 19.95 2.33 -11.68
N LEU A 1501 19.78 1.76 -12.87
CA LEU A 1501 18.47 1.43 -13.40
C LEU A 1501 17.99 0.04 -12.97
N THR A 1502 18.54 -0.50 -11.88
CA THR A 1502 18.11 -1.82 -11.44
C THR A 1502 16.66 -1.82 -10.96
N GLU A 1503 16.25 -0.77 -10.24
CA GLU A 1503 14.93 -0.75 -9.63
C GLU A 1503 13.80 -0.65 -10.66
N LEU A 1504 14.12 -0.36 -11.93
CA LEU A 1504 13.09 -0.41 -12.96
C LEU A 1504 12.66 -1.84 -13.25
N TYR A 1505 13.62 -2.78 -13.21
CA TYR A 1505 13.35 -4.21 -13.44
C TYR A 1505 12.80 -4.45 -14.84
N LEU A 1506 13.25 -3.64 -15.80
CA LEU A 1506 12.90 -3.80 -17.21
C LEU A 1506 14.10 -4.28 -18.04
N ASP A 1507 14.97 -5.10 -17.45
CA ASP A 1507 16.19 -5.50 -18.14
C ASP A 1507 15.90 -6.42 -19.32
N GLU A 1508 14.96 -7.35 -19.17
CA GLU A 1508 14.66 -8.34 -20.20
C GLU A 1508 13.50 -7.93 -21.09
N GLN A 1509 12.45 -7.34 -20.51
CA GLN A 1509 11.34 -6.88 -21.32
C GLN A 1509 11.78 -5.81 -22.32
N PHE A 1510 12.86 -5.10 -22.04
CA PHE A 1510 13.35 -4.11 -22.99
C PHE A 1510 13.77 -4.76 -24.30
N THR A 1511 14.56 -5.84 -24.22
CA THR A 1511 14.93 -6.52 -25.46
C THR A 1511 13.77 -7.32 -26.03
N LYS A 1512 12.84 -7.76 -25.18
CA LYS A 1512 11.65 -8.44 -25.69
C LYS A 1512 10.82 -7.51 -26.57
N THR A 1513 10.62 -6.26 -26.14
CA THR A 1513 9.87 -5.30 -26.95
C THR A 1513 10.71 -4.62 -28.00
N LYS A 1514 12.04 -4.73 -27.93
CA LYS A 1514 12.87 -4.22 -29.00
C LYS A 1514 12.95 -5.21 -30.16
N ALA A 1515 12.86 -6.51 -29.87
CA ALA A 1515 12.83 -7.49 -30.95
C ALA A 1515 11.48 -7.51 -31.65
N ASN A 1516 10.41 -7.25 -30.92
CA ASN A 1516 9.04 -7.29 -31.44
C ASN A 1516 8.46 -5.88 -31.59
N ILE A 1517 9.28 -4.95 -32.09
CA ILE A 1517 8.87 -3.54 -32.10
C ILE A 1517 7.98 -3.22 -33.29
N GLU A 1518 8.13 -3.93 -34.41
CA GLU A 1518 7.43 -3.51 -35.63
C GLU A 1518 5.93 -3.72 -35.52
N ASP A 1519 5.49 -4.89 -35.03
CA ASP A 1519 4.06 -5.16 -34.91
C ASP A 1519 3.40 -4.22 -33.91
N SER A 1520 4.05 -4.03 -32.75
CA SER A 1520 3.49 -3.14 -31.74
C SER A 1520 3.45 -1.71 -32.24
N LEU A 1521 4.45 -1.28 -33.00
CA LEU A 1521 4.45 0.07 -33.55
C LEU A 1521 3.35 0.25 -34.59
N SER A 1522 3.14 -0.76 -35.45
CA SER A 1522 2.07 -0.67 -36.43
C SER A 1522 0.71 -0.57 -35.74
N LYS A 1523 0.49 -1.39 -34.70
CA LYS A 1523 -0.77 -1.32 -33.97
C LYS A 1523 -0.92 0.02 -33.26
N LEU A 1524 0.17 0.54 -32.68
CA LEU A 1524 0.12 1.83 -32.01
C LEU A 1524 -0.24 2.96 -32.96
N LEU A 1525 0.36 2.96 -34.15
CA LEU A 1525 -0.01 3.96 -35.15
C LEU A 1525 -1.44 3.79 -35.60
N SER A 1526 -1.91 2.56 -35.74
CA SER A 1526 -3.29 2.32 -36.15
C SER A 1526 -4.27 2.86 -35.11
N ALA A 1527 -3.97 2.69 -33.83
CA ALA A 1527 -4.84 3.16 -32.76
C ALA A 1527 -4.52 4.57 -32.29
N ASP A 1528 -3.54 5.24 -32.89
CA ASP A 1528 -3.14 6.55 -32.42
C ASP A 1528 -4.15 7.61 -32.87
N ALA A 1529 -4.30 7.79 -34.17
CA ALA A 1529 -5.07 8.88 -34.72
C ALA A 1529 -5.63 8.45 -36.07
N VAL A 1530 -6.10 9.44 -36.84
CA VAL A 1530 -6.69 9.21 -38.15
C VAL A 1530 -5.95 10.08 -39.15
N ILE A 1531 -5.47 9.48 -40.23
CA ILE A 1531 -4.72 10.17 -41.27
C ILE A 1531 -5.47 9.99 -42.58
N ALA A 1532 -5.78 11.09 -43.26
CA ALA A 1532 -6.55 11.06 -44.49
C ALA A 1532 -5.67 11.53 -45.65
N GLU A 1533 -5.08 10.57 -46.36
CA GLU A 1533 -4.23 10.89 -47.51
C GLU A 1533 -4.29 9.75 -48.51
N ASN A 1534 -3.86 10.05 -49.74
CA ASN A 1534 -3.73 9.05 -50.79
C ASN A 1534 -2.32 8.97 -51.33
N SER A 1535 -1.69 10.09 -51.66
CA SER A 1535 -0.39 10.07 -52.33
C SER A 1535 0.71 10.91 -51.67
N ASN A 1536 0.38 12.02 -51.01
CA ASN A 1536 1.40 12.86 -50.41
C ASN A 1536 1.68 12.41 -48.97
N SER A 1537 2.83 12.82 -48.47
CA SER A 1537 3.33 12.39 -47.16
C SER A 1537 3.66 13.57 -46.28
N ILE A 1538 2.77 14.57 -46.22
CA ILE A 1538 3.02 15.71 -45.34
C ILE A 1538 2.68 15.36 -43.90
N ILE A 1539 1.81 14.38 -43.68
CA ILE A 1539 1.48 13.96 -42.32
C ILE A 1539 2.34 12.77 -41.89
N ASP A 1540 2.72 11.91 -42.83
CA ASP A 1540 3.60 10.80 -42.49
C ASP A 1540 4.96 11.31 -42.01
N ASN A 1541 5.45 12.39 -42.62
CA ASN A 1541 6.69 13.00 -42.16
C ASN A 1541 6.54 13.53 -40.74
N TYR A 1542 5.40 14.13 -40.43
CA TYR A 1542 5.17 14.61 -39.07
C TYR A 1542 5.15 13.46 -38.08
N VAL A 1543 4.52 12.34 -38.45
CA VAL A 1543 4.45 11.20 -37.54
C VAL A 1543 5.85 10.60 -37.33
N ILE A 1544 6.64 10.48 -38.40
CA ILE A 1544 7.97 9.92 -38.22
C ILE A 1544 8.86 10.87 -37.44
N GLU A 1545 8.69 12.18 -37.58
CA GLU A 1545 9.43 13.13 -36.76
C GLU A 1545 9.05 12.99 -35.29
N LYS A 1546 7.74 12.86 -35.01
CA LYS A 1546 7.29 12.70 -33.64
C LYS A 1546 7.86 11.43 -33.01
N ILE A 1547 7.88 10.34 -33.77
CA ILE A 1547 8.40 9.09 -33.21
C ILE A 1547 9.92 9.15 -33.07
N LYS A 1548 10.62 9.72 -34.05
CA LYS A 1548 12.08 9.77 -34.01
C LYS A 1548 12.57 10.63 -32.86
N ASN A 1549 11.95 11.80 -32.66
CA ASN A 1549 12.41 12.69 -31.60
C ASN A 1549 12.20 12.10 -30.21
N ASN A 1550 11.27 11.15 -30.08
CA ASN A 1550 10.92 10.56 -28.80
C ASN A 1550 11.06 9.04 -28.85
N LYS A 1551 12.10 8.54 -29.52
CA LYS A 1551 12.23 7.10 -29.67
C LYS A 1551 12.53 6.43 -28.33
N GLU A 1552 13.41 7.00 -27.52
CA GLU A 1552 13.74 6.42 -26.22
C GLU A 1552 12.52 6.42 -25.31
N ALA A 1553 11.78 7.53 -25.27
CA ALA A 1553 10.59 7.60 -24.44
C ALA A 1553 9.51 6.64 -24.92
N LEU A 1554 9.32 6.57 -26.24
CA LEU A 1554 8.35 5.63 -26.79
C LEU A 1554 8.68 4.20 -26.39
N LEU A 1555 9.96 3.82 -26.54
CA LEU A 1555 10.33 2.44 -26.28
C LEU A 1555 10.28 2.12 -24.79
N LEU A 1556 10.60 3.10 -23.94
CA LEU A 1556 10.52 2.87 -22.50
C LEU A 1556 9.07 2.74 -22.04
N GLY A 1557 8.18 3.61 -22.52
CA GLY A 1557 6.78 3.48 -22.17
C GLY A 1557 6.18 2.19 -22.67
N LEU A 1558 6.51 1.80 -23.89
CA LEU A 1558 6.03 0.53 -24.44
C LEU A 1558 6.54 -0.65 -23.62
N THR A 1559 7.81 -0.62 -23.23
CA THR A 1559 8.37 -1.69 -22.43
C THR A 1559 7.70 -1.78 -21.06
N TYR A 1560 7.46 -0.63 -20.43
CA TYR A 1560 6.80 -0.62 -19.13
C TYR A 1560 5.40 -1.21 -19.23
N LEU A 1561 4.59 -0.71 -20.17
CA LEU A 1561 3.21 -1.17 -20.28
C LEU A 1561 3.12 -2.61 -20.75
N GLU A 1562 4.12 -3.10 -21.49
CA GLU A 1562 4.12 -4.50 -21.89
C GLU A 1562 4.60 -5.41 -20.76
N ARG A 1563 5.48 -4.91 -19.89
CA ARG A 1563 6.00 -5.72 -18.81
C ARG A 1563 4.97 -5.90 -17.71
N TRP A 1564 4.31 -4.81 -17.30
CA TRP A 1564 3.46 -4.90 -16.11
C TRP A 1564 2.01 -5.21 -16.42
N TYR A 1565 1.62 -5.36 -17.68
CA TYR A 1565 0.23 -5.60 -18.06
C TYR A 1565 0.13 -6.76 -19.03
N ASN A 1566 0.80 -7.87 -18.71
CA ASN A 1566 0.81 -9.04 -19.57
C ASN A 1566 -0.32 -10.02 -19.28
N PHE A 1567 -1.08 -9.83 -18.22
CA PHE A 1567 -2.16 -10.76 -17.89
C PHE A 1567 -3.27 -10.66 -18.92
N LYS A 1568 -4.15 -11.67 -18.95
CA LYS A 1568 -5.23 -11.73 -19.91
C LYS A 1568 -6.53 -12.09 -19.23
N TYR A 1569 -7.64 -11.58 -19.75
CA TYR A 1569 -8.97 -11.95 -19.30
C TYR A 1569 -9.57 -12.94 -20.30
N ASP A 1570 -9.43 -14.23 -20.02
CA ASP A 1570 -9.97 -15.29 -20.87
C ASP A 1570 -9.50 -15.14 -22.31
N ASN A 1571 -8.19 -15.30 -22.52
CA ASN A 1571 -7.51 -15.32 -23.82
C ASN A 1571 -7.44 -13.96 -24.49
N THR A 1572 -7.86 -12.89 -23.81
CA THR A 1572 -7.79 -11.53 -24.35
C THR A 1572 -6.76 -10.76 -23.52
N SER A 1573 -5.56 -10.59 -24.07
CA SER A 1573 -4.48 -9.98 -23.33
C SER A 1573 -4.85 -8.56 -22.90
N ALA A 1574 -4.41 -8.18 -21.70
CA ALA A 1574 -4.74 -6.86 -21.19
C ALA A 1574 -3.77 -5.81 -21.67
N LYS A 1575 -2.62 -6.21 -22.21
CA LYS A 1575 -1.71 -5.24 -22.80
C LYS A 1575 -2.33 -4.60 -24.03
N ASP A 1576 -3.17 -5.36 -24.74
CA ASP A 1576 -3.93 -4.77 -25.85
C ASP A 1576 -4.92 -3.73 -25.35
N LEU A 1577 -5.68 -4.05 -24.29
CA LEU A 1577 -6.68 -3.12 -23.81
C LEU A 1577 -6.06 -1.91 -23.11
N VAL A 1578 -4.80 -2.02 -22.68
CA VAL A 1578 -4.16 -0.95 -21.94
C VAL A 1578 -3.36 -0.07 -22.88
N LEU A 1579 -2.45 -0.68 -23.66
CA LEU A 1579 -1.71 0.08 -24.66
C LEU A 1579 -2.65 0.67 -25.70
N TYR A 1580 -3.55 -0.14 -26.21
CA TYR A 1580 -4.46 0.27 -27.26
C TYR A 1580 -5.82 0.49 -26.62
N HIS A 1581 -6.83 0.77 -27.45
CA HIS A 1581 -8.21 0.84 -26.99
C HIS A 1581 -8.37 1.67 -25.72
N LEU A 1582 -7.87 2.92 -25.77
CA LEU A 1582 -8.02 3.81 -24.63
C LEU A 1582 -9.48 4.18 -24.42
N ASP A 1583 -10.29 4.04 -25.47
CA ASP A 1583 -11.70 4.40 -25.43
C ASP A 1583 -12.59 3.31 -24.84
N PHE A 1584 -12.02 2.33 -24.13
CA PHE A 1584 -12.82 1.21 -23.65
C PHE A 1584 -13.76 1.64 -22.53
N PHE A 1585 -13.42 2.72 -21.81
CA PHE A 1585 -14.22 3.23 -20.71
C PHE A 1585 -14.84 4.57 -21.03
N GLY A 1586 -15.08 4.86 -22.30
CA GLY A 1586 -15.30 6.23 -22.72
C GLY A 1586 -13.97 6.91 -22.91
N LYS A 1587 -14.00 8.25 -22.83
CA LYS A 1587 -12.78 9.05 -22.96
C LYS A 1587 -12.05 8.70 -24.26
N SER A 1588 -12.76 8.82 -25.37
CA SER A 1588 -12.17 8.46 -26.66
C SER A 1588 -11.28 9.58 -27.19
N ASN A 1589 -11.27 10.73 -26.51
CA ASN A 1589 -10.46 11.87 -26.90
C ASN A 1589 -8.98 11.49 -26.92
N SER A 1590 -8.59 10.61 -26.01
CA SER A 1590 -7.17 10.29 -25.83
C SER A 1590 -6.63 9.49 -27.02
N SER A 1591 -5.31 9.52 -27.15
CA SER A 1591 -4.60 8.82 -28.22
C SER A 1591 -3.52 7.93 -27.62
N ALA A 1592 -3.29 6.79 -28.26
CA ALA A 1592 -2.40 5.78 -27.71
C ALA A 1592 -0.93 6.21 -27.78
N LEU A 1593 -0.51 6.73 -28.93
CA LEU A 1593 0.89 7.08 -29.10
C LEU A 1593 1.32 8.19 -28.14
N ASP A 1594 0.49 9.21 -27.99
CA ASP A 1594 0.81 10.29 -27.06
C ASP A 1594 0.81 9.80 -25.62
N ASN A 1595 -0.09 8.89 -25.28
CA ASN A 1595 -0.10 8.31 -23.94
C ASN A 1595 1.21 7.56 -23.67
N VAL A 1596 1.65 6.74 -24.62
CA VAL A 1596 2.88 5.99 -24.45
C VAL A 1596 4.08 6.94 -24.34
N ILE A 1597 4.10 7.98 -25.18
CA ILE A 1597 5.20 8.95 -25.13
C ILE A 1597 5.25 9.63 -23.77
N GLU A 1598 4.11 10.12 -23.28
CA GLU A 1598 4.09 10.87 -22.04
C GLU A 1598 4.36 9.97 -20.85
N LEU A 1599 4.07 8.67 -20.97
CA LEU A 1599 4.50 7.73 -19.93
C LEU A 1599 6.00 7.53 -19.99
N GLY A 1600 6.58 7.46 -21.19
CA GLY A 1600 8.01 7.30 -21.30
C GLY A 1600 8.79 8.47 -20.73
N LYS A 1601 8.31 9.69 -20.98
CA LYS A 1601 8.96 10.89 -20.48
C LYS A 1601 8.66 11.18 -19.01
N SER A 1602 7.96 10.27 -18.33
CA SER A 1602 7.51 10.55 -16.96
C SER A 1602 8.67 10.71 -16.00
N GLY A 1603 9.80 10.08 -16.29
CA GLY A 1603 10.98 10.16 -15.43
C GLY A 1603 11.24 8.84 -14.73
N PHE A 1604 12.35 8.83 -13.98
CA PHE A 1604 12.79 7.61 -13.32
C PHE A 1604 11.85 7.21 -12.20
N ASN A 1605 11.24 8.17 -11.51
CA ASN A 1605 10.44 7.84 -10.34
C ASN A 1605 9.08 7.26 -10.73
N ASN A 1606 8.46 7.80 -11.79
CA ASN A 1606 7.14 7.30 -12.18
C ASN A 1606 7.22 5.96 -12.88
N LEU A 1607 8.29 5.70 -13.62
CA LEU A 1607 8.50 4.40 -14.27
C LEU A 1607 9.00 3.34 -13.31
N LEU A 1608 9.25 3.71 -12.05
CA LEU A 1608 9.81 2.78 -11.09
C LEU A 1608 8.84 1.61 -10.84
N ALA A 1609 9.40 0.43 -10.60
CA ALA A 1609 8.58 -0.77 -10.49
C ALA A 1609 7.73 -0.76 -9.24
N LYS A 1610 8.24 -0.20 -8.14
CA LYS A 1610 7.49 -0.20 -6.89
C LYS A 1610 6.23 0.66 -6.98
N ASN A 1611 6.23 1.62 -7.91
CA ASN A 1611 5.19 2.65 -7.98
C ASN A 1611 4.21 2.41 -9.11
N ASN A 1612 3.92 1.15 -9.46
CA ASN A 1612 3.05 0.91 -10.61
C ASN A 1612 1.63 1.39 -10.35
N VAL A 1613 1.09 1.12 -9.16
CA VAL A 1613 -0.27 1.52 -8.85
C VAL A 1613 -0.37 3.05 -8.79
N ILE A 1614 0.60 3.70 -8.17
CA ILE A 1614 0.57 5.16 -8.06
C ILE A 1614 0.75 5.80 -9.42
N THR A 1615 1.66 5.26 -10.23
CA THR A 1615 1.86 5.76 -11.59
C THR A 1615 0.58 5.66 -12.39
N TYR A 1616 -0.10 4.51 -12.34
CA TYR A 1616 -1.37 4.40 -13.03
C TYR A 1616 -2.35 5.45 -12.52
N ASN A 1617 -2.54 5.53 -11.20
CA ASN A 1617 -3.58 6.38 -10.64
C ASN A 1617 -3.36 7.85 -11.00
N VAL A 1618 -2.11 8.30 -11.01
CA VAL A 1618 -1.84 9.73 -11.17
C VAL A 1618 -1.42 10.13 -12.59
N LEU A 1619 -1.01 9.19 -13.43
CA LEU A 1619 -0.61 9.49 -14.80
C LEU A 1619 -1.39 8.70 -15.83
N LEU A 1620 -1.53 7.39 -15.66
CA LEU A 1620 -2.15 6.57 -16.69
C LEU A 1620 -3.65 6.75 -16.68
N SER A 1621 -4.25 6.95 -15.51
CA SER A 1621 -5.64 7.34 -15.45
C SER A 1621 -5.82 8.71 -16.11
N LYS A 1622 -7.08 9.15 -16.19
CA LYS A 1622 -7.50 10.37 -16.89
C LYS A 1622 -7.03 10.38 -18.33
N ASN A 1623 -6.49 9.24 -18.79
CA ASN A 1623 -6.33 8.93 -20.20
C ASN A 1623 -7.21 7.76 -20.62
N TYR A 1624 -7.69 6.98 -19.66
CA TYR A 1624 -8.63 5.90 -19.90
C TYR A 1624 -10.04 6.21 -19.41
N GLY A 1625 -10.20 7.19 -18.52
CA GLY A 1625 -11.48 7.48 -17.92
C GLY A 1625 -11.75 6.75 -16.63
N THR A 1626 -10.86 5.85 -16.20
CA THR A 1626 -11.06 5.06 -15.01
C THR A 1626 -10.87 5.92 -13.76
N GLU A 1627 -11.01 5.29 -12.60
CA GLU A 1627 -10.79 5.92 -11.31
C GLU A 1627 -9.48 5.50 -10.66
N GLY A 1628 -9.19 4.20 -10.68
CA GLY A 1628 -7.95 3.68 -10.15
C GLY A 1628 -7.53 2.46 -10.95
N LEU A 1629 -6.36 1.92 -10.60
CA LEU A 1629 -5.86 0.74 -11.31
C LEU A 1629 -6.74 -0.47 -11.07
N PHE A 1630 -7.07 -0.74 -9.81
CA PHE A 1630 -7.85 -1.93 -9.49
C PHE A 1630 -9.30 -1.78 -9.93
N LYS A 1631 -9.82 -0.56 -9.94
CA LYS A 1631 -11.14 -0.33 -10.52
C LYS A 1631 -11.14 -0.59 -12.02
N ALA A 1632 -10.04 -0.22 -12.70
CA ALA A 1632 -9.92 -0.53 -14.12
C ALA A 1632 -9.85 -2.03 -14.37
N LEU A 1633 -9.08 -2.75 -13.54
CA LEU A 1633 -9.03 -4.20 -13.67
C LEU A 1633 -10.40 -4.83 -13.43
N GLU A 1634 -11.13 -4.32 -12.44
CA GLU A 1634 -12.47 -4.82 -12.17
C GLU A 1634 -13.41 -4.53 -13.33
N GLY A 1635 -13.27 -3.37 -13.96
CA GLY A 1635 -14.09 -3.07 -15.13
C GLY A 1635 -13.81 -4.01 -16.30
N TYR A 1636 -12.53 -4.25 -16.57
CA TYR A 1636 -12.16 -5.20 -17.60
C TYR A 1636 -12.70 -6.58 -17.29
N ARG A 1637 -12.63 -7.00 -16.02
CA ARG A 1637 -13.18 -8.29 -15.63
C ARG A 1637 -14.70 -8.32 -15.77
N LYS A 1638 -15.36 -7.19 -15.53
CA LYS A 1638 -16.81 -7.13 -15.71
C LYS A 1638 -17.18 -7.30 -17.17
N VAL A 1639 -16.41 -6.70 -18.07
CA VAL A 1639 -16.72 -6.82 -19.50
C VAL A 1639 -16.25 -8.14 -20.10
N PHE A 1640 -14.96 -8.47 -19.99
CA PHE A 1640 -14.43 -9.74 -20.42
C PHE A 1640 -14.49 -10.73 -19.27
N LEU A 1641 -14.97 -11.94 -19.54
CA LEU A 1641 -15.08 -12.96 -18.50
C LEU A 1641 -16.00 -12.46 -17.39
N PRO A 1642 -17.31 -12.36 -17.64
CA PRO A 1642 -18.22 -11.91 -16.57
C PRO A 1642 -18.63 -13.05 -15.66
N ASN A 1643 -19.59 -12.79 -14.77
CA ASN A 1643 -20.18 -13.77 -13.85
C ASN A 1643 -19.15 -14.62 -13.10
N VAL A 1644 -17.92 -14.11 -12.99
CA VAL A 1644 -16.85 -14.77 -12.24
C VAL A 1644 -16.26 -13.75 -11.28
N SER A 1645 -16.22 -14.11 -10.00
CA SER A 1645 -15.66 -13.21 -8.99
C SER A 1645 -14.21 -12.89 -9.32
N ASN A 1646 -13.83 -11.63 -9.13
CA ASN A 1646 -12.49 -11.19 -9.50
C ASN A 1646 -11.40 -11.91 -8.72
N ASN A 1647 -11.70 -12.45 -7.55
CA ASN A 1647 -10.71 -13.25 -6.84
C ASN A 1647 -10.42 -14.55 -7.58
N ASP A 1648 -11.47 -15.18 -8.14
CA ASP A 1648 -11.26 -16.39 -8.93
C ASP A 1648 -10.45 -16.09 -10.19
N TRP A 1649 -10.73 -14.94 -10.83
CA TRP A 1649 -9.94 -14.55 -11.98
C TRP A 1649 -8.48 -14.33 -11.60
N PHE A 1650 -8.24 -13.67 -10.46
CA PHE A 1650 -6.86 -13.47 -10.01
C PHE A 1650 -6.17 -14.80 -9.75
N LYS A 1651 -6.87 -15.74 -9.11
CA LYS A 1651 -6.25 -17.02 -8.79
C LYS A 1651 -6.00 -17.86 -10.03
N THR A 1652 -6.82 -17.70 -11.07
CA THR A 1652 -6.57 -18.46 -12.29
C THR A 1652 -5.57 -17.76 -13.21
N GLN A 1653 -5.33 -16.47 -13.00
CA GLN A 1653 -4.31 -15.75 -13.76
C GLN A 1653 -2.95 -15.79 -13.09
N SER A 1654 -2.90 -15.61 -11.77
CA SER A 1654 -1.63 -15.62 -11.07
C SER A 1654 -1.00 -17.00 -11.13
N LYS A 1655 0.31 -17.04 -11.39
CA LYS A 1655 1.06 -18.27 -11.43
C LYS A 1655 1.69 -18.63 -10.09
N ALA A 1656 1.40 -17.87 -9.05
CA ALA A 1656 1.85 -18.22 -7.71
C ALA A 1656 0.92 -19.28 -7.13
N TYR A 1657 1.51 -20.24 -6.41
CA TYR A 1657 0.72 -21.31 -5.81
C TYR A 1657 -0.06 -20.78 -4.62
N ILE A 1658 -1.25 -20.24 -4.88
CA ILE A 1658 -2.05 -19.60 -3.84
C ILE A 1658 -2.88 -20.66 -3.12
N VAL A 1659 -2.76 -20.71 -1.80
CA VAL A 1659 -3.56 -21.60 -0.97
C VAL A 1659 -4.29 -20.74 0.07
N GLU A 1660 -5.60 -20.92 0.17
CA GLU A 1660 -6.43 -20.19 1.11
C GLU A 1660 -7.17 -21.19 1.98
N GLU A 1661 -6.99 -21.07 3.30
CA GLU A 1661 -7.61 -21.98 4.26
C GLU A 1661 -8.65 -21.22 5.06
N LYS A 1662 -9.93 -21.49 4.77
CA LYS A 1662 -11.02 -20.91 5.54
C LYS A 1662 -11.18 -21.67 6.84
N SER A 1663 -11.48 -20.93 7.91
CA SER A 1663 -11.49 -21.52 9.25
C SER A 1663 -12.59 -22.59 9.35
N THR A 1664 -12.39 -23.53 10.27
CA THR A 1664 -13.28 -24.68 10.37
C THR A 1664 -14.62 -24.33 10.99
N ILE A 1665 -14.74 -23.20 11.68
CA ILE A 1665 -16.02 -22.82 12.27
C ILE A 1665 -17.00 -22.47 11.15
N PRO A 1666 -18.23 -22.99 11.18
CA PRO A 1666 -19.16 -22.71 10.06
C PRO A 1666 -19.47 -21.24 9.86
N GLU A 1667 -19.65 -20.47 10.93
CA GLU A 1667 -20.06 -19.08 10.78
C GLU A 1667 -18.96 -18.24 10.13
N VAL A 1668 -17.73 -18.40 10.59
CA VAL A 1668 -16.63 -17.64 10.01
C VAL A 1668 -16.37 -18.11 8.58
N SER A 1669 -16.55 -19.41 8.31
CA SER A 1669 -16.40 -19.90 6.94
C SER A 1669 -17.42 -19.26 6.01
N SER A 1670 -18.67 -19.14 6.48
CA SER A 1670 -19.69 -18.46 5.68
C SER A 1670 -19.35 -16.99 5.48
N LYS A 1671 -18.81 -16.34 6.52
CA LYS A 1671 -18.39 -14.95 6.37
C LYS A 1671 -17.28 -14.80 5.33
N GLN A 1672 -16.32 -15.72 5.33
CA GLN A 1672 -15.18 -15.60 4.44
C GLN A 1672 -15.54 -15.98 3.01
N SER A 1673 -16.46 -16.91 2.82
CA SER A 1673 -16.79 -17.36 1.48
C SER A 1673 -17.62 -16.36 0.69
N LYS A 1674 -17.82 -15.15 1.18
CA LYS A 1674 -18.53 -14.10 0.45
C LYS A 1674 -17.51 -13.10 -0.10
N GLN A 1675 -17.58 -12.85 -1.40
CA GLN A 1675 -16.59 -12.03 -2.08
C GLN A 1675 -16.66 -10.56 -1.67
N GLY A 1676 -17.71 -10.15 -0.98
CA GLY A 1676 -17.75 -8.81 -0.42
C GLY A 1676 -16.62 -8.60 0.58
N THR A 1677 -15.86 -7.53 0.40
CA THR A 1677 -14.63 -7.35 1.15
C THR A 1677 -14.94 -7.04 2.62
N GLU A 1678 -13.87 -6.84 3.39
CA GLU A 1678 -13.82 -6.58 4.82
C GLU A 1678 -14.10 -7.87 5.62
N HIS A 1679 -14.53 -8.94 4.96
CA HIS A 1679 -14.58 -10.27 5.58
C HIS A 1679 -14.08 -11.38 4.66
N SER A 1680 -13.82 -11.09 3.39
CA SER A 1680 -13.41 -12.13 2.45
C SER A 1680 -12.01 -12.63 2.76
N ILE A 1681 -11.76 -13.88 2.36
CA ILE A 1681 -10.43 -14.47 2.47
C ILE A 1681 -9.67 -14.42 1.15
N GLY A 1682 -10.34 -14.08 0.06
CA GLY A 1682 -9.67 -14.03 -1.23
C GLY A 1682 -8.50 -13.05 -1.20
N VAL A 1683 -7.38 -13.48 -1.78
CA VAL A 1683 -6.17 -12.67 -1.72
C VAL A 1683 -6.31 -11.40 -2.53
N TYR A 1684 -7.10 -11.42 -3.61
CA TYR A 1684 -7.29 -10.22 -4.40
C TYR A 1684 -8.19 -9.21 -3.72
N ASP A 1685 -9.13 -9.67 -2.88
CA ASP A 1685 -9.99 -8.75 -2.16
C ASP A 1685 -9.27 -8.06 -1.01
N ARG A 1686 -8.07 -8.52 -0.66
CA ARG A 1686 -7.28 -7.91 0.40
C ARG A 1686 -6.06 -7.18 -0.12
N LEU A 1687 -5.45 -7.67 -1.20
CA LEU A 1687 -4.29 -6.99 -1.78
C LEU A 1687 -4.68 -5.64 -2.37
N THR A 1688 -5.87 -5.54 -2.95
CA THR A 1688 -6.32 -4.31 -3.57
C THR A 1688 -7.10 -3.40 -2.63
N SER A 1689 -7.41 -3.86 -1.44
CA SER A 1689 -8.16 -3.04 -0.50
C SER A 1689 -7.23 -2.06 0.22
N PRO A 1690 -7.76 -0.94 0.70
CA PRO A 1690 -6.96 -0.05 1.54
C PRO A 1690 -6.54 -0.74 2.84
N SER A 1691 -5.73 -0.03 3.62
CA SER A 1691 -5.10 -0.56 4.83
C SER A 1691 -4.18 -1.74 4.52
N TRP A 1692 -3.70 -1.82 3.28
CA TRP A 1692 -2.67 -2.77 2.86
C TRP A 1692 -1.55 -1.95 2.26
N LYS A 1693 -0.38 -1.97 2.92
CA LYS A 1693 0.69 -1.05 2.55
C LYS A 1693 1.19 -1.30 1.14
N TYR A 1694 1.49 -2.56 0.82
CA TYR A 1694 2.13 -2.88 -0.45
C TYR A 1694 1.07 -3.34 -1.46
N GLN A 1695 0.40 -2.35 -2.04
CA GLN A 1695 -0.58 -2.64 -3.07
C GLN A 1695 0.06 -2.87 -4.43
N SER A 1696 1.35 -2.57 -4.57
CA SER A 1696 2.03 -2.83 -5.83
C SER A 1696 2.40 -4.30 -5.97
N MET A 1697 1.82 -5.16 -5.13
CA MET A 1697 2.06 -6.59 -5.22
C MET A 1697 1.18 -7.25 -6.28
N VAL A 1698 0.08 -6.62 -6.67
CA VAL A 1698 -0.92 -7.29 -7.51
C VAL A 1698 -0.39 -7.47 -8.92
N LEU A 1699 0.15 -6.40 -9.52
CA LEU A 1699 0.61 -6.50 -10.90
C LEU A 1699 1.75 -7.48 -11.08
N PRO A 1700 2.80 -7.48 -10.24
CA PRO A 1700 3.81 -8.55 -10.35
C PRO A 1700 3.25 -9.94 -10.13
N LEU A 1701 2.24 -10.08 -9.27
CA LEU A 1701 1.68 -11.40 -9.02
C LEU A 1701 0.90 -11.91 -10.23
N LEU A 1702 0.18 -11.01 -10.92
CA LEU A 1702 -0.50 -11.41 -12.14
C LEU A 1702 0.50 -11.70 -13.26
N THR A 1703 1.54 -10.88 -13.36
CA THR A 1703 2.55 -11.04 -14.41
C THR A 1703 3.76 -11.79 -13.86
N LEU A 1704 3.57 -13.08 -13.63
CA LEU A 1704 4.62 -13.93 -13.10
C LEU A 1704 5.07 -14.90 -14.19
N PRO A 1705 6.36 -14.97 -14.51
CA PRO A 1705 6.79 -15.68 -15.73
C PRO A 1705 6.74 -17.20 -15.69
N GLU A 1706 7.25 -17.84 -14.63
CA GLU A 1706 7.69 -19.23 -14.72
C GLU A 1706 6.77 -20.24 -14.06
N GLU A 1707 5.80 -19.81 -13.26
CA GLU A 1707 4.73 -20.59 -12.66
C GLU A 1707 5.20 -21.47 -11.48
N LYS A 1708 6.51 -21.64 -11.26
CA LYS A 1708 7.00 -22.23 -10.01
C LYS A 1708 8.12 -21.34 -9.48
N MET A 1709 7.74 -20.23 -8.86
CA MET A 1709 8.69 -19.40 -8.14
C MET A 1709 8.16 -18.85 -6.82
N ILE A 1710 6.84 -18.75 -6.63
CA ILE A 1710 6.25 -18.13 -5.47
C ILE A 1710 5.07 -18.97 -5.01
N PHE A 1711 4.98 -19.18 -3.71
CA PHE A 1711 3.79 -19.78 -3.11
C PHE A 1711 3.20 -18.79 -2.12
N MET A 1712 1.87 -18.79 -2.03
CA MET A 1712 1.15 -17.78 -1.26
C MET A 1712 0.23 -18.49 -0.29
N ILE A 1713 0.47 -18.29 1.00
CA ILE A 1713 -0.34 -18.88 2.06
C ILE A 1713 -1.20 -17.77 2.63
N ALA A 1714 -2.51 -17.87 2.43
CA ALA A 1714 -3.47 -16.92 2.97
C ALA A 1714 -4.34 -17.59 4.01
N ASN A 1715 -4.73 -16.81 5.02
CA ASN A 1715 -5.57 -17.30 6.10
C ASN A 1715 -6.41 -16.14 6.60
N ILE A 1716 -7.21 -16.41 7.62
CA ILE A 1716 -7.80 -15.33 8.41
C ILE A 1716 -6.68 -14.62 9.15
N SER A 1717 -6.66 -13.28 9.03
CA SER A 1717 -5.74 -12.42 9.78
C SER A 1717 -4.29 -12.54 9.34
N THR A 1718 -4.02 -13.06 8.13
CA THR A 1718 -2.66 -13.07 7.62
C THR A 1718 -2.69 -13.42 6.14
N ILE A 1719 -1.62 -13.04 5.44
CA ILE A 1719 -1.39 -13.44 4.06
C ILE A 1719 0.12 -13.54 3.85
N GLY A 1720 0.60 -14.74 3.52
CA GLY A 1720 2.03 -14.99 3.53
C GLY A 1720 2.63 -15.36 2.19
N PHE A 1721 3.77 -14.76 1.87
CA PHE A 1721 4.46 -15.00 0.61
C PHE A 1721 5.77 -15.74 0.87
N GLY A 1722 6.14 -16.61 -0.05
CA GLY A 1722 7.37 -17.37 0.08
C GLY A 1722 8.12 -17.46 -1.22
N ALA A 1723 8.90 -18.52 -1.39
CA ALA A 1723 9.63 -18.75 -2.63
C ALA A 1723 10.03 -20.21 -2.70
N TYR A 1724 9.78 -20.85 -3.85
CA TYR A 1724 10.22 -22.22 -4.03
C TYR A 1724 11.72 -22.35 -3.91
N ASP A 1725 12.46 -21.33 -4.34
CA ASP A 1725 13.92 -21.38 -4.28
C ASP A 1725 14.46 -21.23 -2.86
N ARG A 1726 13.62 -20.92 -1.88
CA ARG A 1726 14.08 -20.87 -0.51
C ARG A 1726 14.30 -22.27 0.05
N TYR A 1727 13.42 -23.21 -0.28
CA TYR A 1727 13.54 -24.58 0.18
C TYR A 1727 14.33 -25.45 -0.77
N ARG A 1728 14.86 -24.87 -1.85
CA ARG A 1728 15.74 -25.58 -2.76
C ARG A 1728 17.04 -25.94 -2.04
N SER A 1729 17.55 -27.13 -2.32
CA SER A 1729 18.76 -27.63 -1.68
C SER A 1729 19.25 -28.83 -2.47
N SER A 1730 20.34 -29.43 -1.99
CA SER A 1730 20.88 -30.62 -2.64
C SER A 1730 19.93 -31.80 -2.52
N GLU A 1731 19.13 -31.85 -1.44
CA GLU A 1731 18.14 -32.91 -1.29
C GLU A 1731 16.86 -32.60 -2.06
N TYR A 1732 16.66 -31.36 -2.49
CA TYR A 1732 15.46 -30.94 -3.21
C TYR A 1732 15.88 -30.17 -4.45
N PRO A 1733 16.10 -30.85 -5.57
CA PRO A 1733 16.48 -30.16 -6.80
C PRO A 1733 15.35 -29.32 -7.36
N LYS A 1734 15.59 -28.69 -8.52
CA LYS A 1734 14.64 -27.71 -9.05
C LYS A 1734 13.33 -28.36 -9.48
N GLY A 1735 13.38 -29.61 -9.93
CA GLY A 1735 12.22 -30.19 -10.58
C GLY A 1735 11.55 -31.38 -9.93
N ASP A 1736 10.24 -31.27 -9.73
CA ASP A 1736 9.35 -32.39 -9.42
C ASP A 1736 9.57 -32.98 -8.03
N LYS A 1737 10.58 -32.52 -7.31
CA LYS A 1737 10.77 -32.85 -5.90
C LYS A 1737 10.53 -31.64 -5.01
N LEU A 1738 11.19 -30.53 -5.32
CA LEU A 1738 10.91 -29.28 -4.64
C LEU A 1738 9.45 -28.89 -4.81
N ASN A 1739 8.87 -29.15 -5.99
CA ASN A 1739 7.49 -28.78 -6.23
C ASN A 1739 6.55 -29.52 -5.27
N ARG A 1740 6.67 -30.85 -5.21
CA ARG A 1740 5.78 -31.61 -4.34
C ARG A 1740 6.03 -31.27 -2.87
N PHE A 1741 7.30 -31.10 -2.50
CA PHE A 1741 7.61 -30.78 -1.10
C PHE A 1741 6.99 -29.44 -0.72
N VAL A 1742 7.18 -28.42 -1.54
CA VAL A 1742 6.69 -27.09 -1.20
C VAL A 1742 5.17 -27.07 -1.21
N GLU A 1743 4.53 -27.77 -2.14
CA GLU A 1743 3.07 -27.78 -2.17
C GLU A 1743 2.49 -28.47 -0.93
N GLU A 1744 3.01 -29.66 -0.61
CA GLU A 1744 2.50 -30.37 0.56
C GLU A 1744 2.74 -29.60 1.84
N ASN A 1745 3.95 -29.06 2.00
CA ASN A 1745 4.25 -28.31 3.22
C ASN A 1745 3.50 -27.00 3.29
N ALA A 1746 3.21 -26.37 2.14
CA ALA A 1746 2.40 -25.16 2.15
C ALA A 1746 0.98 -25.48 2.60
N GLN A 1747 0.41 -26.57 2.12
CA GLN A 1747 -0.93 -26.95 2.58
C GLN A 1747 -0.92 -27.24 4.08
N ALA A 1748 0.09 -27.97 4.56
CA ALA A 1748 0.16 -28.29 5.98
C ALA A 1748 0.31 -27.02 6.82
N ALA A 1749 1.17 -26.09 6.40
CA ALA A 1749 1.39 -24.88 7.17
C ALA A 1749 0.15 -23.99 7.15
N ALA A 1750 -0.55 -23.93 6.03
CA ALA A 1750 -1.80 -23.18 5.97
C ALA A 1750 -2.83 -23.77 6.93
N LYS A 1751 -2.92 -25.10 6.98
CA LYS A 1751 -3.83 -25.73 7.93
C LYS A 1751 -3.45 -25.42 9.37
N ARG A 1752 -2.14 -25.42 9.68
CA ARG A 1752 -1.72 -25.12 11.04
C ARG A 1752 -2.02 -23.67 11.43
N PHE A 1753 -1.77 -22.73 10.53
CA PHE A 1753 -2.08 -21.33 10.83
C PHE A 1753 -3.58 -21.13 11.00
N ARG A 1754 -4.37 -21.79 10.16
CA ARG A 1754 -5.83 -21.71 10.31
C ARG A 1754 -6.26 -22.29 11.64
N ASP A 1755 -5.61 -23.37 12.08
CA ASP A 1755 -5.91 -23.93 13.40
C ASP A 1755 -5.59 -22.93 14.51
N HIS A 1756 -4.47 -22.23 14.39
CA HIS A 1756 -4.09 -21.26 15.41
C HIS A 1756 -5.14 -20.15 15.53
N TYR A 1757 -5.50 -19.53 14.41
CA TYR A 1757 -6.53 -18.49 14.53
C TYR A 1757 -7.93 -19.04 14.76
N ASP A 1758 -8.18 -20.33 14.50
CA ASP A 1758 -9.45 -20.89 14.95
C ASP A 1758 -9.50 -20.97 16.47
N TYR A 1759 -8.40 -21.40 17.09
CA TYR A 1759 -8.33 -21.42 18.54
C TYR A 1759 -8.48 -20.02 19.11
N TRP A 1760 -7.78 -19.04 18.53
CA TRP A 1760 -7.89 -17.68 19.05
C TRP A 1760 -9.24 -17.03 18.74
N TYR A 1761 -9.93 -17.46 17.68
CA TYR A 1761 -11.27 -16.95 17.41
C TYR A 1761 -12.27 -17.54 18.39
N LYS A 1762 -12.03 -18.77 18.85
CA LYS A 1762 -12.87 -19.32 19.91
C LYS A 1762 -12.61 -18.63 21.24
N ILE A 1763 -11.34 -18.39 21.58
CA ILE A 1763 -10.99 -17.87 22.90
C ILE A 1763 -11.43 -16.42 23.05
N LEU A 1764 -11.24 -15.61 22.00
CA LEU A 1764 -11.68 -14.22 22.08
C LEU A 1764 -13.20 -14.15 22.12
N ASP A 1765 -13.74 -13.32 23.01
CA ASP A 1765 -15.18 -13.25 23.19
C ASP A 1765 -15.72 -11.83 23.10
N LYS A 1766 -14.97 -10.85 23.62
CA LYS A 1766 -15.50 -9.49 23.73
C LYS A 1766 -15.42 -8.75 22.40
N GLU A 1767 -16.02 -9.31 21.36
CA GLU A 1767 -16.06 -8.75 20.01
C GLU A 1767 -14.69 -8.33 19.49
N ASN A 1768 -13.61 -8.87 20.07
CA ASN A 1768 -12.29 -8.77 19.47
C ASN A 1768 -12.11 -9.74 18.32
N LYS A 1769 -12.96 -10.78 18.26
CA LYS A 1769 -12.90 -11.72 17.15
C LYS A 1769 -13.22 -11.04 15.81
N GLU A 1770 -13.98 -9.94 15.87
CA GLU A 1770 -14.20 -9.16 14.65
C GLU A 1770 -12.95 -8.41 14.24
N LYS A 1771 -11.99 -8.25 15.16
CA LYS A 1771 -10.73 -7.62 14.83
C LYS A 1771 -9.71 -8.59 14.28
N LEU A 1772 -10.04 -9.89 14.24
CA LEU A 1772 -9.17 -10.93 13.71
C LEU A 1772 -9.27 -11.06 12.20
N PHE A 1773 -9.78 -10.05 11.51
CA PHE A 1773 -9.93 -10.07 10.06
C PHE A 1773 -8.98 -9.10 9.38
N ARG A 1774 -7.75 -9.01 9.88
CA ARG A 1774 -6.76 -8.07 9.36
C ARG A 1774 -5.99 -8.72 8.21
N SER A 1775 -4.90 -8.09 7.78
CA SER A 1775 -4.05 -8.64 6.74
C SER A 1775 -2.62 -8.17 7.01
N VAL A 1776 -1.81 -9.05 7.58
CA VAL A 1776 -0.41 -8.76 7.87
C VAL A 1776 0.46 -9.66 7.01
N LEU A 1777 1.35 -9.07 6.22
CA LEU A 1777 2.13 -9.86 5.28
C LEU A 1777 3.18 -10.69 6.03
N VAL A 1778 3.57 -11.79 5.41
CA VAL A 1778 4.57 -12.70 5.95
C VAL A 1778 5.54 -13.05 4.82
N TYR A 1779 6.66 -12.35 4.77
CA TYR A 1779 7.72 -12.75 3.85
C TYR A 1779 8.47 -13.96 4.36
N ASP A 1780 9.40 -14.44 3.54
CA ASP A 1780 10.34 -15.47 3.91
C ASP A 1780 11.74 -14.85 3.94
N ALA A 1781 12.77 -15.70 4.07
CA ALA A 1781 14.10 -15.21 4.42
C ALA A 1781 14.69 -14.32 3.33
N PHE A 1782 14.50 -14.68 2.06
CA PHE A 1782 15.25 -14.27 0.87
C PHE A 1782 16.55 -15.05 0.76
N ARG A 1783 16.87 -15.94 1.71
CA ARG A 1783 18.12 -16.71 1.67
C ARG A 1783 17.93 -17.90 0.75
N PHE A 1784 17.87 -17.61 -0.54
CA PHE A 1784 17.64 -18.63 -1.56
C PHE A 1784 18.82 -19.60 -1.63
N GLY A 1785 18.49 -20.87 -1.89
CA GLY A 1785 19.47 -21.92 -1.94
C GLY A 1785 19.98 -22.20 -3.34
N ASN A 1786 20.63 -23.35 -3.50
CA ASN A 1786 21.17 -23.79 -4.77
C ASN A 1786 21.22 -25.31 -4.79
N ASP A 1787 21.49 -25.86 -5.98
CA ASP A 1787 21.45 -27.30 -6.15
C ASP A 1787 22.69 -27.98 -5.57
N THR A 1788 23.85 -27.33 -5.68
CA THR A 1788 25.11 -27.99 -5.32
C THR A 1788 25.20 -28.21 -3.81
N ASN A 1789 25.22 -27.13 -3.04
CA ASN A 1789 25.40 -27.18 -1.60
C ASN A 1789 24.10 -26.90 -0.88
N LYS A 1790 24.05 -27.30 0.39
CA LYS A 1790 22.93 -26.96 1.25
C LYS A 1790 23.16 -25.60 1.89
N GLU A 1791 23.48 -24.60 1.07
CA GLU A 1791 23.83 -23.27 1.53
C GLU A 1791 22.74 -22.27 1.15
N THR A 1792 22.99 -21.00 1.46
CA THR A 1792 22.04 -19.93 1.20
C THR A 1792 22.79 -18.67 0.76
N GLN A 1793 22.15 -17.88 -0.08
CA GLN A 1793 22.65 -16.57 -0.48
C GLN A 1793 21.58 -15.53 -0.16
N GLU A 1794 21.98 -14.44 0.50
CA GLU A 1794 20.99 -13.46 0.96
C GLU A 1794 20.28 -12.81 -0.22
N ALA A 1795 21.04 -12.26 -1.17
CA ALA A 1795 20.50 -11.76 -2.43
C ALA A 1795 19.34 -10.80 -2.21
N ASN A 1796 19.64 -9.69 -1.52
CA ASN A 1796 18.57 -8.75 -1.14
C ASN A 1796 17.89 -8.17 -2.37
N PHE A 1797 18.61 -7.33 -3.11
CA PHE A 1797 18.22 -6.79 -4.41
C PHE A 1797 19.45 -6.84 -5.30
N GLU A 1798 19.39 -6.15 -6.43
CA GLU A 1798 20.53 -5.97 -7.32
C GLU A 1798 21.08 -7.29 -7.84
N THR A 1799 20.30 -8.35 -7.76
CA THR A 1799 20.76 -9.70 -8.07
C THR A 1799 19.94 -10.30 -9.19
N ASN A 1800 20.57 -11.22 -9.94
CA ASN A 1800 19.97 -11.79 -11.14
C ASN A 1800 19.16 -13.04 -10.85
N ASN A 1801 18.66 -13.20 -9.62
CA ASN A 1801 17.78 -14.33 -9.33
C ASN A 1801 16.37 -13.97 -9.79
N PRO A 1802 15.76 -14.77 -10.66
CA PRO A 1802 14.46 -14.37 -11.23
C PRO A 1802 13.38 -14.15 -10.20
N VAL A 1803 13.46 -14.79 -9.04
CA VAL A 1803 12.48 -14.52 -7.99
C VAL A 1803 12.57 -13.07 -7.53
N ILE A 1804 13.79 -12.55 -7.38
CA ILE A 1804 13.97 -11.17 -6.92
C ILE A 1804 13.53 -10.19 -7.99
N LYS A 1805 13.79 -10.50 -9.26
CA LYS A 1805 13.45 -9.56 -10.32
C LYS A 1805 11.96 -9.55 -10.62
N ASN A 1806 11.31 -10.70 -10.55
CA ASN A 1806 9.88 -10.78 -10.86
C ASN A 1806 8.99 -10.54 -9.65
N PHE A 1807 9.54 -10.60 -8.45
CA PHE A 1807 8.77 -10.35 -7.23
C PHE A 1807 9.75 -9.98 -6.13
N PHE A 1808 9.23 -9.41 -5.05
CA PHE A 1808 10.00 -8.98 -3.88
C PHE A 1808 10.87 -7.78 -4.21
N GLY A 1809 11.03 -7.47 -5.49
CA GLY A 1809 11.66 -6.25 -5.91
C GLY A 1809 10.66 -5.22 -6.41
N PRO A 1810 9.79 -5.65 -7.33
CA PRO A 1810 8.66 -4.78 -7.70
C PRO A 1810 7.74 -4.48 -6.53
N ALA A 1811 7.55 -5.44 -5.62
CA ALA A 1811 6.96 -5.12 -4.33
C ALA A 1811 7.98 -4.36 -3.50
N GLY A 1812 7.75 -3.07 -3.31
CA GLY A 1812 8.78 -2.19 -2.77
C GLY A 1812 9.08 -2.40 -1.30
N ASN A 1813 9.33 -3.64 -0.89
CA ASN A 1813 9.64 -3.97 0.49
C ASN A 1813 11.07 -4.46 0.59
N ASN A 1814 11.87 -3.80 1.40
CA ASN A 1814 13.26 -4.15 1.62
C ASN A 1814 13.42 -4.66 3.04
N VAL A 1815 13.87 -5.90 3.18
CA VAL A 1815 13.94 -6.55 4.49
C VAL A 1815 15.25 -6.20 5.16
N VAL A 1816 15.21 -5.99 6.47
CA VAL A 1816 16.40 -5.57 7.22
C VAL A 1816 17.45 -6.68 7.25
N HIS A 1817 17.02 -7.93 7.17
CA HIS A 1817 17.92 -9.09 7.11
C HIS A 1817 18.78 -9.20 8.37
N ASN A 1818 18.11 -9.43 9.49
CA ASN A 1818 18.79 -9.71 10.76
C ASN A 1818 19.50 -11.05 10.70
N LYS A 1819 20.18 -11.42 11.79
CA LYS A 1819 21.06 -12.59 11.75
C LYS A 1819 20.35 -13.89 12.08
N HIS A 1820 19.47 -13.91 13.07
CA HIS A 1820 18.87 -15.16 13.52
C HIS A 1820 17.40 -14.96 13.87
N GLY A 1821 16.67 -16.07 13.83
CA GLY A 1821 15.28 -16.09 14.23
C GLY A 1821 14.36 -15.43 13.21
N ALA A 1822 13.21 -15.02 13.71
CA ALA A 1822 12.25 -14.21 12.97
C ALA A 1822 11.96 -12.97 13.79
N TYR A 1823 11.66 -11.86 13.11
CA TYR A 1823 11.35 -10.63 13.82
C TYR A 1823 10.06 -10.02 13.27
N ALA A 1824 9.36 -9.31 14.13
CA ALA A 1824 8.09 -8.68 13.79
C ALA A 1824 8.25 -7.16 13.77
N THR A 1825 7.52 -6.53 12.87
CA THR A 1825 7.59 -5.08 12.69
C THR A 1825 6.45 -4.35 13.36
N GLY A 1826 5.43 -5.06 13.83
CA GLY A 1826 4.23 -4.48 14.39
C GLY A 1826 3.06 -4.51 13.42
N ASP A 1827 3.34 -4.51 12.11
CA ASP A 1827 2.31 -4.71 11.10
C ASP A 1827 2.79 -5.66 10.01
N ALA A 1828 3.89 -6.37 10.24
CA ALA A 1828 4.42 -7.34 9.29
C ALA A 1828 5.16 -8.43 10.06
N PHE A 1829 5.76 -9.35 9.33
CA PHE A 1829 6.41 -10.52 9.90
C PHE A 1829 7.30 -11.25 8.90
N TYR A 1830 8.57 -11.47 9.28
CA TYR A 1830 9.58 -11.99 8.35
C TYR A 1830 10.27 -13.19 8.97
N TYR A 1831 10.52 -14.21 8.14
CA TYR A 1831 11.14 -15.47 8.57
C TYR A 1831 12.60 -15.47 8.15
N MET A 1832 13.47 -14.92 9.01
CA MET A 1832 14.87 -14.80 8.60
C MET A 1832 15.59 -16.15 8.67
N ALA A 1833 15.64 -16.76 9.86
CA ALA A 1833 16.34 -18.04 10.00
C ALA A 1833 15.40 -19.24 9.90
N TYR A 1834 14.21 -19.16 10.50
CA TYR A 1834 13.24 -20.23 10.41
C TYR A 1834 12.53 -20.19 9.07
N ARG A 1835 11.92 -21.31 8.71
CA ARG A 1835 11.23 -21.47 7.43
C ARG A 1835 9.73 -21.63 7.68
N MET A 1836 8.93 -20.99 6.83
CA MET A 1836 7.48 -20.97 7.03
C MET A 1836 6.86 -22.35 6.90
N LEU A 1837 7.49 -23.25 6.15
CA LEU A 1837 6.90 -24.55 5.88
C LEU A 1837 7.38 -25.64 6.82
N ASP A 1838 8.27 -25.33 7.76
CA ASP A 1838 8.72 -26.32 8.71
C ASP A 1838 7.74 -26.40 9.89
N LYS A 1839 7.99 -27.36 10.78
CA LYS A 1839 7.12 -27.51 11.95
C LYS A 1839 7.41 -26.42 12.99
N SER A 1840 8.67 -26.05 13.17
CA SER A 1840 9.01 -24.95 14.06
C SER A 1840 8.56 -23.61 13.50
N GLY A 1841 8.28 -23.55 12.20
CA GLY A 1841 7.70 -22.36 11.63
C GLY A 1841 6.37 -22.00 12.27
N ALA A 1842 5.59 -23.01 12.66
CA ALA A 1842 4.31 -22.75 13.30
C ALA A 1842 4.50 -22.09 14.66
N VAL A 1843 5.43 -22.60 15.47
CA VAL A 1843 5.59 -22.04 16.81
C VAL A 1843 6.20 -20.64 16.75
N THR A 1844 7.15 -20.41 15.84
CA THR A 1844 7.68 -19.05 15.74
C THR A 1844 6.66 -18.11 15.12
N TYR A 1845 5.76 -18.63 14.28
CA TYR A 1845 4.67 -17.81 13.76
C TYR A 1845 3.73 -17.41 14.88
N THR A 1846 3.44 -18.33 15.79
CA THR A 1846 2.63 -18.00 16.96
C THR A 1846 3.31 -16.93 17.79
N HIS A 1847 4.61 -17.07 18.02
CA HIS A 1847 5.37 -16.11 18.82
C HIS A 1847 5.29 -14.70 18.23
N GLU A 1848 5.61 -14.58 16.93
CA GLU A 1848 5.63 -13.24 16.36
C GLU A 1848 4.25 -12.69 16.05
N MET A 1849 3.23 -13.54 15.89
CA MET A 1849 1.87 -13.04 15.78
C MET A 1849 1.34 -12.58 17.12
N THR A 1850 1.82 -13.17 18.22
CA THR A 1850 1.54 -12.59 19.52
C THR A 1850 2.26 -11.27 19.72
N HIS A 1851 3.41 -11.08 19.08
CA HIS A 1851 3.97 -9.72 19.05
C HIS A 1851 3.09 -8.76 18.25
N ASN A 1852 2.63 -9.17 17.08
CA ASN A 1852 1.90 -8.24 16.22
C ASN A 1852 0.53 -7.90 16.78
N SER A 1853 -0.22 -8.90 17.26
CA SER A 1853 -1.59 -8.70 17.71
C SER A 1853 -1.72 -8.64 19.22
N ASP A 1854 -0.70 -8.16 19.92
CA ASP A 1854 -0.76 -8.12 21.38
C ASP A 1854 -1.59 -6.95 21.87
N ARG A 1855 -1.32 -5.75 21.35
CA ARG A 1855 -1.85 -4.54 21.94
C ARG A 1855 -3.36 -4.43 21.78
N GLU A 1856 -3.90 -4.98 20.68
CA GLU A 1856 -5.28 -4.75 20.31
C GLU A 1856 -6.12 -6.02 20.30
N ILE A 1857 -5.67 -7.07 19.62
CA ILE A 1857 -6.55 -8.20 19.35
C ILE A 1857 -6.54 -9.19 20.50
N TYR A 1858 -5.37 -9.70 20.88
CA TYR A 1858 -5.31 -10.76 21.88
C TYR A 1858 -5.75 -10.25 23.25
N LEU A 1859 -5.32 -9.06 23.63
CA LEU A 1859 -5.88 -8.38 24.79
C LEU A 1859 -7.21 -7.77 24.39
N GLY A 1860 -7.99 -7.30 25.36
CA GLY A 1860 -9.29 -6.76 25.05
C GLY A 1860 -9.31 -5.44 24.33
N GLY A 1861 -8.22 -5.09 23.64
CA GLY A 1861 -8.04 -3.78 23.07
C GLY A 1861 -7.22 -2.85 23.95
N TYR A 1862 -7.12 -3.19 25.24
CA TYR A 1862 -6.26 -2.44 26.15
C TYR A 1862 -4.81 -2.78 25.86
N GLY A 1863 -3.95 -1.77 25.90
CA GLY A 1863 -2.55 -1.97 25.59
C GLY A 1863 -1.86 -2.88 26.59
N ARG A 1864 -0.58 -3.14 26.32
CA ARG A 1864 0.24 -3.91 27.25
C ARG A 1864 0.38 -3.15 28.56
N ARG A 1865 0.76 -3.87 29.60
CA ARG A 1865 0.96 -3.23 30.90
C ARG A 1865 2.12 -2.25 30.82
N SER A 1866 2.30 -1.47 31.88
CA SER A 1866 3.26 -0.37 31.86
C SER A 1866 4.68 -0.88 31.66
N GLY A 1867 5.11 -1.83 32.47
CA GLY A 1867 6.49 -2.27 32.45
C GLY A 1867 6.77 -3.52 31.63
N LEU A 1868 5.72 -4.26 31.30
CA LEU A 1868 5.90 -5.54 30.60
C LEU A 1868 6.29 -5.31 29.15
N GLY A 1869 7.37 -5.96 28.73
CA GLY A 1869 7.87 -5.80 27.38
C GLY A 1869 7.18 -6.69 26.39
N PRO A 1870 7.49 -6.51 25.10
CA PRO A 1870 6.86 -7.34 24.05
C PRO A 1870 7.13 -8.83 24.19
N GLU A 1871 8.29 -9.22 24.72
CA GLU A 1871 8.64 -10.63 24.85
C GLU A 1871 8.21 -11.22 26.17
N PHE A 1872 7.54 -10.45 27.02
CA PHE A 1872 6.94 -11.04 28.22
C PHE A 1872 5.76 -11.93 27.85
N TYR A 1873 4.98 -11.52 26.85
CA TYR A 1873 3.78 -12.27 26.49
C TYR A 1873 4.12 -13.48 25.65
N ALA A 1874 4.90 -13.29 24.58
CA ALA A 1874 5.08 -14.33 23.58
C ALA A 1874 5.67 -15.60 24.18
N LYS A 1875 6.91 -15.52 24.67
CA LYS A 1875 7.66 -16.74 24.98
C LYS A 1875 7.00 -17.55 26.08
N GLY A 1876 6.48 -16.89 27.10
CA GLY A 1876 6.00 -17.62 28.25
C GLY A 1876 4.50 -17.79 28.38
N LEU A 1877 3.71 -16.96 27.68
CA LEU A 1877 2.27 -16.93 27.91
C LEU A 1877 1.48 -17.46 26.73
N LEU A 1878 1.64 -16.89 25.54
CA LEU A 1878 0.73 -17.14 24.43
C LEU A 1878 1.34 -17.87 23.25
N GLN A 1879 2.63 -18.18 23.28
CA GLN A 1879 3.23 -18.95 22.19
C GLN A 1879 3.14 -20.45 22.47
N ALA A 1880 2.83 -21.21 21.43
CA ALA A 1880 2.75 -22.66 21.57
C ALA A 1880 4.12 -23.21 21.94
N PRO A 1881 4.16 -24.33 22.68
CA PRO A 1881 5.46 -24.88 23.09
C PRO A 1881 6.27 -25.35 21.90
N ASP A 1882 7.60 -25.28 22.05
CA ASP A 1882 8.49 -25.63 20.95
C ASP A 1882 8.33 -27.10 20.57
N HIS A 1883 8.43 -27.99 21.55
CA HIS A 1883 8.24 -29.42 21.33
C HIS A 1883 7.10 -29.91 22.19
N SER A 1884 6.68 -31.15 21.94
CA SER A 1884 5.65 -31.76 22.77
C SER A 1884 6.16 -31.98 24.19
N TYR A 1885 7.32 -32.61 24.34
CA TYR A 1885 7.82 -33.02 25.64
C TYR A 1885 8.32 -31.87 26.51
N ASP A 1886 8.06 -30.63 26.11
CA ASP A 1886 8.51 -29.48 26.92
C ASP A 1886 7.77 -29.46 28.25
N PRO A 1887 8.48 -29.46 29.37
CA PRO A 1887 7.81 -29.37 30.69
C PRO A 1887 7.59 -27.91 31.11
N THR A 1888 6.83 -27.19 30.30
CA THR A 1888 6.52 -25.79 30.57
C THR A 1888 5.02 -25.58 30.54
N ILE A 1889 4.57 -24.55 31.26
CA ILE A 1889 3.15 -24.22 31.35
C ILE A 1889 2.82 -23.30 30.19
N THR A 1890 2.38 -23.88 29.07
CA THR A 1890 1.94 -23.14 27.91
C THR A 1890 0.66 -23.77 27.37
N ILE A 1891 0.09 -23.16 26.35
CA ILE A 1891 -1.14 -23.64 25.73
C ILE A 1891 -0.83 -23.99 24.29
N ASN A 1892 -1.06 -25.25 23.93
CA ASN A 1892 -0.78 -25.72 22.57
C ASN A 1892 -1.87 -25.22 21.63
N SER A 1893 -1.47 -24.47 20.61
CA SER A 1893 -2.41 -23.88 19.65
C SER A 1893 -2.25 -24.45 18.24
N VAL A 1894 -1.03 -24.45 17.71
CA VAL A 1894 -0.81 -24.79 16.31
C VAL A 1894 -0.64 -26.30 16.09
N LEU A 1895 0.33 -26.90 16.76
CA LEU A 1895 0.80 -28.22 16.38
C LEU A 1895 -0.23 -29.30 16.72
N LYS A 1896 -0.04 -30.47 16.09
CA LYS A 1896 -0.91 -31.62 16.31
C LYS A 1896 -0.04 -32.87 16.22
N TYR A 1897 0.13 -33.56 17.34
CA TYR A 1897 0.96 -34.74 17.40
C TYR A 1897 0.13 -35.98 17.08
N ASP A 1898 0.78 -36.97 16.46
CA ASP A 1898 0.08 -38.16 15.94
C ASP A 1898 0.78 -39.44 16.40
N ASP A 1899 0.45 -39.87 17.62
CA ASP A 1899 0.63 -41.24 18.09
C ASP A 1899 2.12 -41.58 18.23
N SER A 1900 3.00 -40.68 17.83
CA SER A 1900 4.43 -40.90 17.97
C SER A 1900 5.03 -40.09 19.10
N GLU A 1901 4.43 -38.96 19.45
CA GLU A 1901 4.79 -38.18 20.61
C GLU A 1901 4.00 -38.58 21.86
N ASN A 1902 3.14 -39.59 21.74
CA ASN A 1902 2.22 -39.92 22.83
C ASN A 1902 2.94 -40.46 24.07
N SER A 1903 4.22 -40.79 23.94
CA SER A 1903 5.07 -41.06 25.10
C SER A 1903 5.91 -39.81 25.37
N THR A 1904 5.93 -39.38 26.62
CA THR A 1904 6.47 -38.07 27.00
C THR A 1904 5.80 -36.96 26.20
N ARG A 1905 4.46 -36.89 26.33
CA ARG A 1905 3.69 -35.92 25.57
C ARG A 1905 3.56 -34.60 26.32
N LEU A 1906 2.97 -34.64 27.52
CA LEU A 1906 2.93 -33.49 28.44
C LEU A 1906 2.31 -32.24 27.82
N GLN A 1907 1.56 -32.39 26.74
CA GLN A 1907 0.89 -31.26 26.11
C GLN A 1907 -0.43 -31.74 25.52
N ILE A 1908 -1.15 -30.81 24.89
CA ILE A 1908 -2.44 -31.10 24.28
C ILE A 1908 -2.20 -31.50 22.84
N ALA A 1909 -2.63 -32.70 22.47
CA ALA A 1909 -2.34 -33.23 21.13
C ALA A 1909 -3.23 -32.59 20.07
N ASP A 1910 -4.48 -32.30 20.42
CA ASP A 1910 -5.49 -31.88 19.44
C ASP A 1910 -6.15 -30.57 19.86
N PRO A 1911 -5.48 -29.43 19.62
CA PRO A 1911 -6.08 -28.14 20.00
C PRO A 1911 -7.33 -27.78 19.22
N THR A 1912 -7.57 -28.41 18.08
CA THR A 1912 -8.79 -28.13 17.32
C THR A 1912 -10.01 -28.76 17.98
N GLN A 1913 -9.80 -29.81 18.77
CA GLN A 1913 -10.89 -30.50 19.44
C GLN A 1913 -10.92 -30.26 20.94
N ARG A 1914 -9.83 -29.76 21.52
CA ARG A 1914 -9.78 -29.54 22.96
C ARG A 1914 -10.55 -28.29 23.34
N PHE A 1915 -10.15 -27.14 22.81
CA PHE A 1915 -10.75 -25.86 23.16
C PHE A 1915 -11.88 -25.55 22.19
N THR A 1916 -13.11 -25.46 22.73
CA THR A 1916 -14.27 -25.09 21.94
C THR A 1916 -14.99 -23.87 22.50
N ASN A 1917 -14.41 -23.19 23.48
CA ASN A 1917 -15.01 -22.05 24.15
C ASN A 1917 -13.99 -21.48 25.13
N VAL A 1918 -14.32 -20.32 25.70
CA VAL A 1918 -13.47 -19.75 26.74
C VAL A 1918 -13.49 -20.64 27.97
N GLU A 1919 -14.67 -21.16 28.31
CA GLU A 1919 -14.81 -21.98 29.51
C GLU A 1919 -14.05 -23.29 29.39
N ASP A 1920 -13.85 -23.78 28.16
CA ASP A 1920 -13.03 -24.97 27.98
C ASP A 1920 -11.56 -24.68 28.29
N LEU A 1921 -11.06 -23.52 27.85
CA LEU A 1921 -9.70 -23.13 28.21
C LEU A 1921 -9.57 -22.94 29.71
N HIS A 1922 -10.57 -22.34 30.34
CA HIS A 1922 -10.52 -22.13 31.79
C HIS A 1922 -10.52 -23.47 32.53
N ASN A 1923 -11.33 -24.43 32.08
CA ASN A 1923 -11.33 -25.74 32.71
C ASN A 1923 -10.01 -26.46 32.51
N TYR A 1924 -9.44 -26.38 31.31
CA TYR A 1924 -8.14 -27.02 31.06
C TYR A 1924 -7.08 -26.45 31.99
N MET A 1925 -7.02 -25.12 32.08
CA MET A 1925 -6.02 -24.50 32.94
C MET A 1925 -6.30 -24.82 34.41
N HIS A 1926 -7.56 -24.82 34.83
CA HIS A 1926 -7.90 -25.09 36.21
C HIS A 1926 -7.51 -26.52 36.61
N ASN A 1927 -7.73 -27.48 35.72
CA ASN A 1927 -7.39 -28.87 36.07
C ASN A 1927 -5.88 -29.09 36.03
N MET A 1928 -5.19 -28.52 35.04
CA MET A 1928 -3.74 -28.63 35.03
C MET A 1928 -3.14 -28.02 36.29
N PHE A 1929 -3.62 -26.84 36.70
CA PHE A 1929 -3.13 -26.24 37.92
C PHE A 1929 -3.61 -26.99 39.16
N ASP A 1930 -4.71 -27.72 39.10
CA ASP A 1930 -5.08 -28.61 40.19
C ASP A 1930 -3.99 -29.65 40.41
N LEU A 1931 -3.56 -30.30 39.33
CA LEU A 1931 -2.49 -31.28 39.46
C LEU A 1931 -1.18 -30.62 39.89
N ILE A 1932 -0.87 -29.46 39.32
CA ILE A 1932 0.37 -28.76 39.66
C ILE A 1932 0.39 -28.39 41.14
N TYR A 1933 -0.73 -27.88 41.66
CA TYR A 1933 -0.81 -27.54 43.07
C TYR A 1933 -0.74 -28.78 43.95
N THR A 1934 -1.31 -29.89 43.51
CA THR A 1934 -1.18 -31.12 44.29
C THR A 1934 0.28 -31.55 44.40
N LEU A 1935 0.99 -31.51 43.28
CA LEU A 1935 2.41 -31.88 43.31
C LEU A 1935 3.22 -30.90 44.15
N GLU A 1936 2.91 -29.60 44.04
CA GLU A 1936 3.64 -28.61 44.83
C GLU A 1936 3.38 -28.77 46.31
N ILE A 1937 2.14 -29.08 46.70
CA ILE A 1937 1.84 -29.38 48.09
C ILE A 1937 2.64 -30.58 48.57
N LEU A 1938 2.66 -31.64 47.75
CA LEU A 1938 3.35 -32.86 48.15
C LEU A 1938 4.84 -32.62 48.34
N GLU A 1939 5.46 -31.85 47.46
CA GLU A 1939 6.89 -31.59 47.62
C GLU A 1939 7.18 -30.57 48.71
N GLY A 1940 6.29 -29.58 48.92
CA GLY A 1940 6.50 -28.61 49.97
C GLY A 1940 6.40 -29.22 51.34
N ARG A 1941 5.43 -30.11 51.55
CA ARG A 1941 5.31 -30.78 52.84
C ARG A 1941 6.48 -31.73 53.11
N ALA A 1942 7.30 -32.02 52.10
CA ALA A 1942 8.51 -32.81 52.28
C ALA A 1942 9.72 -31.91 52.55
N VAL A 1943 9.90 -30.86 51.73
CA VAL A 1943 11.04 -29.97 51.93
C VAL A 1943 10.91 -29.16 53.20
N ALA A 1944 9.70 -29.05 53.76
CA ALA A 1944 9.55 -28.40 55.06
C ALA A 1944 10.07 -29.29 56.18
N LYS A 1945 9.99 -30.60 56.01
CA LYS A 1945 10.51 -31.56 56.98
C LYS A 1945 11.91 -32.00 56.54
N LEU A 1946 12.85 -31.09 56.69
CA LEU A 1946 14.18 -31.29 56.12
C LEU A 1946 15.19 -30.52 56.96
N ASP A 1947 16.47 -30.86 56.80
CA ASP A 1947 17.51 -30.31 57.66
C ASP A 1947 18.08 -29.02 57.06
N TYR A 1948 19.14 -28.49 57.69
CA TYR A 1948 19.61 -27.14 57.38
C TYR A 1948 20.29 -27.06 56.01
N ASN A 1949 21.43 -27.72 55.87
CA ASN A 1949 22.27 -27.52 54.68
C ASN A 1949 21.55 -27.91 53.41
N GLU A 1950 20.82 -29.03 53.45
CA GLU A 1950 20.15 -29.52 52.26
C GLU A 1950 18.90 -28.71 51.93
N LYS A 1951 18.25 -28.12 52.95
CA LYS A 1951 17.22 -27.12 52.65
C LYS A 1951 17.82 -25.90 51.97
N ASN A 1952 18.98 -25.44 52.44
CA ASN A 1952 19.64 -24.29 51.80
C ASN A 1952 20.02 -24.63 50.37
N ASP A 1953 20.41 -25.89 50.13
CA ASP A 1953 20.79 -26.30 48.79
C ASP A 1953 19.59 -26.36 47.86
N LEU A 1954 18.47 -26.92 48.33
CA LEU A 1954 17.33 -27.12 47.45
C LEU A 1954 16.56 -25.82 47.20
N LEU A 1955 16.43 -24.98 48.22
CA LEU A 1955 15.52 -23.85 48.17
C LEU A 1955 16.28 -22.54 48.05
N ARG A 1956 15.74 -21.62 47.26
CA ARG A 1956 16.27 -20.27 47.11
C ARG A 1956 15.12 -19.28 47.22
N LYS A 1957 15.44 -18.05 47.62
CA LYS A 1957 14.44 -17.01 47.79
C LYS A 1957 14.46 -16.06 46.60
N ILE A 1958 13.30 -15.86 46.00
CA ILE A 1958 13.13 -14.88 44.93
C ILE A 1958 12.83 -13.53 45.56
N GLU A 1959 13.10 -12.46 44.83
CA GLU A 1959 12.94 -11.11 45.37
C GLU A 1959 12.74 -10.14 44.23
N ASN A 1960 12.05 -9.04 44.54
CA ASN A 1960 11.82 -7.95 43.59
C ASN A 1960 12.82 -6.84 43.87
N ILE A 1961 13.62 -6.48 42.86
CA ILE A 1961 14.52 -5.34 42.93
C ILE A 1961 14.17 -4.40 41.80
N TYR A 1962 14.01 -3.11 42.13
CA TYR A 1962 13.58 -2.11 41.15
C TYR A 1962 14.81 -1.40 40.59
N LYS A 1963 14.90 -1.37 39.27
CA LYS A 1963 15.95 -0.63 38.58
C LYS A 1963 15.31 0.43 37.69
N LYS A 1964 16.09 1.47 37.39
CA LYS A 1964 15.55 2.62 36.66
C LYS A 1964 15.35 2.27 35.19
N ASP A 1965 14.09 2.21 34.77
CA ASP A 1965 13.74 2.12 33.37
C ASP A 1965 14.30 3.35 32.65
N PRO A 1966 14.84 3.21 31.44
CA PRO A 1966 15.41 4.37 30.75
C PRO A 1966 14.47 5.55 30.52
N ASP A 1967 13.18 5.44 30.87
CA ASP A 1967 12.38 6.65 31.02
C ASP A 1967 12.69 7.28 32.38
N GLY A 1968 11.84 8.22 32.81
CA GLY A 1968 12.09 8.88 34.09
C GLY A 1968 11.83 8.00 35.30
N ASN A 1969 11.04 6.95 35.13
CA ASN A 1969 10.55 6.17 36.27
C ASN A 1969 11.47 5.01 36.62
N SER A 1970 11.36 4.59 37.87
CA SER A 1970 12.06 3.42 38.42
C SER A 1970 11.11 2.57 39.24
N VAL A 1971 9.94 2.28 38.68
CA VAL A 1971 8.88 1.59 39.43
C VAL A 1971 8.74 0.16 38.95
N TYR A 1972 9.06 -0.10 37.69
CA TYR A 1972 8.94 -1.45 37.16
C TYR A 1972 9.96 -2.38 37.79
N ALA A 1973 9.47 -3.50 38.34
CA ALA A 1973 10.30 -4.41 39.10
C ALA A 1973 11.05 -5.38 38.19
N THR A 1974 12.04 -6.06 38.78
CA THR A 1974 12.83 -7.08 38.10
C THR A 1974 13.12 -8.19 39.09
N ASN A 1975 12.72 -9.41 38.74
CA ASN A 1975 12.92 -10.54 39.65
C ASN A 1975 14.40 -10.87 39.77
N ALA A 1976 14.79 -11.32 40.95
CA ALA A 1976 16.18 -11.69 41.22
C ALA A 1976 16.20 -12.83 42.22
N VAL A 1977 16.77 -13.96 41.81
CA VAL A 1977 16.88 -15.13 42.67
C VAL A 1977 18.19 -15.05 43.43
N ARG A 1978 18.10 -15.02 44.76
CA ARG A 1978 19.28 -14.95 45.60
C ARG A 1978 19.23 -16.07 46.63
N ARG A 1979 20.41 -16.49 47.08
CA ARG A 1979 20.46 -17.41 48.20
C ARG A 1979 19.87 -16.76 49.45
N LEU A 1980 19.27 -17.56 50.30
CA LEU A 1980 18.57 -17.05 51.47
C LEU A 1980 19.38 -17.27 52.74
N THR A 1981 19.11 -16.43 53.74
CA THR A 1981 19.93 -16.35 54.93
C THR A 1981 19.64 -17.52 55.88
N SER A 1982 20.46 -17.61 56.93
CA SER A 1982 20.29 -18.66 57.93
C SER A 1982 18.99 -18.51 58.70
N ASP A 1983 18.63 -17.28 59.06
CA ASP A 1983 17.39 -17.05 59.80
C ASP A 1983 16.17 -17.46 58.98
N GLU A 1984 16.17 -17.13 57.68
CA GLU A 1984 15.06 -17.51 56.83
C GLU A 1984 14.93 -19.02 56.73
N ILE A 1985 16.05 -19.73 56.62
CA ILE A 1985 16.00 -21.20 56.60
C ILE A 1985 15.46 -21.73 57.91
N LYS A 1986 15.92 -21.17 59.04
CA LYS A 1986 15.40 -21.59 60.32
C LYS A 1986 13.91 -21.27 60.48
N ASN A 1987 13.40 -20.30 59.72
CA ASN A 1987 11.97 -20.01 59.75
C ASN A 1987 11.17 -21.07 59.02
N LEU A 1988 11.77 -21.72 58.01
CA LEU A 1988 11.05 -22.67 57.17
C LEU A 1988 10.80 -23.98 57.91
N THR A 1989 9.70 -24.04 58.67
CA THR A 1989 9.36 -25.23 59.44
C THR A 1989 7.98 -25.79 59.09
N SER A 1990 7.36 -25.30 58.01
CA SER A 1990 6.08 -25.82 57.55
C SER A 1990 5.90 -25.41 56.09
N PHE A 1991 4.75 -25.78 55.53
CA PHE A 1991 4.49 -25.42 54.14
C PHE A 1991 4.07 -23.95 53.99
N ASP A 1992 3.28 -23.45 54.94
CA ASP A 1992 2.80 -22.07 54.83
C ASP A 1992 3.94 -21.08 54.91
N LYS A 1993 4.95 -21.37 55.73
CA LYS A 1993 6.11 -20.50 55.82
C LYS A 1993 6.92 -20.47 54.54
N LEU A 1994 6.86 -21.53 53.72
CA LEU A 1994 7.47 -21.49 52.40
C LEU A 1994 6.82 -20.43 51.53
N ILE A 1995 5.49 -20.35 51.57
CA ILE A 1995 4.79 -19.30 50.82
C ILE A 1995 5.12 -17.94 51.40
N GLU A 1996 5.16 -17.84 52.73
CA GLU A 1996 5.39 -16.56 53.39
C GLU A 1996 6.77 -16.00 53.07
N ASN A 1997 7.79 -16.85 53.05
CA ASN A 1997 9.17 -16.41 52.89
C ASN A 1997 9.65 -16.39 51.44
N ASP A 1998 8.74 -16.27 50.47
CA ASP A 1998 9.07 -16.03 49.07
C ASP A 1998 9.91 -17.14 48.46
N VAL A 1999 9.88 -18.35 49.05
CA VAL A 1999 10.80 -19.40 48.63
C VAL A 1999 10.48 -19.90 47.23
N ILE A 2000 11.53 -20.11 46.43
CA ILE A 2000 11.42 -20.73 45.11
C ILE A 2000 12.29 -21.98 45.13
N THR A 2001 12.19 -22.78 44.08
CA THR A 2001 12.91 -24.04 43.97
C THR A 2001 14.05 -23.91 42.97
N ARG A 2002 15.24 -24.35 43.37
CA ARG A 2002 16.45 -24.20 42.56
C ARG A 2002 16.55 -25.25 41.46
N ARG A 2003 15.75 -26.32 41.51
CA ARG A 2003 15.91 -27.42 40.56
C ARG A 2003 15.68 -26.97 39.12
N GLY A 2004 14.56 -26.32 38.87
CA GLY A 2004 14.22 -25.94 37.51
C GLY A 2004 14.89 -24.65 37.06
N TYR A 2005 14.68 -23.57 37.82
CA TYR A 2005 15.23 -22.27 37.50
C TYR A 2005 16.68 -22.21 38.00
N ILE A 2006 17.58 -22.69 37.15
CA ILE A 2006 18.99 -22.83 37.49
C ILE A 2006 19.67 -21.50 37.78
N ASP A 2007 18.97 -20.39 37.60
CA ASP A 2007 19.56 -19.09 37.87
C ASP A 2007 19.84 -18.92 39.37
N GLN A 2008 20.98 -18.30 39.67
CA GLN A 2008 21.34 -17.90 41.02
C GLN A 2008 21.60 -16.41 41.15
N GLY A 2009 21.30 -15.65 40.10
CA GLY A 2009 21.45 -14.21 40.15
C GLY A 2009 20.19 -13.50 39.70
N GLU A 2010 20.33 -12.23 39.30
CA GLU A 2010 19.18 -11.46 38.85
C GLU A 2010 18.68 -11.96 37.50
N TYR A 2011 17.36 -11.92 37.33
CA TYR A 2011 16.74 -12.19 36.04
C TYR A 2011 16.85 -10.93 35.18
N GLU A 2012 16.15 -10.90 34.05
CA GLU A 2012 16.23 -9.76 33.16
C GLU A 2012 14.84 -9.38 32.67
N ARG A 2013 14.69 -8.10 32.37
CA ARG A 2013 13.46 -7.57 31.78
C ARG A 2013 13.46 -7.86 30.29
N ASN A 2014 12.25 -8.07 29.75
CA ASN A 2014 12.07 -8.33 28.32
C ASN A 2014 12.90 -9.53 27.88
N GLY A 2015 12.81 -10.62 28.64
CA GLY A 2015 13.60 -11.81 28.40
C GLY A 2015 12.73 -13.01 28.11
N TYR A 2016 13.32 -14.03 27.49
CA TYR A 2016 12.61 -15.26 27.12
C TYR A 2016 12.69 -16.23 28.29
N HIS A 2017 11.80 -16.05 29.25
CA HIS A 2017 11.69 -16.93 30.40
C HIS A 2017 10.40 -17.74 30.33
N THR A 2018 10.47 -18.97 30.81
CA THR A 2018 9.31 -19.84 30.88
C THR A 2018 9.27 -20.48 32.26
N ILE A 2019 8.08 -20.87 32.69
CA ILE A 2019 7.86 -21.45 34.01
C ILE A 2019 7.60 -22.95 33.86
N ASN A 2020 8.28 -23.74 34.69
CA ASN A 2020 8.20 -25.18 34.58
C ASN A 2020 6.98 -25.73 35.31
N LEU A 2021 6.47 -26.85 34.80
CA LEU A 2021 5.34 -27.51 35.45
C LEU A 2021 5.74 -28.10 36.79
N PHE A 2022 6.95 -28.66 36.87
CA PHE A 2022 7.36 -29.45 38.03
C PHE A 2022 8.22 -28.69 39.02
N SER A 2023 8.78 -27.55 38.64
CA SER A 2023 9.56 -26.76 39.57
C SER A 2023 8.63 -25.83 40.35
N PRO A 2024 8.44 -26.03 41.65
CA PRO A 2024 7.46 -25.24 42.39
C PRO A 2024 7.97 -23.83 42.67
N ILE A 2025 7.08 -22.86 42.52
CA ILE A 2025 7.32 -21.49 42.97
C ILE A 2025 6.34 -21.26 44.10
N TYR A 2026 6.79 -21.53 45.33
CA TYR A 2026 5.92 -21.35 46.49
C TYR A 2026 5.64 -19.89 46.79
N SER A 2027 6.35 -18.95 46.15
CA SER A 2027 6.24 -17.55 46.48
C SER A 2027 4.99 -16.93 45.85
N ALA A 2028 4.38 -16.02 46.60
CA ALA A 2028 3.32 -15.14 46.10
C ALA A 2028 3.89 -13.73 46.19
N LEU A 2029 4.50 -13.28 45.10
CA LEU A 2029 5.25 -12.03 45.08
C LEU A 2029 4.40 -10.93 44.48
N SER A 2030 4.09 -9.92 45.29
CA SER A 2030 3.28 -8.78 44.87
C SER A 2030 4.15 -7.53 44.88
N SER A 2031 4.18 -6.84 43.74
CA SER A 2031 4.89 -5.57 43.64
C SER A 2031 3.89 -4.45 43.94
N LYS A 2032 3.84 -4.06 45.22
CA LYS A 2032 2.92 -2.99 45.61
C LYS A 2032 3.27 -1.67 44.97
N ILE A 2033 4.47 -1.53 44.42
CA ILE A 2033 4.88 -0.28 43.79
C ILE A 2033 4.38 -0.22 42.34
N GLY A 2034 4.55 -1.30 41.59
CA GLY A 2034 4.16 -1.31 40.19
C GLY A 2034 4.20 -2.65 39.50
N THR A 2035 4.77 -2.68 38.31
CA THR A 2035 4.82 -3.90 37.51
C THR A 2035 5.52 -5.01 38.28
N PRO A 2036 5.02 -6.26 38.22
CA PRO A 2036 5.56 -7.33 39.06
C PRO A 2036 6.89 -7.92 38.60
N GLY A 2037 7.09 -8.04 37.30
CA GLY A 2037 8.28 -8.68 36.77
C GLY A 2037 7.94 -9.62 35.63
N ASP A 2038 8.95 -10.38 35.22
CA ASP A 2038 8.81 -11.25 34.05
C ASP A 2038 8.66 -12.73 34.39
N LEU A 2039 9.05 -13.16 35.59
CA LEU A 2039 8.86 -14.55 35.98
C LEU A 2039 7.61 -14.72 36.84
N MET A 2040 7.56 -14.02 37.97
CA MET A 2040 6.35 -14.06 38.79
C MET A 2040 5.16 -13.46 38.05
N GLY A 2041 5.41 -12.55 37.10
CA GLY A 2041 4.33 -12.07 36.27
C GLY A 2041 3.67 -13.19 35.48
N ARG A 2042 4.49 -14.02 34.82
CA ARG A 2042 3.95 -15.15 34.07
C ARG A 2042 3.26 -16.13 34.99
N ARG A 2043 3.89 -16.45 36.12
CA ARG A 2043 3.31 -17.43 37.03
C ARG A 2043 1.95 -16.96 37.57
N MET A 2044 1.88 -15.69 37.97
CA MET A 2044 0.62 -15.16 38.51
C MET A 2044 -0.43 -15.04 37.42
N ALA A 2045 -0.03 -14.70 36.19
CA ALA A 2045 -0.99 -14.66 35.10
C ALA A 2045 -1.60 -16.03 34.87
N PHE A 2046 -0.77 -17.08 34.88
CA PHE A 2046 -1.30 -18.43 34.70
C PHE A 2046 -2.15 -18.87 35.89
N GLU A 2047 -1.78 -18.47 37.11
CA GLU A 2047 -2.58 -18.83 38.27
C GLU A 2047 -3.94 -18.13 38.23
N LEU A 2048 -3.99 -16.87 37.81
CA LEU A 2048 -5.26 -16.18 37.63
C LEU A 2048 -6.09 -16.76 36.50
N LEU A 2049 -5.47 -17.20 35.41
CA LEU A 2049 -6.18 -17.93 34.38
C LEU A 2049 -6.73 -19.26 34.89
N ALA A 2050 -6.04 -19.90 35.83
CA ALA A 2050 -6.58 -21.09 36.47
C ALA A 2050 -7.78 -20.77 37.35
N ALA A 2051 -7.66 -19.74 38.19
CA ALA A 2051 -8.74 -19.42 39.11
C ALA A 2051 -9.89 -18.73 38.39
N LYS A 2052 -9.65 -17.57 37.80
CA LYS A 2052 -10.65 -16.83 37.06
C LYS A 2052 -10.52 -17.13 35.57
N GLY A 2053 -11.51 -16.68 34.81
CA GLY A 2053 -11.50 -16.90 33.37
C GLY A 2053 -10.40 -16.13 32.67
N TYR A 2054 -10.41 -16.21 31.34
CA TYR A 2054 -9.42 -15.48 30.56
C TYR A 2054 -9.77 -13.99 30.46
N LYS A 2055 -11.06 -13.66 30.44
CA LYS A 2055 -11.44 -12.27 30.30
C LYS A 2055 -11.54 -11.57 31.64
N GLU A 2056 -11.99 -12.28 32.67
CA GLU A 2056 -12.07 -11.71 34.01
C GLU A 2056 -10.73 -11.77 34.74
N GLY A 2057 -9.87 -12.72 34.38
CA GLY A 2057 -8.54 -12.78 34.93
C GLY A 2057 -7.51 -12.98 33.83
N MET A 2058 -6.28 -12.54 34.13
CA MET A 2058 -5.13 -12.61 33.24
C MET A 2058 -5.21 -11.63 32.08
N VAL A 2059 -6.38 -11.06 31.83
CA VAL A 2059 -6.45 -9.84 31.02
C VAL A 2059 -6.26 -8.62 31.92
N PRO A 2060 -6.95 -8.50 33.06
CA PRO A 2060 -6.65 -7.38 33.97
C PRO A 2060 -5.22 -7.38 34.46
N TYR A 2061 -4.61 -8.56 34.64
CA TYR A 2061 -3.31 -8.63 35.30
C TYR A 2061 -2.19 -8.18 34.38
N ILE A 2062 -2.31 -8.39 33.08
CA ILE A 2062 -1.21 -8.18 32.16
C ILE A 2062 -1.55 -7.16 31.07
N SER A 2063 -2.74 -6.55 31.10
CA SER A 2063 -3.15 -5.75 29.96
C SER A 2063 -3.71 -4.39 30.37
N ASN A 2064 -3.07 -3.70 31.31
CA ASN A 2064 -3.29 -2.27 31.55
C ASN A 2064 -4.76 -1.87 31.56
N GLN A 2065 -5.64 -2.78 32.00
CA GLN A 2065 -7.07 -2.53 31.87
C GLN A 2065 -7.58 -1.52 32.89
N TYR A 2066 -6.97 -1.47 34.07
CA TYR A 2066 -7.40 -0.58 35.15
C TYR A 2066 -6.65 0.73 35.17
N GLU A 2067 -6.18 1.22 34.03
CA GLU A 2067 -5.48 2.49 33.99
C GLU A 2067 -6.37 3.63 34.44
N LYS A 2068 -7.64 3.62 34.03
CA LYS A 2068 -8.56 4.68 34.41
C LYS A 2068 -8.76 4.73 35.92
N GLU A 2069 -8.97 3.56 36.54
CA GLU A 2069 -9.15 3.53 37.99
C GLU A 2069 -7.86 3.89 38.72
N ALA A 2070 -6.71 3.48 38.18
CA ALA A 2070 -5.44 3.86 38.80
C ALA A 2070 -5.24 5.38 38.76
N LYS A 2071 -5.60 6.01 37.64
CA LYS A 2071 -5.54 7.46 37.57
C LYS A 2071 -6.52 8.10 38.56
N ASP A 2072 -7.73 7.54 38.66
CA ASP A 2072 -8.72 8.11 39.56
C ASP A 2072 -8.29 8.01 41.01
N ARG A 2073 -7.57 6.94 41.37
CA ARG A 2073 -7.18 6.72 42.76
C ARG A 2073 -5.81 7.30 43.09
N GLY A 2074 -5.17 8.00 42.16
CA GLY A 2074 -3.94 8.71 42.44
C GLY A 2074 -2.67 8.04 41.99
N SER A 2075 -2.72 6.77 41.60
CA SER A 2075 -1.52 6.05 41.14
C SER A 2075 -1.28 6.42 39.68
N LYS A 2076 -0.69 7.60 39.47
CA LYS A 2076 -0.38 8.10 38.15
C LYS A 2076 1.10 8.42 38.05
N ILE A 2077 1.67 8.20 36.87
CA ILE A 2077 3.09 8.39 36.63
C ILE A 2077 3.27 9.19 35.35
N ARG A 2078 4.53 9.49 35.03
CA ARG A 2078 4.90 10.22 33.83
C ARG A 2078 5.93 9.42 33.06
N SER A 2079 5.54 8.90 31.90
CA SER A 2079 6.42 8.10 31.05
C SER A 2079 6.51 8.76 29.69
N TYR A 2080 7.73 9.14 29.29
CA TYR A 2080 7.98 9.77 28.00
C TYR A 2080 7.13 11.03 27.81
N GLY A 2081 6.97 11.79 28.89
CA GLY A 2081 6.21 13.02 28.84
C GLY A 2081 4.71 12.86 28.84
N LYS A 2082 4.21 11.63 28.95
CA LYS A 2082 2.78 11.36 28.94
C LYS A 2082 2.33 10.95 30.34
N GLU A 2083 1.27 11.58 30.83
CA GLU A 2083 0.70 11.25 32.13
C GLU A 2083 -0.16 9.99 31.97
N ILE A 2084 0.32 8.87 32.50
CA ILE A 2084 -0.32 7.58 32.34
C ILE A 2084 -0.48 6.94 33.71
N GLY A 2085 -1.57 6.20 33.89
CA GLY A 2085 -1.83 5.56 35.16
C GLY A 2085 -0.89 4.40 35.42
N LEU A 2086 -0.68 4.13 36.70
CA LEU A 2086 0.18 3.03 37.14
C LEU A 2086 -0.68 2.02 37.89
N VAL A 2087 -0.69 0.78 37.42
CA VAL A 2087 -1.57 -0.26 37.94
C VAL A 2087 -0.75 -1.10 38.91
N THR A 2088 -0.79 -0.74 40.18
CA THR A 2088 -0.17 -1.57 41.21
C THR A 2088 -0.91 -2.89 41.34
N ASP A 2089 -0.18 -3.94 41.71
CA ASP A 2089 -0.77 -5.26 41.79
C ASP A 2089 -1.85 -5.36 42.83
N ASP A 2090 -1.81 -4.54 43.88
CA ASP A 2090 -2.89 -4.56 44.88
C ASP A 2090 -4.21 -4.12 44.27
N LEU A 2091 -4.18 -3.12 43.38
CA LEU A 2091 -5.39 -2.73 42.67
C LEU A 2091 -5.90 -3.87 41.80
N VAL A 2092 -5.01 -4.60 41.14
CA VAL A 2092 -5.42 -5.74 40.32
C VAL A 2092 -6.09 -6.79 41.18
N LEU A 2093 -5.51 -7.09 42.34
CA LEU A 2093 -6.11 -8.08 43.23
C LEU A 2093 -7.48 -7.61 43.72
N GLU A 2094 -7.60 -6.32 44.05
CA GLU A 2094 -8.87 -5.80 44.55
C GLU A 2094 -9.94 -5.81 43.46
N LYS A 2095 -9.54 -5.65 42.21
CA LYS A 2095 -10.53 -5.58 41.14
C LYS A 2095 -10.92 -6.97 40.63
N VAL A 2096 -9.95 -7.89 40.48
CA VAL A 2096 -10.28 -9.23 40.00
C VAL A 2096 -11.17 -9.95 40.99
N PHE A 2097 -10.78 -9.98 42.26
CA PHE A 2097 -11.61 -10.48 43.35
C PHE A 2097 -12.01 -9.26 44.16
N ASN A 2098 -13.32 -9.10 44.42
CA ASN A 2098 -13.83 -7.85 44.95
C ASN A 2098 -13.11 -7.45 46.25
N LYS A 2099 -13.36 -8.19 47.33
CA LYS A 2099 -12.66 -7.96 48.58
C LYS A 2099 -12.29 -9.25 49.29
N LYS A 2100 -12.42 -10.40 48.64
CA LYS A 2100 -12.23 -11.68 49.33
C LYS A 2100 -10.81 -11.82 49.86
N TYR A 2101 -9.82 -11.40 49.07
CA TYR A 2101 -8.42 -11.56 49.44
C TYR A 2101 -7.78 -10.19 49.67
N GLY A 2102 -7.00 -10.07 50.73
CA GLY A 2102 -6.34 -8.83 51.07
C GLY A 2102 -4.97 -8.70 50.45
N SER A 2103 -4.30 -9.84 50.24
CA SER A 2103 -2.97 -9.84 49.67
C SER A 2103 -2.78 -11.12 48.87
N TRP A 2104 -1.78 -11.09 47.98
CA TRP A 2104 -1.55 -12.25 47.12
C TRP A 2104 -1.12 -13.48 47.91
N VAL A 2105 -0.50 -13.29 49.08
CA VAL A 2105 -0.17 -14.42 49.93
C VAL A 2105 -1.43 -15.13 50.38
N GLU A 2106 -2.46 -14.38 50.76
CA GLU A 2106 -3.72 -14.98 51.15
C GLU A 2106 -4.37 -15.71 50.00
N PHE A 2107 -4.33 -15.14 48.80
CA PHE A 2107 -4.91 -15.81 47.63
C PHE A 2107 -4.19 -17.12 47.33
N LYS A 2108 -2.86 -17.10 47.37
CA LYS A 2108 -2.10 -18.33 47.12
C LYS A 2108 -2.39 -19.39 48.19
N LYS A 2109 -2.43 -18.98 49.45
CA LYS A 2109 -2.71 -19.94 50.51
C LYS A 2109 -4.13 -20.47 50.41
N ASP A 2110 -5.07 -19.65 49.95
CA ASP A 2110 -6.44 -20.15 49.76
C ASP A 2110 -6.52 -21.14 48.61
N MET A 2111 -5.79 -20.88 47.52
CA MET A 2111 -5.75 -21.85 46.44
C MET A 2111 -5.19 -23.18 46.91
N TYR A 2112 -4.07 -23.13 47.66
CA TYR A 2112 -3.49 -24.37 48.18
C TYR A 2112 -4.44 -25.06 49.15
N LYS A 2113 -5.15 -24.28 49.98
CA LYS A 2113 -6.09 -24.87 50.93
C LYS A 2113 -7.24 -25.57 50.21
N GLU A 2114 -7.76 -24.96 49.15
CA GLU A 2114 -8.82 -25.59 48.38
C GLU A 2114 -8.33 -26.88 47.74
N ARG A 2115 -7.13 -26.85 47.16
CA ARG A 2115 -6.59 -28.07 46.56
C ARG A 2115 -6.40 -29.15 47.61
N VAL A 2116 -5.94 -28.77 48.81
CA VAL A 2116 -5.70 -29.74 49.88
C VAL A 2116 -7.01 -30.36 50.33
N GLU A 2117 -8.03 -29.54 50.58
CA GLU A 2117 -9.30 -30.08 51.04
C GLU A 2117 -9.92 -30.97 49.97
N GLN A 2118 -9.66 -30.69 48.69
CA GLN A 2118 -10.17 -31.59 47.65
C GLN A 2118 -9.42 -32.93 47.64
N PHE A 2119 -8.08 -32.90 47.65
CA PHE A 2119 -7.39 -34.16 47.37
C PHE A 2119 -7.23 -35.02 48.61
N SER A 2120 -7.22 -34.42 49.81
CA SER A 2120 -6.95 -35.21 51.02
C SER A 2120 -7.99 -36.31 51.22
N LYS A 2121 -9.18 -36.15 50.63
CA LYS A 2121 -10.22 -37.17 50.70
C LYS A 2121 -10.39 -37.94 49.40
N LEU A 2122 -10.41 -37.24 48.27
CA LEU A 2122 -10.76 -37.83 46.98
C LEU A 2122 -9.57 -37.72 46.04
N ASN A 2123 -9.18 -38.84 45.43
CA ASN A 2123 -8.18 -38.87 44.37
C ASN A 2123 -8.45 -40.06 43.47
N ARG A 2124 -8.21 -39.88 42.17
CA ARG A 2124 -8.54 -40.92 41.20
C ARG A 2124 -7.58 -42.09 41.31
N VAL A 2125 -8.14 -43.30 41.39
CA VAL A 2125 -7.35 -44.52 41.53
C VAL A 2125 -6.57 -44.83 40.26
N SER A 2126 -6.93 -44.21 39.13
CA SER A 2126 -6.40 -44.60 37.83
C SER A 2126 -4.91 -44.33 37.66
N PHE A 2127 -4.30 -43.55 38.55
CA PHE A 2127 -2.86 -43.27 38.43
C PHE A 2127 -2.07 -44.57 38.52
N PHE A 2128 -1.47 -44.98 37.41
CA PHE A 2128 -0.81 -46.28 37.28
C PHE A 2128 0.62 -46.11 36.78
N ASP A 2129 1.34 -45.12 37.29
CA ASP A 2129 2.69 -44.86 36.80
C ASP A 2129 3.62 -46.01 37.18
N PRO A 2130 4.43 -46.51 36.24
CA PRO A 2130 5.45 -47.52 36.63
C PRO A 2130 6.63 -46.92 37.37
N ASN A 2131 7.08 -45.74 36.95
CA ASN A 2131 8.13 -44.87 37.51
C ASN A 2131 9.56 -45.36 37.29
N GLY A 2132 9.76 -46.53 36.66
CA GLY A 2132 11.09 -47.06 36.49
C GLY A 2132 11.37 -47.64 35.11
N PRO A 2133 12.56 -47.38 34.58
CA PRO A 2133 12.94 -47.96 33.27
C PRO A 2133 13.30 -49.43 33.34
N TRP A 2134 14.08 -49.82 34.35
CA TRP A 2134 14.56 -51.19 34.50
C TRP A 2134 14.44 -51.61 35.95
N GLY A 2135 13.98 -52.85 36.16
CA GLY A 2135 13.71 -53.31 37.51
C GLY A 2135 12.65 -52.49 38.20
N ARG A 2136 11.63 -52.08 37.46
CA ARG A 2136 10.65 -51.13 37.94
C ARG A 2136 9.59 -51.80 38.81
N GLN A 2137 8.84 -50.96 39.52
CA GLN A 2137 7.63 -51.42 40.19
C GLN A 2137 6.51 -51.45 39.15
N LYS A 2138 5.93 -52.64 38.94
CA LYS A 2138 5.01 -52.83 37.83
C LYS A 2138 3.83 -51.88 37.90
N ASN A 2139 3.22 -51.75 39.08
CA ASN A 2139 2.08 -50.85 39.25
C ASN A 2139 2.19 -50.19 40.61
N VAL A 2140 2.47 -48.89 40.62
CA VAL A 2140 2.32 -48.11 41.85
C VAL A 2140 0.87 -48.06 42.26
N THR A 2141 -0.05 -48.07 41.28
CA THR A 2141 -1.50 -48.10 41.47
C THR A 2141 -1.95 -47.17 42.61
N VAL A 2142 -1.65 -45.88 42.41
CA VAL A 2142 -2.03 -44.85 43.37
C VAL A 2142 -3.54 -44.86 43.55
N ASN A 2143 -3.98 -45.18 44.76
CA ASN A 2143 -5.40 -45.16 45.10
C ASN A 2143 -5.75 -44.14 46.18
N ASN A 2144 -4.83 -43.83 47.07
CA ASN A 2144 -5.01 -42.80 48.08
C ASN A 2144 -3.74 -41.97 48.13
N ILE A 2145 -3.89 -40.68 48.43
CA ILE A 2145 -2.80 -39.71 48.29
C ILE A 2145 -1.65 -40.01 49.23
N SER A 2146 -1.85 -40.92 50.18
CA SER A 2146 -0.74 -41.27 51.08
C SER A 2146 0.42 -41.90 50.31
N VAL A 2147 0.11 -42.74 49.32
CA VAL A 2147 1.18 -43.37 48.53
C VAL A 2147 1.94 -42.32 47.74
N LEU A 2148 1.22 -41.40 47.09
CA LEU A 2148 1.87 -40.35 46.31
C LEU A 2148 2.73 -39.47 47.20
N GLU A 2149 2.20 -39.09 48.37
CA GLU A 2149 2.96 -38.26 49.29
C GLU A 2149 4.20 -38.98 49.78
N LYS A 2150 4.08 -40.27 50.11
CA LYS A 2150 5.24 -41.02 50.58
C LYS A 2150 6.31 -41.11 49.50
N MET A 2151 5.91 -41.37 48.25
CA MET A 2151 6.90 -41.50 47.19
C MET A 2151 7.56 -40.15 46.88
N ILE A 2152 6.79 -39.07 46.86
CA ILE A 2152 7.37 -37.75 46.62
C ILE A 2152 8.33 -37.38 47.75
N GLU A 2153 7.94 -37.66 48.99
CA GLU A 2153 8.81 -37.37 50.13
C GLU A 2153 10.09 -38.18 50.07
N THR A 2154 10.00 -39.47 49.70
CA THR A 2154 11.20 -40.28 49.58
C THR A 2154 12.10 -39.76 48.48
N ALA A 2155 11.53 -39.37 47.34
CA ALA A 2155 12.33 -38.83 46.25
C ALA A 2155 13.03 -37.55 46.66
N VAL A 2156 12.32 -36.66 47.36
CA VAL A 2156 12.91 -35.40 47.79
C VAL A 2156 14.02 -35.65 48.80
N ARG A 2157 13.78 -36.55 49.76
CA ARG A 2157 14.81 -36.85 50.76
C ARG A 2157 16.04 -37.49 50.13
N GLU A 2158 15.86 -38.33 49.11
CA GLU A 2158 16.99 -38.99 48.46
C GLU A 2158 17.65 -38.13 47.40
N ASP A 2159 17.01 -37.03 46.97
CA ASP A 2159 17.66 -36.08 46.09
C ASP A 2159 18.29 -34.91 46.82
N ALA A 2160 17.90 -34.67 48.08
CA ALA A 2160 18.63 -33.71 48.91
C ALA A 2160 20.03 -34.24 49.19
N GLU A 2161 20.14 -35.47 49.64
CA GLU A 2161 21.42 -36.18 49.65
C GLU A 2161 21.75 -36.64 48.24
N ASP A 2162 23.03 -36.96 48.03
CA ASP A 2162 23.54 -37.27 46.70
C ASP A 2162 23.17 -36.17 45.72
N PHE A 2163 23.53 -34.94 46.08
CA PHE A 2163 23.12 -33.76 45.33
C PHE A 2163 23.58 -33.84 43.89
N THR A 2164 22.70 -33.44 42.97
CA THR A 2164 23.07 -33.37 41.56
C THR A 2164 23.94 -32.15 41.29
N ALA A 2165 23.37 -30.95 41.46
CA ALA A 2165 24.07 -29.68 41.35
C ALA A 2165 25.00 -29.60 40.15
N GLN A 2166 24.63 -30.26 39.06
CA GLN A 2166 25.51 -30.36 37.90
C GLN A 2166 24.88 -29.71 36.67
N VAL A 2167 25.55 -29.85 35.52
CA VAL A 2167 24.99 -29.35 34.27
C VAL A 2167 23.74 -30.13 33.90
N TYR A 2168 23.53 -31.28 34.53
CA TYR A 2168 22.42 -32.17 34.22
C TYR A 2168 21.51 -32.34 35.44
N PRO A 2169 20.69 -31.33 35.77
CA PRO A 2169 19.70 -31.53 36.84
C PRO A 2169 18.41 -32.15 36.35
N ASP A 2170 18.16 -32.18 35.04
CA ASP A 2170 16.93 -32.74 34.51
C ASP A 2170 17.03 -34.25 34.29
N THR A 2171 18.24 -34.76 34.09
CA THR A 2171 18.38 -36.18 33.79
C THR A 2171 18.60 -37.01 35.04
N ASN A 2172 19.35 -36.50 36.01
CA ASN A 2172 19.82 -37.29 37.14
C ASN A 2172 19.01 -37.06 38.42
N SER A 2173 17.89 -36.35 38.34
CA SER A 2173 17.06 -36.05 39.50
C SER A 2173 15.87 -36.99 39.56
N ARG A 2174 15.67 -37.62 40.73
CA ARG A 2174 14.57 -38.56 40.88
C ARG A 2174 13.22 -37.86 41.02
N VAL A 2175 13.20 -36.67 41.65
CA VAL A 2175 11.95 -35.97 41.85
C VAL A 2175 11.35 -35.54 40.52
N LEU A 2176 12.18 -35.08 39.59
CA LEU A 2176 11.69 -34.69 38.28
C LEU A 2176 11.11 -35.90 37.53
N LYS A 2177 11.79 -37.05 37.60
CA LYS A 2177 11.27 -38.24 36.96
C LYS A 2177 9.94 -38.65 37.56
N LEU A 2178 9.82 -38.61 38.89
CA LEU A 2178 8.58 -39.00 39.56
C LEU A 2178 7.44 -38.06 39.18
N LYS A 2179 7.70 -36.76 39.19
CA LYS A 2179 6.67 -35.79 38.83
C LYS A 2179 6.25 -35.95 37.38
N LYS A 2180 7.22 -36.16 36.48
CA LYS A 2180 6.88 -36.36 35.08
C LYS A 2180 6.05 -37.61 34.88
N ALA A 2181 6.39 -38.70 35.58
CA ALA A 2181 5.63 -39.93 35.47
C ALA A 2181 4.19 -39.74 35.97
N ILE A 2182 4.04 -39.06 37.11
CA ILE A 2182 2.70 -38.83 37.65
C ILE A 2182 1.88 -37.96 36.70
N PHE A 2183 2.50 -36.89 36.20
CA PHE A 2183 1.81 -35.98 35.30
C PHE A 2183 1.37 -36.71 34.02
N LYS A 2184 2.26 -37.52 33.45
CA LYS A 2184 1.92 -38.24 32.23
C LYS A 2184 0.83 -39.26 32.48
N ALA A 2185 0.90 -39.99 33.59
CA ALA A 2185 -0.12 -40.99 33.90
C ALA A 2185 -1.48 -40.33 34.06
N TYR A 2186 -1.55 -39.22 34.79
CA TYR A 2186 -2.83 -38.55 34.96
C TYR A 2186 -3.33 -37.96 33.65
N LEU A 2187 -2.46 -37.31 32.88
CA LEU A 2187 -2.86 -36.73 31.61
C LEU A 2187 -3.32 -37.81 30.64
N ASP A 2188 -2.82 -39.03 30.78
CA ASP A 2188 -3.32 -40.14 29.97
C ASP A 2188 -4.66 -40.66 30.48
N GLN A 2189 -4.85 -40.70 31.79
CA GLN A 2189 -6.11 -41.16 32.35
C GLN A 2189 -7.28 -40.32 31.84
N THR A 2190 -7.30 -39.04 32.22
CA THR A 2190 -8.22 -38.10 31.63
C THR A 2190 -7.91 -37.95 30.14
N LYS A 2191 -8.91 -37.58 29.34
CA LYS A 2191 -8.66 -37.44 27.92
C LYS A 2191 -7.55 -36.41 27.67
N ASP A 2192 -7.77 -35.15 28.02
CA ASP A 2192 -6.62 -34.30 28.29
C ASP A 2192 -6.66 -33.71 29.69
N PHE A 2193 -7.63 -32.83 29.96
CA PHE A 2193 -7.71 -32.21 31.28
C PHE A 2193 -9.16 -31.92 31.67
N ARG A 2194 -10.07 -32.85 31.41
CA ARG A 2194 -11.46 -32.61 31.79
C ARG A 2194 -11.73 -32.84 33.26
N THR A 2195 -10.88 -33.61 33.96
CA THR A 2195 -11.12 -33.88 35.37
C THR A 2195 -9.84 -34.42 36.01
N SER A 2196 -9.61 -34.04 37.26
CA SER A 2196 -8.54 -34.64 38.07
C SER A 2196 -9.03 -35.22 39.38
N ILE A 2197 -10.09 -34.68 39.97
CA ILE A 2197 -10.69 -35.26 41.17
C ILE A 2197 -12.20 -35.25 41.00
N PHE A 2198 -12.77 -36.39 40.64
CA PHE A 2198 -14.22 -36.49 40.48
C PHE A 2198 -14.90 -36.32 41.83
N GLY A 2199 -15.92 -35.46 41.87
CA GLY A 2199 -16.60 -35.13 43.11
C GLY A 2199 -18.02 -35.62 43.10
N GLY A 2200 -18.69 -35.40 44.23
CA GLY A 2200 -20.07 -35.80 44.43
C GLY A 2200 -20.23 -37.15 45.09
N LYS A 2201 -19.31 -38.07 44.87
CA LYS A 2201 -19.34 -39.40 45.50
C LYS A 2201 -18.01 -40.11 45.31
#